data_3JZD
#
_entry.id   3JZD
#
_cell.length_a   143.841
_cell.length_b   143.841
_cell.length_c   169.011
_cell.angle_alpha   90.000
_cell.angle_beta   90.000
_cell.angle_gamma   120.000
#
_symmetry.space_group_name_H-M   'P 31 2 1'
#
loop_
_entity.id
_entity.type
_entity.pdbx_description
1 polymer 'Iron-containing alcohol dehydrogenase'
2 non-polymer NICOTINAMIDE-ADENINE-DINUCLEOTIDE
3 non-polymer 'CALCIUM ION'
4 non-polymer 'CHLORIDE ION'
5 non-polymer DI(HYDROXYETHYL)ETHER
6 non-polymer 'TETRAETHYLENE GLYCOL'
7 non-polymer 'HEXAETHYLENE GLYCOL'
8 non-polymer GLYCEROL
9 non-polymer 'TRIETHYLENE GLYCOL'
10 water water
#
_entity_poly.entity_id   1
_entity_poly.type   'polypeptide(L)'
_entity_poly.pdbx_seq_one_letter_code
;G(MSE)KSSQPFIYEAHAARVVFGAGSSSQVAAEVERLGAKRALVLCTPNQQAEAERIADLLGPLSAGVYAGAV(MSE)H
VPIESARDATARAREAGADCAVAVGGGSTTGLGKAIALETG(MSE)PIVAIPTTYAGSEVTPVYGLTEAGTKRTGRDPRV
LPRTVIYDPALTVGLPRGLSVTSALNAIAHAAEGLYARDANPV(MSE)SL(MSE)AEEGIRALAAGIPAVFNDPADLDAR
SQCLYGAWLCGTVLGGVG(MSE)ALHHKLCHTLGGSFNLPHAETHTIVLPHALAYNAAAVPEA(MSE)ARIRRATGAGEQ
SAAATLFDLAQRHGAPVALRDIG(MSE)REEDLDRAADIALASPYWNPRPIEREPIRALLQAAYEGVRPD
;
_entity_poly.pdbx_strand_id   A,B,C,D
#
# COMPACT_ATOMS: atom_id res chain seq x y z
N SER A 5 2.89 -3.58 -1.85
CA SER A 5 1.97 -3.73 -3.01
C SER A 5 1.24 -2.40 -3.42
N GLN A 6 1.99 -1.31 -3.57
CA GLN A 6 1.45 -0.02 -4.01
C GLN A 6 1.70 0.08 -5.53
N PRO A 7 0.83 0.78 -6.28
CA PRO A 7 1.02 0.90 -7.72
C PRO A 7 2.27 1.73 -8.09
N PHE A 8 2.82 1.56 -9.29
CA PHE A 8 4.00 2.31 -9.69
C PHE A 8 4.16 2.31 -11.19
N ILE A 9 5.01 3.20 -11.69
CA ILE A 9 5.38 3.25 -13.09
C ILE A 9 6.88 3.10 -13.14
N TYR A 10 7.35 2.05 -13.80
CA TYR A 10 8.74 1.78 -13.92
C TYR A 10 9.15 2.17 -15.30
N GLU A 11 10.28 2.85 -15.36
CA GLU A 11 10.86 3.22 -16.62
C GLU A 11 12.33 2.85 -16.60
N ALA A 12 12.75 2.19 -17.67
CA ALA A 12 14.15 1.89 -17.78
C ALA A 12 14.65 2.72 -18.96
N HIS A 13 15.79 3.35 -18.77
CA HIS A 13 16.48 4.03 -19.84
C HIS A 13 17.16 2.96 -20.74
N ALA A 14 17.26 3.16 -22.06
CA ALA A 14 18.12 2.26 -22.86
C ALA A 14 19.55 2.33 -22.26
N ALA A 15 20.25 1.21 -22.31
CA ALA A 15 21.55 1.10 -21.70
C ALA A 15 22.40 0.06 -22.42
N ARG A 16 23.70 0.31 -22.51
CA ARG A 16 24.64 -0.69 -23.00
C ARG A 16 25.84 -0.56 -22.03
N VAL A 17 26.10 -1.62 -21.27
CA VAL A 17 27.12 -1.61 -20.24
C VAL A 17 28.08 -2.73 -20.48
N VAL A 18 29.34 -2.41 -20.73
CA VAL A 18 30.36 -3.39 -20.99
C VAL A 18 31.15 -3.44 -19.68
N PHE A 19 31.21 -4.62 -19.06
CA PHE A 19 31.76 -4.75 -17.72
C PHE A 19 32.83 -5.83 -17.61
N GLY A 20 33.95 -5.50 -16.99
CA GLY A 20 34.97 -6.50 -16.70
C GLY A 20 36.38 -5.97 -16.79
N ALA A 21 37.28 -6.61 -16.06
CA ALA A 21 38.70 -6.27 -16.09
C ALA A 21 39.16 -6.33 -17.53
N GLY A 22 39.76 -5.23 -17.99
CA GLY A 22 40.26 -5.17 -19.36
C GLY A 22 39.29 -4.67 -20.39
N SER A 23 38.05 -4.38 -19.98
CA SER A 23 37.03 -3.94 -20.89
C SER A 23 37.39 -2.64 -21.64
N SER A 24 38.19 -1.76 -21.04
CA SER A 24 38.54 -0.52 -21.72
C SER A 24 39.28 -0.77 -23.01
N SER A 25 39.87 -1.97 -23.16
CA SER A 25 40.51 -2.32 -24.44
C SER A 25 39.54 -2.46 -25.62
N GLN A 26 38.25 -2.42 -25.38
CA GLN A 26 37.29 -2.57 -26.45
C GLN A 26 36.71 -1.24 -26.81
N VAL A 27 37.35 -0.15 -26.37
CA VAL A 27 36.81 1.17 -26.62
C VAL A 27 36.61 1.50 -28.11
N ALA A 28 37.55 1.12 -28.97
CA ALA A 28 37.43 1.43 -30.41
C ALA A 28 36.21 0.75 -30.99
N ALA A 29 36.00 -0.53 -30.60
CA ALA A 29 34.85 -1.33 -31.06
C ALA A 29 33.53 -0.64 -30.64
N GLU A 30 33.50 -0.03 -29.45
CA GLU A 30 32.29 0.67 -28.97
C GLU A 30 31.98 1.98 -29.69
N VAL A 31 33.03 2.73 -30.00
CA VAL A 31 32.89 3.93 -30.83
C VAL A 31 32.41 3.53 -32.25
N GLU A 32 33.03 2.50 -32.84
CA GLU A 32 32.67 2.02 -34.19
C GLU A 32 31.21 1.59 -34.19
N ARG A 33 30.75 0.98 -33.10
CA ARG A 33 29.37 0.48 -32.99
C ARG A 33 28.37 1.63 -33.05
N LEU A 34 28.75 2.78 -32.49
CA LEU A 34 27.93 3.97 -32.54
C LEU A 34 27.98 4.61 -33.93
N GLY A 35 28.82 4.08 -34.81
CA GLY A 35 29.00 4.66 -36.12
C GLY A 35 29.85 5.92 -36.10
N ALA A 36 30.55 6.19 -34.98
CA ALA A 36 31.37 7.40 -34.88
C ALA A 36 32.75 7.20 -35.50
N LYS A 37 33.29 8.27 -36.10
CA LYS A 37 34.58 8.26 -36.76
C LYS A 37 35.66 9.15 -36.09
N ARG A 38 35.28 10.10 -35.23
CA ARG A 38 36.27 11.01 -34.61
C ARG A 38 35.86 11.25 -33.16
N ALA A 39 36.43 10.48 -32.25
CA ALA A 39 36.03 10.55 -30.86
C ALA A 39 37.05 11.39 -30.10
N LEU A 40 36.55 12.39 -29.36
CA LEU A 40 37.38 13.23 -28.51
C LEU A 40 37.39 12.64 -27.12
N VAL A 41 38.58 12.39 -26.58
CA VAL A 41 38.76 11.83 -25.26
C VAL A 41 38.89 12.97 -24.26
N LEU A 42 38.13 12.87 -23.18
CA LEU A 42 38.05 13.88 -22.16
C LEU A 42 38.62 13.38 -20.86
N CYS A 43 39.29 14.26 -20.14
CA CYS A 43 39.80 13.94 -18.80
C CYS A 43 40.13 15.18 -18.03
N THR A 44 40.45 14.99 -16.75
CA THR A 44 40.96 16.07 -15.92
C THR A 44 42.48 16.08 -16.21
N PRO A 45 43.19 17.15 -15.82
CA PRO A 45 44.64 17.14 -16.08
C PRO A 45 45.35 16.02 -15.33
N ASN A 46 44.76 15.54 -14.24
CA ASN A 46 45.34 14.45 -13.43
C ASN A 46 45.19 13.08 -14.04
N GLN A 47 44.30 12.93 -15.02
CA GLN A 47 44.11 11.62 -15.64
C GLN A 47 44.50 11.61 -17.10
N GLN A 48 45.52 12.38 -17.47
CA GLN A 48 45.95 12.37 -18.85
C GLN A 48 46.54 11.05 -19.27
N ALA A 49 47.24 10.36 -18.36
CA ALA A 49 47.85 9.07 -18.70
C ALA A 49 46.79 8.05 -19.18
N GLU A 50 45.70 7.95 -18.44
CA GLU A 50 44.61 7.02 -18.79
C GLU A 50 44.01 7.46 -20.11
N ALA A 51 43.74 8.75 -20.22
CA ALA A 51 43.18 9.32 -21.46
C ALA A 51 44.05 8.99 -22.67
N GLU A 52 45.38 9.07 -22.53
CA GLU A 52 46.29 8.76 -23.64
C GLU A 52 46.23 7.32 -24.05
N ARG A 53 46.13 6.41 -23.08
CA ARG A 53 45.97 4.99 -23.41
C ARG A 53 44.67 4.78 -24.17
N ILE A 54 43.58 5.42 -23.74
CA ILE A 54 42.31 5.36 -24.50
C ILE A 54 42.53 5.94 -25.91
N ALA A 55 43.15 7.12 -26.00
CA ALA A 55 43.41 7.73 -27.32
C ALA A 55 44.26 6.80 -28.18
N ASP A 56 45.23 6.14 -27.59
CA ASP A 56 46.01 5.19 -28.37
C ASP A 56 45.18 3.98 -28.81
N LEU A 57 44.29 3.48 -27.95
CA LEU A 57 43.44 2.38 -28.34
C LEU A 57 42.54 2.78 -29.53
N LEU A 58 42.06 4.01 -29.56
CA LEU A 58 41.19 4.46 -30.64
C LEU A 58 41.91 4.57 -31.98
N GLY A 59 43.22 4.82 -31.90
CA GLY A 59 44.07 4.90 -33.06
C GLY A 59 43.53 6.01 -33.94
N PRO A 60 43.23 5.70 -35.21
CA PRO A 60 42.78 6.73 -36.14
C PRO A 60 41.38 7.23 -35.85
N LEU A 61 40.65 6.58 -34.94
CA LEU A 61 39.34 7.08 -34.53
C LEU A 61 39.48 8.23 -33.53
N SER A 62 40.69 8.45 -32.99
CA SER A 62 40.92 9.49 -32.01
C SER A 62 40.90 10.91 -32.58
N ALA A 63 40.14 11.80 -31.96
CA ALA A 63 40.10 13.21 -32.32
C ALA A 63 41.04 13.96 -31.38
N GLY A 64 41.79 13.24 -30.55
CA GLY A 64 42.70 13.88 -29.58
C GLY A 64 42.16 13.82 -28.16
N VAL A 65 42.91 14.43 -27.25
CA VAL A 65 42.57 14.45 -25.84
C VAL A 65 42.39 15.87 -25.36
N TYR A 66 41.27 16.13 -24.72
CA TYR A 66 40.99 17.41 -24.14
C TYR A 66 41.04 17.13 -22.66
N ALA A 67 42.10 17.60 -22.02
CA ALA A 67 42.40 17.33 -20.62
C ALA A 67 42.06 18.47 -19.69
N GLY A 68 40.95 19.14 -19.88
CA GLY A 68 40.56 20.20 -18.99
C GLY A 68 39.27 19.98 -18.22
N ALA A 69 38.87 18.75 -17.95
CA ALA A 69 37.66 18.57 -17.13
C ALA A 69 37.96 19.21 -15.79
N VAL A 70 36.91 19.76 -15.15
CA VAL A 70 37.01 20.43 -13.87
C VAL A 70 35.77 20.20 -13.01
N HIS A 72 32.54 20.07 -10.96
CA HIS A 72 31.23 20.76 -11.18
C HIS A 72 31.02 21.52 -12.51
N VAL A 73 31.83 21.17 -13.50
CA VAL A 73 31.69 21.65 -14.85
C VAL A 73 31.41 23.15 -14.93
N PRO A 74 32.46 23.97 -14.77
CA PRO A 74 32.26 25.42 -14.96
C PRO A 74 31.82 25.59 -16.40
N ILE A 75 30.82 26.44 -16.57
CA ILE A 75 30.22 26.66 -17.87
C ILE A 75 31.26 27.09 -18.87
N GLU A 76 32.30 27.80 -18.43
CA GLU A 76 33.37 28.17 -19.37
C GLU A 76 34.24 26.99 -19.80
N SER A 77 34.30 25.92 -19.00
CA SER A 77 34.98 24.68 -19.42
C SER A 77 34.14 23.94 -20.46
N ALA A 78 32.84 23.85 -20.19
CA ALA A 78 31.87 23.31 -21.12
C ALA A 78 32.08 23.99 -22.49
N ARG A 79 32.12 25.32 -22.51
CA ARG A 79 32.32 26.10 -23.76
C ARG A 79 33.63 25.77 -24.44
N ASP A 80 34.69 25.77 -23.65
CA ASP A 80 35.99 25.47 -24.20
C ASP A 80 36.06 24.05 -24.76
N ALA A 81 35.50 23.09 -24.04
CA ALA A 81 35.52 21.70 -24.50
C ALA A 81 34.72 21.55 -25.79
N THR A 82 33.53 22.13 -25.81
CA THR A 82 32.65 22.08 -26.97
C THR A 82 33.31 22.72 -28.18
N ALA A 83 33.99 23.84 -27.96
CA ALA A 83 34.72 24.49 -29.03
C ALA A 83 35.79 23.56 -29.56
N ARG A 84 36.52 22.89 -28.69
CA ARG A 84 37.55 21.97 -29.17
C ARG A 84 36.96 20.79 -29.97
N ALA A 85 35.81 20.30 -29.50
CA ALA A 85 35.12 19.16 -30.16
C ALA A 85 34.73 19.60 -31.55
N ARG A 86 34.15 20.79 -31.64
CA ARG A 86 33.74 21.32 -32.94
C ARG A 86 34.93 21.48 -33.86
N GLU A 87 35.99 22.07 -33.34
CA GLU A 87 37.21 22.26 -34.10
C GLU A 87 37.83 20.95 -34.59
N ALA A 88 37.64 19.85 -33.85
CA ALA A 88 38.20 18.55 -34.25
C ALA A 88 37.26 17.78 -35.17
N GLY A 89 36.05 18.29 -35.35
CA GLY A 89 35.03 17.56 -36.06
C GLY A 89 34.63 16.29 -35.30
N ALA A 90 34.61 16.39 -33.97
CA ALA A 90 34.25 15.26 -33.12
C ALA A 90 32.78 14.86 -33.33
N ASP A 91 32.52 13.55 -33.44
CA ASP A 91 31.16 13.05 -33.56
C ASP A 91 30.88 12.08 -32.41
N CYS A 92 31.74 12.12 -31.39
CA CYS A 92 31.64 11.29 -30.23
C CYS A 92 32.59 11.82 -29.17
N ALA A 93 32.18 11.70 -27.91
CA ALA A 93 32.99 12.11 -26.78
C ALA A 93 33.20 10.87 -25.91
N VAL A 94 34.45 10.57 -25.55
CA VAL A 94 34.75 9.46 -24.66
C VAL A 94 35.27 10.05 -23.34
N ALA A 95 34.48 9.87 -22.30
CA ALA A 95 34.80 10.43 -21.00
C ALA A 95 35.51 9.41 -20.17
N VAL A 96 36.76 9.71 -19.82
CA VAL A 96 37.58 8.84 -18.98
C VAL A 96 37.86 9.57 -17.68
N GLY A 97 37.15 9.19 -16.63
CA GLY A 97 37.32 9.81 -15.33
C GLY A 97 36.12 9.56 -14.43
N GLY A 98 35.99 10.39 -13.40
CA GLY A 98 34.84 10.34 -12.51
C GLY A 98 33.72 11.27 -12.96
N GLY A 99 32.81 11.55 -12.01
CA GLY A 99 31.66 12.41 -12.21
C GLY A 99 31.93 13.71 -12.91
N SER A 100 33.05 14.37 -12.63
CA SER A 100 33.35 15.63 -13.30
C SER A 100 33.68 15.50 -14.79
N THR A 101 34.27 14.38 -15.15
CA THR A 101 34.65 14.15 -16.55
C THR A 101 33.38 13.73 -17.33
N THR A 102 32.59 12.84 -16.75
CA THR A 102 31.32 12.47 -17.34
C THR A 102 30.49 13.73 -17.54
N GLY A 103 30.54 14.63 -16.57
CA GLY A 103 29.79 15.86 -16.60
C GLY A 103 30.17 16.79 -17.73
N LEU A 104 31.47 16.92 -18.01
CA LEU A 104 31.94 17.68 -19.19
C LEU A 104 31.39 17.03 -20.49
N GLY A 105 31.42 15.70 -20.53
CA GLY A 105 30.88 14.97 -21.69
C GLY A 105 29.39 15.28 -21.85
N LYS A 106 28.68 15.30 -20.73
CA LYS A 106 27.24 15.60 -20.71
C LYS A 106 26.98 16.99 -21.24
N ALA A 107 27.86 17.94 -20.89
CA ALA A 107 27.71 19.33 -21.32
C ALA A 107 27.91 19.41 -22.82
N ILE A 108 28.92 18.71 -23.34
CA ILE A 108 29.16 18.73 -24.79
C ILE A 108 27.94 18.13 -25.52
N ALA A 109 27.39 17.07 -24.96
CA ALA A 109 26.27 16.36 -25.57
C ALA A 109 25.04 17.22 -25.51
N LEU A 110 24.90 18.00 -24.43
CA LEU A 110 23.78 18.93 -24.32
C LEU A 110 23.77 19.96 -25.45
N GLU A 111 24.93 20.48 -25.82
CA GLU A 111 25.03 21.49 -26.89
CA GLU A 111 25.04 21.47 -26.90
C GLU A 111 25.10 20.88 -28.30
N THR A 112 25.69 19.69 -28.43
CA THR A 112 25.89 19.13 -29.75
C THR A 112 25.09 17.92 -30.17
N GLY A 113 24.51 17.21 -29.23
CA GLY A 113 23.78 16.02 -29.57
C GLY A 113 24.67 14.79 -29.75
N PRO A 115 26.99 11.45 -29.29
CA PRO A 115 26.97 10.40 -28.28
C PRO A 115 28.14 10.48 -27.35
N ILE A 116 27.93 10.05 -26.12
CA ILE A 116 29.01 9.92 -25.16
C ILE A 116 29.22 8.44 -24.82
N VAL A 117 30.49 8.02 -24.82
CA VAL A 117 30.89 6.73 -24.25
C VAL A 117 31.59 7.08 -22.91
N ALA A 118 31.03 6.62 -21.81
CA ALA A 118 31.58 6.90 -20.49
C ALA A 118 32.43 5.75 -20.02
N ILE A 119 33.63 6.06 -19.54
CA ILE A 119 34.55 5.08 -18.94
C ILE A 119 34.78 5.58 -17.48
N PRO A 120 33.93 5.15 -16.51
CA PRO A 120 34.02 5.71 -15.17
C PRO A 120 35.13 5.15 -14.32
N THR A 121 35.75 6.02 -13.52
CA THR A 121 36.88 5.66 -12.70
C THR A 121 36.61 5.98 -11.20
N THR A 122 35.36 6.36 -10.87
CA THR A 122 34.93 6.54 -9.51
C THR A 122 33.60 5.83 -9.34
N TYR A 123 32.94 6.02 -8.20
CA TYR A 123 31.65 5.37 -7.92
C TYR A 123 30.47 6.34 -7.97
N ALA A 124 30.73 7.53 -8.49
CA ALA A 124 29.74 8.61 -8.55
C ALA A 124 28.42 8.22 -9.22
N GLY A 125 28.45 7.40 -10.28
CA GLY A 125 27.19 6.92 -10.95
C GLY A 125 26.52 7.82 -11.99
N SER A 126 27.16 8.96 -12.24
CA SER A 126 26.67 9.93 -13.20
C SER A 126 26.49 9.33 -14.62
N GLU A 127 27.30 8.33 -14.94
CA GLU A 127 27.27 7.71 -16.26
C GLU A 127 25.93 7.08 -16.65
N VAL A 128 25.06 6.89 -15.68
CA VAL A 128 23.75 6.30 -15.94
C VAL A 128 22.56 7.19 -15.52
N THR A 129 22.77 8.50 -15.46
CA THR A 129 21.66 9.42 -15.18
C THR A 129 21.55 10.42 -16.29
N PRO A 130 20.32 10.91 -16.56
CA PRO A 130 20.09 11.95 -17.55
C PRO A 130 20.25 13.38 -16.99
N VAL A 131 20.86 13.49 -15.81
CA VAL A 131 21.04 14.78 -15.14
C VAL A 131 22.40 15.36 -15.41
N TYR A 132 22.41 16.62 -15.84
CA TYR A 132 23.66 17.34 -16.09
C TYR A 132 23.75 18.50 -15.11
N GLY A 133 24.96 19.04 -14.98
CA GLY A 133 25.24 20.17 -14.11
C GLY A 133 26.20 21.13 -14.76
N LEU A 134 25.97 22.42 -14.52
CA LEU A 134 26.82 23.49 -15.05
C LEU A 134 26.99 24.51 -13.94
N THR A 135 28.20 24.98 -13.72
CA THR A 135 28.39 25.99 -12.68
C THR A 135 28.57 27.33 -13.36
N GLU A 136 27.67 28.27 -13.03
CA GLU A 136 27.66 29.59 -13.62
C GLU A 136 27.69 30.63 -12.51
N ALA A 137 28.62 31.57 -12.62
CA ALA A 137 28.75 32.62 -11.60
C ALA A 137 28.74 32.02 -10.19
N GLY A 138 29.41 30.88 -10.03
CA GLY A 138 29.56 30.23 -8.73
C GLY A 138 28.46 29.31 -8.26
N THR A 139 27.31 29.30 -8.93
CA THR A 139 26.23 28.43 -8.51
C THR A 139 25.89 27.37 -9.58
N LYS A 140 25.81 26.14 -9.10
CA LYS A 140 25.56 25.01 -9.95
C LYS A 140 24.11 24.90 -10.33
N ARG A 141 23.87 24.85 -11.62
CA ARG A 141 22.56 24.67 -12.15
C ARG A 141 22.52 23.24 -12.72
N THR A 142 21.46 22.49 -12.43
CA THR A 142 21.36 21.16 -12.96
C THR A 142 20.04 21.04 -13.71
N GLY A 143 20.01 20.11 -14.65
CA GLY A 143 18.81 19.85 -15.44
C GLY A 143 18.82 18.39 -15.89
N ARG A 144 17.76 18.00 -16.58
CA ARG A 144 17.59 16.64 -17.03
C ARG A 144 17.34 16.71 -18.52
N ASP A 145 17.99 15.83 -19.27
CA ASP A 145 17.81 15.77 -20.71
C ASP A 145 18.36 14.41 -21.16
N PRO A 146 17.51 13.57 -21.79
CA PRO A 146 17.87 12.22 -22.29
C PRO A 146 19.12 12.26 -23.15
N ARG A 147 19.27 13.37 -23.85
CA ARG A 147 20.39 13.68 -24.70
C ARG A 147 21.76 13.54 -24.02
N VAL A 148 21.83 13.78 -22.70
CA VAL A 148 23.09 13.72 -21.95
C VAL A 148 23.43 12.33 -21.39
N LEU A 149 22.45 11.43 -21.39
CA LEU A 149 22.65 10.07 -20.96
C LEU A 149 23.67 9.36 -21.90
N PRO A 150 24.82 8.91 -21.35
CA PRO A 150 25.77 8.18 -22.19
C PRO A 150 25.18 6.97 -22.90
N ARG A 151 25.53 6.78 -24.16
CA ARG A 151 24.99 5.65 -24.93
C ARG A 151 25.58 4.35 -24.45
N THR A 152 26.87 4.38 -24.08
CA THR A 152 27.59 3.22 -23.64
C THR A 152 28.49 3.56 -22.50
N VAL A 153 28.54 2.64 -21.53
CA VAL A 153 29.38 2.76 -20.36
C VAL A 153 30.29 1.52 -20.42
N ILE A 154 31.58 1.74 -20.19
CA ILE A 154 32.56 0.70 -20.16
C ILE A 154 33.11 0.72 -18.77
N TYR A 155 32.81 -0.32 -18.00
CA TYR A 155 33.29 -0.41 -16.62
C TYR A 155 34.47 -1.32 -16.59
N ASP A 156 35.65 -0.77 -16.29
CA ASP A 156 36.90 -1.53 -16.24
C ASP A 156 37.51 -1.31 -14.86
N PRO A 157 37.38 -2.31 -13.97
CA PRO A 157 37.94 -2.20 -12.64
C PRO A 157 39.45 -1.96 -12.62
N ALA A 158 40.16 -2.31 -13.69
CA ALA A 158 41.61 -2.01 -13.76
C ALA A 158 41.88 -0.51 -13.70
N LEU A 159 40.95 0.30 -14.22
CA LEU A 159 41.10 1.75 -14.19
C LEU A 159 40.75 2.35 -12.81
N THR A 160 40.26 1.54 -11.88
CA THR A 160 39.97 2.04 -10.54
C THR A 160 41.01 1.57 -9.53
N VAL A 161 41.97 0.74 -9.95
CA VAL A 161 43.00 0.24 -9.02
C VAL A 161 43.76 1.40 -8.34
N GLY A 162 44.10 2.42 -9.12
CA GLY A 162 44.79 3.57 -8.63
C GLY A 162 43.88 4.63 -8.02
N LEU A 163 42.57 4.38 -7.94
CA LEU A 163 41.69 5.33 -7.27
C LEU A 163 42.25 5.34 -5.82
N PRO A 164 42.66 6.50 -5.31
CA PRO A 164 43.26 6.50 -3.96
C PRO A 164 42.36 5.92 -2.89
N ARG A 165 43.01 5.48 -1.82
CA ARG A 165 42.35 4.84 -0.72
C ARG A 165 41.23 5.71 -0.13
N GLY A 166 41.42 7.03 -0.12
CA GLY A 166 40.40 7.92 0.43
C GLY A 166 39.16 8.04 -0.45
N LEU A 167 39.37 8.45 -1.69
CA LEU A 167 38.24 8.58 -2.61
C LEU A 167 37.55 7.22 -2.86
N SER A 168 38.28 6.10 -2.72
CA SER A 168 37.65 4.80 -2.98
C SER A 168 36.55 4.59 -1.94
N VAL A 169 36.81 5.02 -0.70
CA VAL A 169 35.79 4.90 0.36
C VAL A 169 34.67 5.93 0.21
N THR A 170 35.07 7.19 0.06
CA THR A 170 34.12 8.29 0.04
C THR A 170 33.23 8.30 -1.20
N SER A 171 33.78 7.93 -2.34
CA SER A 171 32.96 7.83 -3.55
C SER A 171 32.02 6.65 -3.38
N ALA A 172 32.46 5.61 -2.68
CA ALA A 172 31.64 4.43 -2.48
C ALA A 172 30.43 4.76 -1.63
N LEU A 173 30.61 5.64 -0.63
CA LEU A 173 29.49 6.08 0.22
C LEU A 173 28.58 7.03 -0.52
N ASN A 174 29.14 7.80 -1.46
CA ASN A 174 28.34 8.66 -2.33
C ASN A 174 27.34 7.75 -3.11
N ALA A 175 27.83 6.65 -3.64
CA ALA A 175 26.99 5.72 -4.39
C ALA A 175 25.93 5.09 -3.45
N ILE A 176 26.35 4.66 -2.25
CA ILE A 176 25.40 4.09 -1.28
C ILE A 176 24.30 5.09 -0.97
N ALA A 177 24.65 6.37 -0.87
CA ALA A 177 23.64 7.42 -0.61
C ALA A 177 22.55 7.40 -1.64
N HIS A 178 22.91 7.24 -2.92
CA HIS A 178 21.89 7.24 -4.00
C HIS A 178 20.87 6.12 -3.74
N ALA A 179 21.40 4.94 -3.46
CA ALA A 179 20.58 3.78 -3.18
C ALA A 179 19.76 3.96 -1.89
N ALA A 180 20.38 4.46 -0.83
CA ALA A 180 19.69 4.63 0.47
C ALA A 180 18.42 5.47 0.33
N GLU A 181 18.53 6.60 -0.35
CA GLU A 181 17.38 7.49 -0.59
C GLU A 181 16.43 6.97 -1.64
N GLY A 182 16.96 6.24 -2.60
CA GLY A 182 16.13 5.58 -3.59
C GLY A 182 15.10 4.66 -2.90
N LEU A 183 15.52 3.99 -1.83
CA LEU A 183 14.63 3.10 -1.13
C LEU A 183 13.43 3.82 -0.54
N TYR A 184 13.54 5.12 -0.23
CA TYR A 184 12.39 5.82 0.30
C TYR A 184 11.85 6.93 -0.58
N ALA A 185 12.20 6.87 -1.85
CA ALA A 185 11.80 7.87 -2.81
C ALA A 185 10.30 7.93 -2.87
N ARG A 186 9.79 9.12 -3.14
CA ARG A 186 8.37 9.26 -3.29
C ARG A 186 7.88 8.38 -4.42
N ASP A 187 8.73 8.18 -5.43
CA ASP A 187 8.40 7.36 -6.61
C ASP A 187 9.18 6.05 -6.63
N ALA A 188 9.45 5.55 -5.44
CA ALA A 188 10.10 4.28 -5.26
C ALA A 188 9.34 3.22 -5.99
N ASN A 189 10.05 2.25 -6.58
CA ASN A 189 9.39 1.08 -7.12
C ASN A 189 10.23 -0.19 -6.78
N PRO A 190 9.60 -1.40 -6.85
CA PRO A 190 10.25 -2.66 -6.44
C PRO A 190 11.51 -3.02 -7.19
N VAL A 191 11.58 -2.63 -8.46
CA VAL A 191 12.74 -2.98 -9.24
C VAL A 191 13.90 -2.08 -8.86
N SER A 193 14.19 -0.60 -6.04
CA SER A 193 14.54 -0.97 -4.68
C SER A 193 15.38 -2.24 -4.60
N LEU A 194 15.07 -3.23 -5.46
CA LEU A 194 15.86 -4.42 -5.57
C LEU A 194 17.31 -4.09 -5.96
N ALA A 196 18.70 -1.14 -5.56
CA ALA A 196 19.23 -0.29 -4.47
C ALA A 196 19.87 -1.14 -3.40
N GLU A 197 19.12 -2.12 -2.92
CA GLU A 197 19.62 -2.95 -1.87
C GLU A 197 20.83 -3.78 -2.27
N GLU A 198 20.81 -4.35 -3.47
CA GLU A 198 21.96 -5.09 -4.01
C GLU A 198 23.22 -4.18 -4.18
N GLY A 199 22.99 -2.98 -4.64
CA GLY A 199 24.09 -2.01 -4.75
C GLY A 199 24.72 -1.72 -3.39
N ILE A 200 23.88 -1.52 -2.37
CA ILE A 200 24.39 -1.24 -1.05
C ILE A 200 25.19 -2.45 -0.57
N ARG A 201 24.68 -3.65 -0.82
CA ARG A 201 25.32 -4.86 -0.35
C ARG A 201 26.68 -5.02 -0.98
N ALA A 202 26.76 -4.77 -2.29
CA ALA A 202 28.01 -4.91 -3.03
C ALA A 202 29.09 -3.93 -2.50
N LEU A 203 28.72 -2.69 -2.32
CA LEU A 203 29.66 -1.68 -1.80
C LEU A 203 30.03 -1.89 -0.35
N ALA A 204 29.05 -2.27 0.45
CA ALA A 204 29.29 -2.50 1.85
C ALA A 204 30.33 -3.61 2.03
N ALA A 205 30.32 -4.60 1.14
CA ALA A 205 31.31 -5.66 1.16
C ALA A 205 32.59 -5.26 0.45
N GLY A 206 32.46 -4.49 -0.63
CA GLY A 206 33.62 -4.08 -1.38
C GLY A 206 34.52 -3.04 -0.71
N ILE A 207 33.96 -2.16 0.13
CA ILE A 207 34.78 -1.13 0.76
C ILE A 207 35.91 -1.76 1.58
N PRO A 208 35.59 -2.72 2.45
CA PRO A 208 36.70 -3.26 3.21
C PRO A 208 37.63 -4.12 2.38
N ALA A 209 37.14 -4.79 1.35
CA ALA A 209 38.01 -5.60 0.53
C ALA A 209 39.01 -4.70 -0.24
N VAL A 210 38.51 -3.58 -0.75
CA VAL A 210 39.32 -2.64 -1.49
C VAL A 210 40.33 -1.96 -0.54
N PHE A 211 39.86 -1.62 0.65
CA PHE A 211 40.72 -1.02 1.66
C PHE A 211 41.87 -1.97 2.02
N ASN A 212 41.59 -3.27 2.15
CA ASN A 212 42.61 -4.24 2.46
C ASN A 212 43.56 -4.40 1.25
N ASP A 213 43.04 -4.37 0.03
CA ASP A 213 43.88 -4.52 -1.13
C ASP A 213 43.37 -3.73 -2.33
N PRO A 214 43.91 -2.52 -2.57
CA PRO A 214 43.41 -1.76 -3.69
C PRO A 214 43.68 -2.34 -5.08
N ALA A 215 44.58 -3.33 -5.20
CA ALA A 215 44.87 -3.99 -6.49
C ALA A 215 44.02 -5.25 -6.71
N ASP A 216 43.12 -5.55 -5.79
CA ASP A 216 42.27 -6.73 -5.94
C ASP A 216 41.19 -6.45 -6.97
N LEU A 217 41.30 -7.01 -8.18
CA LEU A 217 40.35 -6.69 -9.23
C LEU A 217 38.93 -7.22 -8.95
N ASP A 218 38.78 -8.24 -8.10
CA ASP A 218 37.43 -8.69 -7.74
C ASP A 218 36.77 -7.69 -6.80
N ALA A 219 37.52 -7.19 -5.81
CA ALA A 219 36.98 -6.16 -4.91
C ALA A 219 36.65 -4.93 -5.71
N ARG A 220 37.53 -4.55 -6.63
CA ARG A 220 37.24 -3.41 -7.46
C ARG A 220 35.99 -3.63 -8.34
N SER A 221 35.83 -4.83 -8.91
CA SER A 221 34.66 -5.16 -9.70
C SER A 221 33.39 -5.04 -8.87
N GLN A 222 33.42 -5.57 -7.68
CA GLN A 222 32.28 -5.53 -6.81
C GLN A 222 31.84 -4.07 -6.52
N CYS A 223 32.81 -3.17 -6.28
CA CYS A 223 32.45 -1.74 -6.08
C CYS A 223 31.89 -1.07 -7.34
N LEU A 224 32.47 -1.37 -8.47
CA LEU A 224 32.05 -0.74 -9.71
C LEU A 224 30.63 -1.21 -10.03
N TYR A 225 30.37 -2.49 -9.83
CA TYR A 225 29.03 -3.06 -10.01
C TYR A 225 28.00 -2.37 -9.09
N GLY A 226 28.37 -2.22 -7.82
CA GLY A 226 27.54 -1.50 -6.83
C GLY A 226 27.29 -0.07 -7.26
N ALA A 227 28.32 0.57 -7.81
CA ALA A 227 28.22 1.95 -8.24
C ALA A 227 27.23 2.06 -9.40
N TRP A 228 27.26 1.05 -10.27
CA TRP A 228 26.36 1.03 -11.41
C TRP A 228 24.90 0.93 -11.00
N LEU A 229 24.61 -0.01 -10.09
CA LEU A 229 23.28 -0.21 -9.55
C LEU A 229 22.80 1.04 -8.81
N CYS A 230 23.69 1.63 -8.00
CA CYS A 230 23.34 2.84 -7.28
C CYS A 230 23.03 4.02 -8.21
N GLY A 231 23.78 4.11 -9.29
CA GLY A 231 23.63 5.19 -10.23
C GLY A 231 22.34 4.99 -10.98
N THR A 232 21.98 3.73 -11.24
CA THR A 232 20.75 3.42 -11.94
C THR A 232 19.59 3.87 -11.06
N VAL A 233 19.68 3.64 -9.73
CA VAL A 233 18.62 4.11 -8.82
C VAL A 233 18.56 5.66 -8.86
N LEU A 234 19.71 6.32 -8.81
CA LEU A 234 19.76 7.80 -8.91
C LEU A 234 19.10 8.27 -10.19
N GLY A 235 19.31 7.55 -11.28
CA GLY A 235 18.74 7.96 -12.54
C GLY A 235 17.26 7.70 -12.72
N GLY A 236 16.69 6.87 -11.85
CA GLY A 236 15.32 6.44 -12.00
C GLY A 236 14.29 6.88 -10.97
N VAL A 237 14.69 7.27 -9.77
CA VAL A 237 13.74 7.72 -8.75
C VAL A 237 14.27 9.00 -8.10
N GLY A 238 13.38 9.73 -7.40
CA GLY A 238 13.74 11.00 -6.79
C GLY A 238 14.52 10.88 -5.48
N ALA A 240 16.19 13.01 -2.02
CA ALA A 240 15.53 13.89 -1.04
C ALA A 240 16.55 14.60 -0.15
N LEU A 241 16.31 14.65 1.15
CA LEU A 241 17.18 15.41 2.05
C LEU A 241 18.68 15.25 1.90
N HIS A 242 19.18 14.01 1.84
CA HIS A 242 20.61 13.84 1.81
C HIS A 242 21.24 14.52 0.62
N HIS A 243 20.73 14.22 -0.57
CA HIS A 243 21.26 14.82 -1.80
C HIS A 243 21.07 16.32 -1.85
N LYS A 244 19.94 16.82 -1.42
CA LYS A 244 19.75 18.26 -1.41
C LYS A 244 20.75 18.97 -0.51
N LEU A 245 20.93 18.45 0.69
CA LEU A 245 21.84 19.08 1.68
C LEU A 245 23.28 19.02 1.18
N CYS A 246 23.64 17.91 0.54
CA CYS A 246 24.98 17.76 0.01
C CYS A 246 25.20 18.76 -1.09
N HIS A 247 24.16 19.05 -1.86
CA HIS A 247 24.26 20.07 -2.90
C HIS A 247 24.45 21.45 -2.27
N THR A 248 23.66 21.77 -1.27
CA THR A 248 23.83 23.01 -0.51
C THR A 248 25.29 23.17 0.03
N LEU A 249 25.80 22.18 0.76
CA LEU A 249 27.12 22.29 1.33
C LEU A 249 28.22 22.43 0.25
N GLY A 250 28.15 21.58 -0.77
CA GLY A 250 29.09 21.58 -1.86
C GLY A 250 29.06 22.86 -2.65
N GLY A 251 27.86 23.35 -2.96
CA GLY A 251 27.69 24.54 -3.78
C GLY A 251 27.85 25.84 -3.03
N SER A 252 27.37 25.91 -1.80
CA SER A 252 27.46 27.18 -1.07
C SER A 252 28.75 27.31 -0.27
N PHE A 253 29.39 26.22 0.09
CA PHE A 253 30.59 26.31 0.90
C PHE A 253 31.81 25.67 0.32
N ASN A 254 31.71 25.20 -0.92
CA ASN A 254 32.85 24.61 -1.65
CA ASN A 254 32.87 24.63 -1.63
C ASN A 254 33.47 23.39 -0.98
N LEU A 255 32.64 22.59 -0.32
CA LEU A 255 33.13 21.37 0.33
C LEU A 255 33.33 20.29 -0.71
N PRO A 256 34.35 19.42 -0.53
CA PRO A 256 34.59 18.39 -1.53
C PRO A 256 33.41 17.44 -1.57
N HIS A 257 33.04 17.06 -2.79
CA HIS A 257 31.83 16.27 -3.08
C HIS A 257 31.67 14.90 -2.35
N ALA A 258 32.50 13.92 -2.71
CA ALA A 258 32.36 12.56 -2.12
C ALA A 258 32.43 12.57 -0.58
N GLU A 259 33.35 13.37 -0.06
CA GLU A 259 33.52 13.47 1.38
C GLU A 259 32.30 14.05 2.09
N THR A 260 31.65 15.04 1.47
CA THR A 260 30.42 15.62 2.00
C THR A 260 29.36 14.52 2.08
N HIS A 261 29.23 13.73 1.03
CA HIS A 261 28.26 12.63 1.03
C HIS A 261 28.54 11.69 2.17
N THR A 262 29.80 11.34 2.32
CA THR A 262 30.22 10.38 3.31
C THR A 262 29.87 10.84 4.73
N ILE A 263 30.11 12.10 5.03
CA ILE A 263 29.86 12.67 6.35
C ILE A 263 28.40 12.90 6.63
N VAL A 264 27.67 13.44 5.66
CA VAL A 264 26.26 13.77 5.83
C VAL A 264 25.33 12.52 5.86
N LEU A 265 25.60 11.49 5.06
CA LEU A 265 24.70 10.36 4.98
C LEU A 265 24.17 9.80 6.32
N PRO A 266 25.04 9.45 7.27
CA PRO A 266 24.45 8.95 8.48
C PRO A 266 23.43 9.90 9.19
N HIS A 267 23.71 11.21 9.15
CA HIS A 267 22.86 12.22 9.84
C HIS A 267 21.59 12.50 9.07
N ALA A 268 21.67 12.44 7.74
CA ALA A 268 20.50 12.60 6.90
C ALA A 268 19.61 11.36 7.13
N LEU A 269 20.23 10.18 7.25
CA LEU A 269 19.44 8.97 7.53
C LEU A 269 18.85 9.08 8.94
N ALA A 270 19.63 9.49 9.94
CA ALA A 270 19.08 9.62 11.29
C ALA A 270 17.84 10.56 11.30
N TYR A 271 17.90 11.63 10.51
CA TYR A 271 16.82 12.61 10.44
C TYR A 271 15.54 11.97 9.88
N ASN A 272 15.68 11.20 8.80
CA ASN A 272 14.54 10.56 8.18
C ASN A 272 14.09 9.20 8.72
N ALA A 273 14.90 8.59 9.60
CA ALA A 273 14.70 7.19 10.02
C ALA A 273 13.29 6.87 10.58
N ALA A 274 12.77 7.70 11.46
CA ALA A 274 11.48 7.46 12.07
C ALA A 274 10.35 7.41 11.06
N ALA A 275 10.52 8.12 9.97
CA ALA A 275 9.52 8.23 8.93
C ALA A 275 9.46 7.06 7.96
N VAL A 276 10.58 6.36 7.78
CA VAL A 276 10.77 5.29 6.78
C VAL A 276 11.48 4.05 7.32
N PRO A 277 10.88 3.38 8.32
CA PRO A 277 11.50 2.24 8.98
C PRO A 277 11.69 1.05 8.04
N GLU A 278 10.79 0.87 7.10
CA GLU A 278 10.98 -0.21 6.14
C GLU A 278 12.26 0.02 5.29
N ALA A 279 12.48 1.24 4.78
CA ALA A 279 13.69 1.51 4.00
C ALA A 279 14.93 1.30 4.90
N ALA A 281 15.32 -0.72 7.55
CA ALA A 281 15.52 -2.15 7.70
C ALA A 281 16.22 -2.80 6.47
N ARG A 282 15.91 -2.33 5.26
CA ARG A 282 16.57 -2.82 4.07
C ARG A 282 18.00 -2.31 4.00
N ILE A 283 18.24 -1.07 4.40
CA ILE A 283 19.61 -0.60 4.38
C ILE A 283 20.44 -1.38 5.41
N ARG A 284 19.86 -1.67 6.57
CA ARG A 284 20.53 -2.41 7.64
C ARG A 284 20.89 -3.81 7.21
N ARG A 285 19.94 -4.49 6.57
CA ARG A 285 20.16 -5.84 6.06
C ARG A 285 21.28 -5.82 5.04
N ALA A 286 21.28 -4.85 4.13
CA ALA A 286 22.30 -4.81 3.09
C ALA A 286 23.71 -4.44 3.63
N THR A 287 23.78 -3.73 4.76
CA THR A 287 25.06 -3.33 5.34
C THR A 287 25.52 -4.25 6.48
N GLY A 288 24.73 -5.26 6.81
CA GLY A 288 25.10 -6.20 7.87
C GLY A 288 25.04 -5.57 9.25
N ALA A 289 24.12 -4.62 9.41
CA ALA A 289 23.95 -3.84 10.61
C ALA A 289 23.45 -4.64 11.82
N GLY A 290 22.80 -5.79 11.59
CA GLY A 290 22.19 -6.54 12.72
C GLY A 290 21.20 -5.64 13.45
N GLU A 291 21.37 -5.49 14.75
CA GLU A 291 20.47 -4.61 15.48
C GLU A 291 20.89 -3.14 15.43
N GLN A 292 22.02 -2.82 14.83
CA GLN A 292 22.43 -1.43 14.76
C GLN A 292 21.55 -0.63 13.80
N SER A 293 21.52 0.68 14.00
CA SER A 293 20.84 1.56 13.07
C SER A 293 21.60 1.62 11.72
N ALA A 294 20.89 2.00 10.67
CA ALA A 294 21.46 2.22 9.36
C ALA A 294 22.50 3.33 9.52
N ALA A 295 22.06 4.42 10.16
CA ALA A 295 22.93 5.55 10.43
C ALA A 295 24.27 5.16 11.09
N ALA A 296 24.22 4.48 12.22
CA ALA A 296 25.45 4.13 12.93
C ALA A 296 26.35 3.24 12.10
N THR A 297 25.72 2.31 11.37
CA THR A 297 26.44 1.34 10.57
C THR A 297 27.22 2.02 9.44
N LEU A 298 26.59 2.97 8.74
CA LEU A 298 27.24 3.68 7.64
C LEU A 298 28.34 4.62 8.13
N PHE A 299 28.11 5.21 9.31
CA PHE A 299 29.12 6.01 9.97
C PHE A 299 30.35 5.16 10.21
N ASP A 300 30.16 3.99 10.80
CA ASP A 300 31.28 3.07 11.07
C ASP A 300 31.98 2.62 9.79
N LEU A 301 31.23 2.41 8.72
CA LEU A 301 31.84 1.97 7.46
C LEU A 301 32.81 3.02 6.94
N ALA A 302 32.48 4.29 7.18
CA ALA A 302 33.35 5.39 6.78
C ALA A 302 34.53 5.46 7.72
N GLN A 303 34.22 5.52 9.00
CA GLN A 303 35.24 5.72 10.00
C GLN A 303 36.32 4.64 10.08
N ARG A 304 35.89 3.39 10.07
CA ARG A 304 36.76 2.23 10.13
C ARG A 304 37.76 2.19 8.97
N HIS A 305 37.43 2.81 7.84
CA HIS A 305 38.29 2.75 6.69
C HIS A 305 38.91 4.08 6.34
N GLY A 306 39.13 4.91 7.36
CA GLY A 306 39.87 6.13 7.17
C GLY A 306 39.22 7.35 6.53
N ALA A 307 37.93 7.33 6.26
CA ALA A 307 37.31 8.52 5.70
C ALA A 307 37.03 9.53 6.83
N PRO A 308 36.99 10.81 6.49
CA PRO A 308 36.57 11.83 7.46
C PRO A 308 35.07 11.64 7.75
N VAL A 309 34.68 11.91 9.00
CA VAL A 309 33.30 11.78 9.44
C VAL A 309 32.74 13.08 10.06
N ALA A 310 33.53 14.15 9.99
CA ALA A 310 33.15 15.44 10.55
C ALA A 310 33.37 16.48 9.48
N LEU A 311 32.36 17.33 9.22
CA LEU A 311 32.51 18.40 8.25
C LEU A 311 33.66 19.31 8.64
N ARG A 312 33.96 19.35 9.93
CA ARG A 312 35.04 20.17 10.45
C ARG A 312 36.35 19.83 9.71
N ASP A 313 36.53 18.56 9.43
CA ASP A 313 37.76 18.07 8.79
C ASP A 313 37.88 18.25 7.30
N ILE A 314 36.81 18.65 6.63
CA ILE A 314 36.86 18.86 5.19
C ILE A 314 36.56 20.31 4.82
N GLY A 315 36.83 21.23 5.73
CA GLY A 315 36.77 22.65 5.36
C GLY A 315 35.46 23.39 5.55
N ARG A 317 33.37 25.78 7.83
CA ARG A 317 33.52 26.62 9.01
C ARG A 317 32.31 26.41 9.95
N GLU A 318 32.57 26.22 11.24
CA GLU A 318 31.47 26.08 12.18
C GLU A 318 30.56 27.34 12.12
N GLU A 319 31.18 28.46 11.85
CA GLU A 319 30.51 29.74 11.80
C GLU A 319 29.56 29.89 10.61
N ASP A 320 29.56 28.95 9.68
CA ASP A 320 28.67 28.96 8.51
C ASP A 320 27.47 28.01 8.62
N LEU A 321 27.38 27.29 9.74
CA LEU A 321 26.32 26.33 9.92
C LEU A 321 24.97 27.00 10.00
N ASP A 322 24.89 28.15 10.68
CA ASP A 322 23.63 28.87 10.73
C ASP A 322 23.18 29.21 9.31
N ARG A 323 24.08 29.71 8.46
CA ARG A 323 23.72 30.05 7.09
C ARG A 323 23.34 28.79 6.31
N ALA A 324 24.08 27.73 6.51
CA ALA A 324 23.80 26.46 5.86
C ALA A 324 22.37 25.99 6.20
N ALA A 325 21.95 26.15 7.45
CA ALA A 325 20.60 25.72 7.81
C ALA A 325 19.56 26.62 7.08
N ASP A 326 19.82 27.92 6.95
CA ASP A 326 18.89 28.80 6.21
C ASP A 326 18.75 28.37 4.76
N ILE A 327 19.88 28.13 4.08
CA ILE A 327 19.90 27.72 2.68
C ILE A 327 19.18 26.36 2.55
N ALA A 328 19.36 25.45 3.51
CA ALA A 328 18.68 24.13 3.48
C ALA A 328 17.18 24.28 3.49
N LEU A 329 16.68 25.38 4.04
CA LEU A 329 15.25 25.61 4.15
CA LEU A 329 15.24 25.60 4.14
C LEU A 329 14.69 26.49 3.04
N ALA A 330 15.54 27.00 2.16
CA ALA A 330 15.08 27.98 1.14
C ALA A 330 14.20 27.50 -0.01
N SER A 331 14.57 26.39 -0.60
CA SER A 331 13.88 25.85 -1.75
C SER A 331 13.27 24.49 -1.33
N PRO A 332 11.95 24.45 -1.11
CA PRO A 332 11.24 23.26 -0.65
C PRO A 332 11.26 22.10 -1.62
N TYR A 333 11.24 20.88 -1.06
CA TYR A 333 11.23 19.68 -1.87
C TYR A 333 10.60 18.57 -1.04
N TRP A 334 10.17 17.50 -1.70
CA TRP A 334 9.51 16.43 -0.97
C TRP A 334 10.54 15.65 -0.14
N ASN A 335 10.18 15.34 1.09
CA ASN A 335 11.02 14.51 1.94
C ASN A 335 10.08 13.72 2.89
N PRO A 336 10.46 12.51 3.33
CA PRO A 336 9.52 11.70 4.18
C PRO A 336 9.12 12.37 5.50
N ARG A 337 10.04 13.15 6.06
CA ARG A 337 9.81 13.97 7.28
C ARG A 337 9.95 15.49 6.90
N PRO A 338 9.06 16.37 7.41
CA PRO A 338 9.19 17.81 7.05
C PRO A 338 10.57 18.39 7.35
N ILE A 339 11.03 19.28 6.46
CA ILE A 339 12.32 19.93 6.61
C ILE A 339 11.99 21.15 7.48
N GLU A 340 12.55 21.22 8.69
CA GLU A 340 12.31 22.31 9.66
C GLU A 340 13.68 22.80 10.17
N ARG A 341 13.78 24.10 10.45
CA ARG A 341 15.05 24.76 10.85
CA ARG A 341 15.07 24.70 10.78
C ARG A 341 15.80 24.10 12.00
N GLU A 342 15.16 23.98 13.15
CA GLU A 342 15.86 23.48 14.31
C GLU A 342 16.44 22.08 14.12
N PRO A 343 15.63 21.10 13.75
CA PRO A 343 16.24 19.79 13.55
C PRO A 343 17.26 19.77 12.38
N ILE A 344 17.10 20.62 11.36
CA ILE A 344 18.13 20.69 10.30
C ILE A 344 19.41 21.29 10.85
N ARG A 345 19.27 22.32 11.69
CA ARG A 345 20.43 22.94 12.29
C ARG A 345 21.17 21.96 13.22
N ALA A 346 20.42 21.10 13.92
CA ALA A 346 21.02 20.08 14.81
C ALA A 346 21.69 18.96 13.97
N LEU A 347 21.10 18.62 12.80
CA LEU A 347 21.71 17.64 11.89
C LEU A 347 23.06 18.19 11.49
N LEU A 348 23.08 19.44 11.09
CA LEU A 348 24.32 20.08 10.63
C LEU A 348 25.39 20.15 11.71
N GLN A 349 25.00 20.37 12.97
CA GLN A 349 25.94 20.49 14.06
C GLN A 349 26.60 19.10 14.28
N ALA A 350 25.77 18.06 14.30
CA ALA A 350 26.25 16.69 14.49
C ALA A 350 27.18 16.24 13.34
N ALA A 351 26.84 16.61 12.13
CA ALA A 351 27.67 16.33 10.95
C ALA A 351 29.01 17.09 11.06
N TYR A 352 28.94 18.35 11.54
CA TYR A 352 30.13 19.20 11.74
C TYR A 352 31.11 18.54 12.69
N GLU A 353 30.56 18.05 13.78
CA GLU A 353 31.33 17.48 14.86
C GLU A 353 31.69 16.03 14.64
N GLY A 354 31.02 15.32 13.78
CA GLY A 354 31.36 13.93 13.56
C GLY A 354 30.91 13.02 14.70
N VAL A 355 29.75 13.33 15.24
CA VAL A 355 29.14 12.52 16.27
C VAL A 355 28.58 11.24 15.62
N ARG A 356 28.95 10.09 16.14
CA ARG A 356 28.38 8.82 15.69
C ARG A 356 26.89 8.78 16.08
N PRO A 357 25.98 8.59 15.13
CA PRO A 357 24.57 8.52 15.50
C PRO A 357 24.29 7.31 16.36
N ASP A 358 23.18 7.33 17.09
CA ASP A 358 22.84 6.19 17.93
C ASP A 358 22.46 5.04 17.00
N SER B 5 34.38 -12.27 -10.42
CA SER B 5 33.53 -11.48 -11.37
C SER B 5 33.96 -11.72 -12.82
N GLN B 6 33.10 -12.38 -13.59
CA GLN B 6 33.35 -12.67 -15.00
C GLN B 6 32.72 -11.55 -15.86
N PRO B 7 33.38 -11.18 -16.97
CA PRO B 7 32.87 -10.08 -17.78
C PRO B 7 31.55 -10.35 -18.47
N PHE B 8 30.83 -9.28 -18.78
CA PHE B 8 29.59 -9.37 -19.49
C PHE B 8 29.29 -8.05 -20.16
N ILE B 9 28.26 -8.09 -21.02
CA ILE B 9 27.74 -6.89 -21.69
C ILE B 9 26.26 -6.90 -21.45
N TYR B 10 25.79 -5.90 -20.70
CA TYR B 10 24.41 -5.72 -20.35
C TYR B 10 23.83 -4.69 -21.27
N GLU B 11 22.79 -5.07 -21.99
CA GLU B 11 22.02 -4.22 -22.88
C GLU B 11 20.59 -4.24 -22.37
N ALA B 12 19.94 -3.09 -22.38
CA ALA B 12 18.57 -3.04 -21.89
C ALA B 12 17.77 -2.17 -22.80
N HIS B 13 16.57 -2.65 -23.05
CA HIS B 13 15.61 -1.96 -23.90
C HIS B 13 15.01 -0.84 -23.08
N ALA B 14 14.70 0.28 -23.69
CA ALA B 14 13.93 1.30 -23.02
C ALA B 14 12.61 0.59 -22.64
N ALA B 15 12.02 0.93 -21.51
CA ALA B 15 10.79 0.26 -21.08
C ALA B 15 9.90 1.19 -20.31
N ARG B 16 8.58 1.01 -20.45
CA ARG B 16 7.60 1.69 -19.64
C ARG B 16 6.57 0.64 -19.17
N VAL B 17 6.43 0.50 -17.86
CA VAL B 17 5.59 -0.49 -17.23
C VAL B 17 4.75 0.19 -16.17
N VAL B 18 3.43 0.10 -16.29
CA VAL B 18 2.49 0.70 -15.41
C VAL B 18 1.93 -0.49 -14.67
N PHE B 19 2.13 -0.51 -13.36
CA PHE B 19 1.82 -1.66 -12.58
C PHE B 19 0.92 -1.36 -11.41
N GLY B 20 -0.09 -2.21 -11.24
CA GLY B 20 -0.98 -2.13 -10.10
C GLY B 20 -2.44 -2.41 -10.38
N ALA B 21 -3.17 -2.76 -9.31
CA ALA B 21 -4.60 -3.03 -9.43
C ALA B 21 -5.24 -1.77 -9.98
N GLY B 22 -5.96 -1.89 -11.10
CA GLY B 22 -6.72 -0.81 -11.72
C GLY B 22 -5.97 -0.06 -12.79
N SER B 23 -4.73 -0.44 -13.05
CA SER B 23 -3.93 0.25 -14.05
C SER B 23 -4.50 0.25 -15.47
N SER B 24 -5.36 -0.72 -15.79
CA SER B 24 -5.91 -0.80 -17.13
C SER B 24 -6.85 0.40 -17.37
N SER B 25 -7.30 1.06 -16.30
CA SER B 25 -8.15 2.24 -16.43
CA SER B 25 -8.14 2.25 -16.40
C SER B 25 -7.38 3.40 -17.06
N GLN B 26 -6.04 3.33 -17.00
CA GLN B 26 -5.19 4.37 -17.60
C GLN B 26 -4.82 4.13 -19.06
N VAL B 27 -5.43 3.13 -19.69
CA VAL B 27 -5.08 2.76 -21.05
C VAL B 27 -5.21 3.93 -22.03
N ALA B 28 -6.25 4.77 -21.92
CA ALA B 28 -6.42 5.88 -22.86
C ALA B 28 -5.24 6.87 -22.77
N ALA B 29 -4.87 7.23 -21.56
CA ALA B 29 -3.73 8.11 -21.35
C ALA B 29 -2.47 7.50 -21.90
N GLU B 30 -2.29 6.19 -21.70
CA GLU B 30 -1.09 5.50 -22.20
C GLU B 30 -1.02 5.50 -23.71
N VAL B 31 -2.18 5.44 -24.36
CA VAL B 31 -2.21 5.47 -25.84
C VAL B 31 -1.94 6.90 -26.35
N GLU B 32 -2.57 7.90 -25.76
CA GLU B 32 -2.29 9.28 -26.13
C GLU B 32 -0.82 9.59 -25.90
N ARG B 33 -0.25 9.08 -24.82
CA ARG B 33 1.16 9.32 -24.49
C ARG B 33 2.10 8.92 -25.63
N LEU B 34 1.76 7.85 -26.33
CA LEU B 34 2.56 7.39 -27.45
C LEU B 34 2.36 8.21 -28.71
N GLY B 35 1.40 9.12 -28.68
CA GLY B 35 1.06 9.94 -29.83
C GLY B 35 0.03 9.28 -30.73
N ALA B 36 -0.52 8.11 -30.35
CA ALA B 36 -1.48 7.38 -31.20
C ALA B 36 -2.89 7.94 -31.08
N LYS B 37 -3.62 7.94 -32.19
CA LYS B 37 -4.98 8.46 -32.24
C LYS B 37 -6.02 7.37 -32.47
N ARG B 38 -5.62 6.15 -32.80
CA ARG B 38 -6.60 5.11 -33.10
C ARG B 38 -6.08 3.70 -32.81
N ALA B 39 -6.41 3.19 -31.62
CA ALA B 39 -5.91 1.90 -31.19
C ALA B 39 -6.95 0.81 -31.41
N LEU B 40 -6.49 -0.26 -32.06
CA LEU B 40 -7.28 -1.43 -32.28
C LEU B 40 -6.98 -2.37 -31.11
N VAL B 41 -8.03 -2.85 -30.45
CA VAL B 41 -7.88 -3.75 -29.34
C VAL B 41 -7.87 -5.17 -29.89
N LEU B 42 -7.01 -6.00 -29.34
CA LEU B 42 -6.85 -7.37 -29.79
C LEU B 42 -7.11 -8.35 -28.64
N CYS B 43 -7.77 -9.47 -28.95
CA CYS B 43 -8.01 -10.54 -27.98
C CYS B 43 -8.36 -11.87 -28.67
N THR B 44 -8.47 -12.93 -27.87
CA THR B 44 -8.93 -14.20 -28.34
C THR B 44 -10.47 -14.15 -28.17
N PRO B 45 -11.20 -15.07 -28.83
CA PRO B 45 -12.65 -15.08 -28.65
C PRO B 45 -13.07 -15.32 -27.17
N ASN B 46 -12.25 -15.98 -26.37
CA ASN B 46 -12.56 -16.15 -24.96
C ASN B 46 -12.43 -14.89 -24.11
N GLN B 47 -11.79 -13.83 -24.61
CA GLN B 47 -11.56 -12.65 -23.78
C GLN B 47 -12.17 -11.35 -24.38
N GLN B 48 -13.25 -11.50 -25.13
CA GLN B 48 -13.92 -10.35 -25.74
C GLN B 48 -14.54 -9.40 -24.71
N ALA B 49 -14.99 -9.94 -23.58
CA ALA B 49 -15.57 -9.10 -22.54
C ALA B 49 -14.54 -8.05 -22.05
N GLU B 50 -13.31 -8.48 -21.83
CA GLU B 50 -12.27 -7.60 -21.32
C GLU B 50 -11.79 -6.62 -22.36
N ALA B 51 -11.67 -7.07 -23.60
CA ALA B 51 -11.36 -6.18 -24.73
C ALA B 51 -12.38 -5.07 -24.85
N GLU B 52 -13.65 -5.40 -24.62
CA GLU B 52 -14.70 -4.41 -24.77
C GLU B 52 -14.57 -3.38 -23.68
N ARG B 53 -14.33 -3.84 -22.45
CA ARG B 53 -14.06 -2.88 -21.36
C ARG B 53 -12.88 -1.97 -21.76
N ILE B 54 -11.85 -2.50 -22.42
CA ILE B 54 -10.69 -1.67 -22.84
C ILE B 54 -11.13 -0.69 -23.96
N ALA B 55 -11.82 -1.22 -24.95
CA ALA B 55 -12.29 -0.39 -26.06
C ALA B 55 -13.16 0.76 -25.51
N ASP B 56 -14.03 0.49 -24.54
CA ASP B 56 -14.79 1.54 -23.92
C ASP B 56 -13.89 2.51 -23.17
N LEU B 57 -12.92 2.02 -22.40
CA LEU B 57 -12.03 2.97 -21.75
C LEU B 57 -11.33 3.83 -22.80
N LEU B 58 -11.03 3.30 -24.00
CA LEU B 58 -10.34 4.11 -25.02
C LEU B 58 -11.24 5.22 -25.59
N GLY B 59 -12.56 5.08 -25.43
CA GLY B 59 -13.49 6.09 -25.92
C GLY B 59 -13.23 6.48 -27.36
N PRO B 60 -13.03 7.78 -27.62
CA PRO B 60 -12.82 8.19 -29.00
C PRO B 60 -11.54 7.64 -29.65
N LEU B 61 -10.59 7.12 -28.86
CA LEU B 61 -9.33 6.55 -29.42
C LEU B 61 -9.50 5.12 -29.96
N SER B 62 -10.66 4.53 -29.74
CA SER B 62 -10.87 3.15 -30.12
C SER B 62 -11.08 2.93 -31.59
N ALA B 63 -10.28 2.03 -32.17
CA ALA B 63 -10.48 1.61 -33.53
C ALA B 63 -11.29 0.29 -33.54
N GLY B 64 -11.89 -0.08 -32.40
CA GLY B 64 -12.62 -1.33 -32.32
C GLY B 64 -11.81 -2.49 -31.76
N VAL B 65 -12.43 -3.67 -31.78
CA VAL B 65 -11.87 -4.90 -31.26
C VAL B 65 -11.78 -6.02 -32.29
N TYR B 66 -10.59 -6.55 -32.49
CA TYR B 66 -10.42 -7.72 -33.33
C TYR B 66 -10.27 -8.91 -32.40
N ALA B 67 -11.27 -9.81 -32.38
CA ALA B 67 -11.31 -10.95 -31.43
C ALA B 67 -10.79 -12.29 -31.98
N GLY B 68 -9.90 -12.21 -32.97
CA GLY B 68 -9.34 -13.41 -33.61
C GLY B 68 -7.91 -13.85 -33.27
N ALA B 69 -7.46 -13.71 -32.04
CA ALA B 69 -6.12 -14.20 -31.71
C ALA B 69 -6.17 -15.70 -31.48
N VAL B 70 -5.16 -16.42 -31.98
CA VAL B 70 -5.05 -17.89 -31.80
C VAL B 70 -3.66 -18.38 -31.39
N HIS B 72 -0.14 -19.84 -30.87
CA HIS B 72 1.00 -19.93 -31.79
C HIS B 72 0.89 -19.05 -33.09
N VAL B 73 0.05 -18.02 -33.05
CA VAL B 73 -0.10 -17.02 -34.14
C VAL B 73 -0.09 -17.56 -35.57
N PRO B 74 -1.18 -18.23 -35.96
CA PRO B 74 -1.30 -18.63 -37.34
C PRO B 74 -1.16 -17.41 -38.24
N ILE B 75 -0.34 -17.56 -39.27
CA ILE B 75 -0.04 -16.49 -40.20
C ILE B 75 -1.26 -15.79 -40.80
N GLU B 76 -2.36 -16.54 -40.95
CA GLU B 76 -3.61 -15.99 -41.53
C GLU B 76 -4.31 -15.00 -40.56
N SER B 77 -4.31 -15.31 -39.25
CA SER B 77 -4.88 -14.41 -38.21
C SER B 77 -4.08 -13.11 -38.27
N ALA B 78 -2.77 -13.28 -38.30
CA ALA B 78 -1.82 -12.19 -38.42
C ALA B 78 -2.23 -11.27 -39.56
N ARG B 79 -2.38 -11.84 -40.74
CA ARG B 79 -2.70 -11.05 -41.94
C ARG B 79 -4.08 -10.42 -41.89
N ASP B 80 -5.04 -11.19 -41.37
CA ASP B 80 -6.41 -10.70 -41.19
C ASP B 80 -6.43 -9.51 -40.22
N ALA B 81 -5.82 -9.70 -39.05
CA ALA B 81 -5.74 -8.62 -38.01
C ALA B 81 -5.14 -7.32 -38.60
N THR B 82 -4.08 -7.49 -39.38
CA THR B 82 -3.41 -6.37 -40.02
C THR B 82 -4.36 -5.67 -40.97
N ALA B 83 -5.12 -6.47 -41.71
CA ALA B 83 -6.12 -5.92 -42.63
C ALA B 83 -7.10 -5.05 -41.85
N ARG B 84 -7.68 -5.63 -40.80
CA ARG B 84 -8.67 -4.92 -39.97
C ARG B 84 -8.07 -3.62 -39.45
N ALA B 85 -6.82 -3.70 -38.94
CA ALA B 85 -6.09 -2.53 -38.45
C ALA B 85 -5.99 -1.52 -39.56
N ARG B 86 -5.52 -2.00 -40.72
CA ARG B 86 -5.36 -1.14 -41.88
C ARG B 86 -6.67 -0.52 -42.34
N GLU B 87 -7.76 -1.30 -42.37
CA GLU B 87 -9.06 -0.73 -42.79
C GLU B 87 -9.67 0.16 -41.73
N ALA B 88 -9.25 0.00 -40.48
CA ALA B 88 -9.70 0.85 -39.38
C ALA B 88 -8.91 2.19 -39.40
N GLY B 89 -7.69 2.15 -39.95
CA GLY B 89 -6.81 3.32 -39.95
C GLY B 89 -6.15 3.40 -38.59
N ALA B 90 -5.88 2.24 -38.00
CA ALA B 90 -5.32 2.17 -36.66
C ALA B 90 -3.83 2.49 -36.68
N ASP B 91 -3.37 3.27 -35.70
CA ASP B 91 -1.94 3.61 -35.58
C ASP B 91 -1.37 3.10 -34.25
N CYS B 92 -2.04 2.09 -33.69
CA CYS B 92 -1.68 1.51 -32.42
C CYS B 92 -2.51 0.25 -32.19
N ALA B 93 -1.90 -0.76 -31.59
CA ALA B 93 -2.64 -1.96 -31.23
C ALA B 93 -2.49 -2.12 -29.71
N VAL B 94 -3.59 -2.42 -29.01
CA VAL B 94 -3.56 -2.70 -27.59
C VAL B 94 -3.86 -4.21 -27.47
N ALA B 95 -2.86 -5.00 -27.02
CA ALA B 95 -3.03 -6.45 -26.86
C ALA B 95 -3.53 -6.75 -25.48
N VAL B 96 -4.75 -7.27 -25.33
CA VAL B 96 -5.32 -7.66 -24.03
C VAL B 96 -5.50 -9.16 -23.96
N GLY B 97 -4.62 -9.83 -23.24
CA GLY B 97 -4.67 -11.27 -23.17
C GLY B 97 -3.35 -11.89 -22.79
N GLY B 98 -3.22 -13.16 -23.12
CA GLY B 98 -2.00 -13.90 -22.84
C GLY B 98 -1.05 -13.83 -24.02
N GLY B 99 0.03 -14.60 -23.90
CA GLY B 99 1.07 -14.69 -24.97
C GLY B 99 0.55 -14.78 -26.40
N SER B 100 -0.60 -15.42 -26.61
CA SER B 100 -1.15 -15.56 -27.98
C SER B 100 -1.69 -14.23 -28.54
N THR B 101 -2.21 -13.40 -27.64
CA THR B 101 -2.71 -12.10 -28.04
C THR B 101 -1.49 -11.16 -28.23
N THR B 102 -0.55 -11.22 -27.29
CA THR B 102 0.67 -10.43 -27.42
C THR B 102 1.32 -10.79 -28.77
N GLY B 103 1.26 -12.06 -29.15
CA GLY B 103 1.82 -12.58 -30.41
C GLY B 103 1.26 -11.97 -31.64
N LEU B 104 -0.08 -11.85 -31.67
CA LEU B 104 -0.74 -11.20 -32.79
C LEU B 104 -0.29 -9.75 -32.88
N GLY B 105 -0.19 -9.12 -31.71
CA GLY B 105 0.23 -7.74 -31.62
C GLY B 105 1.63 -7.65 -32.17
N LYS B 106 2.50 -8.55 -31.73
CA LYS B 106 3.86 -8.60 -32.29
C LYS B 106 3.86 -8.74 -33.82
N ALA B 107 3.02 -9.63 -34.33
CA ALA B 107 2.91 -9.83 -35.77
C ALA B 107 2.51 -8.55 -36.49
N ILE B 108 1.53 -7.82 -35.96
CA ILE B 108 1.09 -6.54 -36.61
C ILE B 108 2.22 -5.48 -36.57
N ALA B 109 2.94 -5.43 -35.45
CA ALA B 109 4.06 -4.48 -35.26
C ALA B 109 5.20 -4.86 -36.19
N LEU B 110 5.42 -6.15 -36.38
CA LEU B 110 6.50 -6.61 -37.28
C LEU B 110 6.22 -6.08 -38.70
N GLU B 111 4.97 -6.15 -39.13
CA GLU B 111 4.60 -5.77 -40.50
C GLU B 111 4.45 -4.28 -40.75
N THR B 112 3.80 -3.58 -39.83
CA THR B 112 3.45 -2.18 -40.04
C THR B 112 4.25 -1.16 -39.26
N GLY B 113 5.04 -1.59 -38.28
CA GLY B 113 5.80 -0.67 -37.43
C GLY B 113 5.02 0.04 -36.33
N PRO B 115 3.13 0.96 -32.77
CA PRO B 115 3.40 0.65 -31.40
C PRO B 115 2.35 -0.24 -30.80
N ILE B 116 2.75 -1.11 -29.90
CA ILE B 116 1.80 -1.97 -29.21
C ILE B 116 1.78 -1.60 -27.75
N VAL B 117 0.60 -1.59 -27.16
CA VAL B 117 0.47 -1.49 -25.72
C VAL B 117 -0.01 -2.87 -25.33
N ALA B 118 0.76 -3.52 -24.46
CA ALA B 118 0.46 -4.86 -24.01
C ALA B 118 -0.20 -4.81 -22.67
N ILE B 119 -1.31 -5.53 -22.54
CA ILE B 119 -2.04 -5.64 -21.25
C ILE B 119 -2.12 -7.13 -20.95
N PRO B 120 -1.06 -7.70 -20.36
CA PRO B 120 -1.00 -9.15 -20.17
C PRO B 120 -1.91 -9.71 -19.10
N THR B 121 -2.51 -10.85 -19.42
CA THR B 121 -3.42 -11.51 -18.51
C THR B 121 -2.95 -12.94 -18.17
N THR B 122 -1.72 -13.30 -18.55
CA THR B 122 -1.12 -14.55 -18.07
C THR B 122 0.31 -14.26 -17.65
N TYR B 123 1.07 -15.30 -17.33
CA TYR B 123 2.43 -15.15 -16.83
C TYR B 123 3.54 -15.51 -17.82
N ALA B 124 3.18 -15.65 -19.10
CA ALA B 124 4.10 -16.11 -20.17
C ALA B 124 5.33 -15.21 -20.36
N GLY B 125 5.12 -13.91 -20.21
CA GLY B 125 6.18 -12.89 -20.29
C GLY B 125 6.53 -12.40 -21.66
N SER B 126 5.81 -12.83 -22.68
CA SER B 126 6.10 -12.41 -24.04
C SER B 126 6.15 -10.90 -24.19
N GLU B 127 5.37 -10.19 -23.39
CA GLU B 127 5.29 -8.74 -23.45
C GLU B 127 6.61 -7.97 -23.33
N VAL B 128 7.63 -8.62 -22.75
CA VAL B 128 8.91 -7.98 -22.63
C VAL B 128 10.03 -8.73 -23.36
N THR B 129 9.71 -9.47 -24.42
CA THR B 129 10.75 -10.12 -25.23
C THR B 129 10.63 -9.59 -26.67
N PRO B 130 11.76 -9.57 -27.41
CA PRO B 130 11.70 -9.25 -28.84
C PRO B 130 11.46 -10.48 -29.73
N VAL B 131 11.15 -11.64 -29.14
CA VAL B 131 10.88 -12.87 -29.90
C VAL B 131 9.43 -12.86 -30.44
N TYR B 132 9.26 -13.22 -31.71
CA TYR B 132 7.95 -13.37 -32.34
C TYR B 132 7.88 -14.73 -33.01
N GLY B 133 6.67 -15.21 -33.18
CA GLY B 133 6.43 -16.51 -33.77
C GLY B 133 5.25 -16.42 -34.71
N LEU B 134 5.35 -17.17 -35.81
CA LEU B 134 4.30 -17.27 -36.80
C LEU B 134 4.16 -18.76 -37.13
N THR B 135 2.93 -19.21 -37.38
CA THR B 135 2.68 -20.60 -37.77
C THR B 135 2.11 -20.56 -39.17
N GLU B 136 2.71 -21.38 -40.03
CA GLU B 136 2.42 -21.40 -41.44
C GLU B 136 2.59 -22.84 -41.95
N ALA B 137 1.52 -23.39 -42.52
CA ALA B 137 1.55 -24.75 -43.01
C ALA B 137 1.78 -25.63 -41.77
N GLY B 138 1.02 -25.30 -40.72
CA GLY B 138 1.07 -26.03 -39.45
C GLY B 138 2.35 -26.03 -38.64
N THR B 139 3.40 -25.36 -39.12
CA THR B 139 4.67 -25.32 -38.39
C THR B 139 5.02 -23.87 -37.95
N LYS B 140 5.40 -23.75 -36.68
CA LYS B 140 5.73 -22.47 -36.07
C LYS B 140 7.21 -22.11 -36.18
N ARG B 141 7.52 -20.98 -36.82
CA ARG B 141 8.91 -20.48 -36.92
C ARG B 141 9.03 -19.25 -36.03
N THR B 142 10.14 -19.07 -35.32
CA THR B 142 10.26 -17.87 -34.52
C THR B 142 11.37 -17.00 -35.08
N GLY B 143 11.48 -15.78 -34.57
CA GLY B 143 12.53 -14.82 -34.92
C GLY B 143 12.59 -13.78 -33.81
N ARG B 144 13.52 -12.84 -33.90
CA ARG B 144 13.70 -11.78 -32.91
C ARG B 144 13.80 -10.46 -33.61
N ASP B 145 13.24 -9.40 -33.03
CA ASP B 145 13.27 -8.07 -33.64
C ASP B 145 12.74 -7.01 -32.68
N PRO B 146 13.57 -6.05 -32.29
CA PRO B 146 13.15 -4.99 -31.34
C PRO B 146 11.84 -4.29 -31.72
N ARG B 147 11.51 -4.30 -33.01
CA ARG B 147 10.29 -3.70 -33.51
CA ARG B 147 10.27 -3.69 -33.49
C ARG B 147 9.03 -4.34 -32.89
N VAL B 148 9.13 -5.61 -32.49
CA VAL B 148 7.97 -6.28 -31.90
C VAL B 148 7.83 -6.04 -30.39
N LEU B 149 8.80 -5.39 -29.76
CA LEU B 149 8.69 -5.08 -28.34
C LEU B 149 7.59 -4.02 -28.09
N PRO B 150 6.58 -4.33 -27.24
CA PRO B 150 5.58 -3.31 -26.90
C PRO B 150 6.25 -2.08 -26.28
N ARG B 151 5.78 -0.90 -26.62
CA ARG B 151 6.35 0.33 -26.09
C ARG B 151 5.99 0.50 -24.62
N THR B 152 4.81 0.03 -24.24
CA THR B 152 4.26 0.18 -22.86
C THR B 152 3.54 -1.09 -22.47
N VAL B 153 3.72 -1.49 -21.23
CA VAL B 153 3.09 -2.66 -20.73
C VAL B 153 2.25 -2.20 -19.55
N ILE B 154 0.99 -2.62 -19.49
CA ILE B 154 0.10 -2.31 -18.37
C ILE B 154 -0.25 -3.61 -17.66
N TYR B 155 0.25 -3.73 -16.42
CA TYR B 155 0.00 -4.92 -15.58
C TYR B 155 -1.08 -4.61 -14.59
N ASP B 156 -2.25 -5.20 -14.81
CA ASP B 156 -3.39 -4.97 -13.92
C ASP B 156 -3.77 -6.34 -13.35
N PRO B 157 -3.41 -6.63 -12.10
CA PRO B 157 -3.74 -7.94 -11.51
C PRO B 157 -5.24 -8.25 -11.46
N ALA B 158 -6.11 -7.23 -11.50
CA ALA B 158 -7.55 -7.52 -11.50
C ALA B 158 -7.95 -8.28 -12.77
N LEU B 159 -7.19 -8.13 -13.84
CA LEU B 159 -7.51 -8.82 -15.09
C LEU B 159 -7.01 -10.26 -15.06
N THR B 160 -6.32 -10.65 -13.99
CA THR B 160 -5.88 -12.04 -13.90
C THR B 160 -6.69 -12.85 -12.87
N VAL B 161 -7.63 -12.21 -12.19
CA VAL B 161 -8.45 -12.90 -11.20
C VAL B 161 -9.18 -14.09 -11.82
N GLY B 162 -9.64 -13.94 -13.05
CA GLY B 162 -10.38 -15.00 -13.74
C GLY B 162 -9.47 -15.96 -14.49
N LEU B 163 -8.15 -15.85 -14.36
CA LEU B 163 -7.25 -16.82 -14.99
C LEU B 163 -7.53 -18.16 -14.25
N PRO B 164 -7.93 -19.21 -14.96
CA PRO B 164 -8.35 -20.43 -14.30
C PRO B 164 -7.28 -21.02 -13.42
N ARG B 165 -7.76 -21.80 -12.47
CA ARG B 165 -6.94 -22.44 -11.47
C ARG B 165 -5.76 -23.23 -12.07
N GLY B 166 -6.02 -24.00 -13.12
CA GLY B 166 -4.98 -24.77 -13.76
C GLY B 166 -3.94 -23.92 -14.48
N LEU B 167 -4.36 -23.03 -15.39
CA LEU B 167 -3.41 -22.19 -16.15
C LEU B 167 -2.67 -21.24 -15.20
N SER B 168 -3.29 -20.85 -14.08
CA SER B 168 -2.57 -19.97 -13.15
C SER B 168 -1.29 -20.64 -12.65
N VAL B 169 -1.36 -21.97 -12.48
CA VAL B 169 -0.21 -22.71 -11.98
C VAL B 169 0.78 -22.95 -13.10
N THR B 170 0.32 -23.50 -14.21
CA THR B 170 1.20 -23.89 -15.30
C THR B 170 1.82 -22.66 -15.97
N SER B 171 1.09 -21.56 -16.06
CA SER B 171 1.67 -20.35 -16.65
C SER B 171 2.79 -19.81 -15.74
N ALA B 172 2.58 -19.93 -14.45
CA ALA B 172 3.53 -19.46 -13.44
C ALA B 172 4.85 -20.26 -13.53
N LEU B 173 4.73 -21.57 -13.75
CA LEU B 173 5.91 -22.39 -13.93
C LEU B 173 6.64 -22.10 -15.24
N ASN B 174 5.90 -21.71 -16.26
CA ASN B 174 6.48 -21.28 -17.56
C ASN B 174 7.36 -20.05 -17.29
N ALA B 175 6.87 -19.12 -16.45
CA ALA B 175 7.61 -17.95 -16.06
C ALA B 175 8.88 -18.36 -15.29
N ILE B 176 8.72 -19.19 -14.26
CA ILE B 176 9.88 -19.65 -13.49
C ILE B 176 10.93 -20.29 -14.35
N ALA B 177 10.51 -21.06 -15.36
CA ALA B 177 11.44 -21.70 -16.29
C ALA B 177 12.34 -20.67 -16.96
N HIS B 178 11.81 -19.53 -17.32
CA HIS B 178 12.69 -18.50 -17.95
C HIS B 178 13.80 -18.02 -16.98
N ALA B 179 13.43 -17.82 -15.72
CA ALA B 179 14.39 -17.29 -14.75
C ALA B 179 15.42 -18.34 -14.42
N ALA B 180 14.95 -19.59 -14.30
CA ALA B 180 15.80 -20.73 -13.95
C ALA B 180 16.87 -20.90 -14.99
N GLU B 181 16.50 -20.91 -16.27
CA GLU B 181 17.58 -21.03 -17.28
C GLU B 181 18.43 -19.78 -17.39
N GLY B 182 17.81 -18.63 -17.19
CA GLY B 182 18.54 -17.37 -17.22
C GLY B 182 19.68 -17.37 -16.22
N LEU B 183 19.48 -18.05 -15.08
CA LEU B 183 20.56 -18.14 -14.04
C LEU B 183 21.78 -18.91 -14.48
N TYR B 184 21.65 -19.79 -15.48
CA TYR B 184 22.81 -20.49 -16.01
C TYR B 184 23.13 -20.21 -17.48
N ALA B 185 22.55 -19.13 -18.00
CA ALA B 185 22.79 -18.72 -19.36
C ALA B 185 24.27 -18.47 -19.56
N ARG B 186 24.72 -18.76 -20.77
CA ARG B 186 26.10 -18.50 -21.11
C ARG B 186 26.44 -17.02 -20.95
N ASP B 187 25.46 -16.18 -21.29
CA ASP B 187 25.60 -14.75 -21.20
C ASP B 187 24.89 -14.22 -19.95
N ALA B 188 24.87 -15.02 -18.89
CA ALA B 188 24.24 -14.59 -17.66
C ALA B 188 24.96 -13.31 -17.19
N ASN B 189 24.22 -12.41 -16.57
CA ASN B 189 24.84 -11.22 -15.95
C ASN B 189 24.17 -10.99 -14.59
N PRO B 190 24.84 -10.25 -13.68
CA PRO B 190 24.37 -10.09 -12.33
C PRO B 190 22.98 -9.45 -12.16
N VAL B 191 22.65 -8.51 -13.03
CA VAL B 191 21.36 -7.81 -13.00
C VAL B 191 20.25 -8.75 -13.43
N SER B 193 20.40 -11.94 -13.31
CA SER B 193 20.28 -12.97 -12.26
C SER B 193 19.57 -12.47 -11.01
N LEU B 194 19.79 -11.20 -10.69
CA LEU B 194 19.13 -10.59 -9.55
C LEU B 194 17.61 -10.61 -9.83
N ALA B 196 16.03 -12.62 -12.01
CA ALA B 196 15.64 -14.04 -12.14
C ALA B 196 15.27 -14.61 -10.76
N GLU B 197 16.17 -14.47 -9.82
CA GLU B 197 15.93 -14.99 -8.50
C GLU B 197 14.72 -14.31 -7.82
N GLU B 198 14.58 -13.01 -8.02
CA GLU B 198 13.47 -12.30 -7.44
C GLU B 198 12.14 -12.75 -8.09
N GLY B 199 12.17 -12.97 -9.38
CA GLY B 199 11.04 -13.49 -10.11
C GLY B 199 10.59 -14.83 -9.59
N ILE B 200 11.52 -15.74 -9.39
CA ILE B 200 11.20 -17.08 -8.90
C ILE B 200 10.62 -17.00 -7.50
N ARG B 201 11.20 -16.14 -6.66
CA ARG B 201 10.76 -15.96 -5.30
CA ARG B 201 10.74 -15.97 -5.30
C ARG B 201 9.27 -15.53 -5.28
N ALA B 202 8.92 -14.52 -6.08
CA ALA B 202 7.58 -13.99 -6.16
C ALA B 202 6.59 -15.06 -6.60
N LEU B 203 6.94 -15.79 -7.65
CA LEU B 203 6.07 -16.84 -8.17
C LEU B 203 5.97 -18.04 -7.26
N ALA B 204 7.06 -18.45 -6.61
CA ALA B 204 7.02 -19.59 -5.72
C ALA B 204 6.08 -19.31 -4.56
N ALA B 205 6.04 -18.06 -4.10
CA ALA B 205 5.15 -17.65 -3.02
C ALA B 205 3.76 -17.41 -3.53
N GLY B 206 3.68 -16.85 -4.73
CA GLY B 206 2.40 -16.53 -5.33
C GLY B 206 1.55 -17.70 -5.81
N ILE B 207 2.17 -18.78 -6.26
CA ILE B 207 1.40 -19.94 -6.72
C ILE B 207 0.44 -20.48 -5.64
N PRO B 208 0.96 -20.81 -4.44
CA PRO B 208 0.05 -21.31 -3.39
C PRO B 208 -0.93 -20.26 -2.89
N ALA B 209 -0.52 -18.99 -2.87
CA ALA B 209 -1.42 -17.92 -2.45
C ALA B 209 -2.60 -17.81 -3.45
N VAL B 210 -2.32 -17.81 -4.76
CA VAL B 210 -3.37 -17.80 -5.79
C VAL B 210 -4.24 -19.08 -5.74
N PHE B 211 -3.61 -20.20 -5.43
CA PHE B 211 -4.31 -21.46 -5.30
C PHE B 211 -5.34 -21.37 -4.13
N ASN B 212 -4.95 -20.69 -3.06
CA ASN B 212 -5.79 -20.50 -1.93
C ASN B 212 -6.96 -19.54 -2.27
N ASP B 213 -6.68 -18.49 -3.04
CA ASP B 213 -7.75 -17.59 -3.41
C ASP B 213 -7.40 -16.85 -4.69
N PRO B 214 -8.04 -17.23 -5.79
CA PRO B 214 -7.77 -16.60 -7.08
C PRO B 214 -8.17 -15.12 -7.16
N ALA B 215 -9.00 -14.64 -6.24
CA ALA B 215 -9.47 -13.26 -6.26
C ALA B 215 -8.62 -12.39 -5.35
N ASP B 216 -7.61 -12.97 -4.70
CA ASP B 216 -6.72 -12.20 -3.83
C ASP B 216 -5.79 -11.33 -4.70
N LEU B 217 -6.05 -10.02 -4.79
CA LEU B 217 -5.29 -9.13 -5.67
C LEU B 217 -3.81 -9.00 -5.32
N ASP B 218 -3.45 -9.19 -4.05
CA ASP B 218 -2.06 -9.20 -3.67
C ASP B 218 -1.37 -10.43 -4.20
N ALA B 219 -2.02 -11.58 -4.11
CA ALA B 219 -1.42 -12.82 -4.64
C ALA B 219 -1.28 -12.67 -6.14
N ARG B 220 -2.31 -12.14 -6.78
CA ARG B 220 -2.23 -11.92 -8.19
C ARG B 220 -1.12 -10.91 -8.60
N SER B 221 -0.90 -9.86 -7.81
CA SER B 221 0.17 -8.89 -8.10
C SER B 221 1.54 -9.53 -8.02
N GLN B 222 1.68 -10.35 -7.00
CA GLN B 222 2.91 -11.03 -6.78
C GLN B 222 3.25 -11.90 -8.00
N CYS B 223 2.25 -12.58 -8.54
CA CYS B 223 2.48 -13.44 -9.71
C CYS B 223 2.83 -12.68 -10.97
N LEU B 224 2.12 -11.58 -11.18
CA LEU B 224 2.31 -10.74 -12.34
C LEU B 224 3.66 -10.04 -12.25
N TYR B 225 4.06 -9.63 -11.04
CA TYR B 225 5.34 -9.02 -10.83
C TYR B 225 6.43 -10.03 -11.17
N GLY B 226 6.28 -11.24 -10.65
CA GLY B 226 7.21 -12.31 -10.97
C GLY B 226 7.27 -12.59 -12.46
N ALA B 227 6.11 -12.62 -13.11
CA ALA B 227 6.02 -12.89 -14.57
C ALA B 227 6.85 -11.86 -15.36
N TRP B 228 6.77 -10.60 -14.93
CA TRP B 228 7.46 -9.50 -15.60
C TRP B 228 8.97 -9.69 -15.47
N LEU B 229 9.43 -9.95 -14.26
CA LEU B 229 10.86 -10.18 -14.04
C LEU B 229 11.39 -11.37 -14.87
N CYS B 230 10.62 -12.48 -14.88
CA CYS B 230 11.03 -13.70 -15.59
C CYS B 230 11.01 -13.43 -17.06
N GLY B 231 10.06 -12.64 -17.52
CA GLY B 231 9.96 -12.28 -18.92
C GLY B 231 11.14 -11.42 -19.36
N THR B 232 11.54 -10.51 -18.49
CA THR B 232 12.67 -9.65 -18.72
C THR B 232 13.96 -10.50 -18.88
N VAL B 233 14.12 -11.52 -18.05
CA VAL B 233 15.27 -12.43 -18.13
C VAL B 233 15.16 -13.19 -19.47
N LEU B 234 13.96 -13.65 -19.81
CA LEU B 234 13.78 -14.35 -21.07
C LEU B 234 14.21 -13.47 -22.23
N GLY B 235 14.00 -12.18 -22.14
CA GLY B 235 14.33 -11.30 -23.26
C GLY B 235 15.75 -10.76 -23.23
N GLY B 236 16.51 -11.05 -22.16
CA GLY B 236 17.85 -10.46 -21.98
C GLY B 236 19.00 -11.41 -22.01
N VAL B 237 18.77 -12.70 -21.75
CA VAL B 237 19.83 -13.70 -21.80
C VAL B 237 19.41 -14.93 -22.62
N GLY B 238 20.35 -15.80 -22.96
CA GLY B 238 20.04 -16.95 -23.80
C GLY B 238 19.52 -18.16 -23.00
N ALA B 240 18.31 -22.32 -22.91
CA ALA B 240 19.08 -23.51 -23.30
C ALA B 240 18.14 -24.74 -23.37
N LEU B 241 18.57 -25.89 -22.85
CA LEU B 241 17.82 -27.12 -23.00
C LEU B 241 16.34 -27.03 -22.72
N HIS B 242 15.94 -26.47 -21.60
CA HIS B 242 14.53 -26.43 -21.26
C HIS B 242 13.67 -25.77 -22.37
N HIS B 243 14.06 -24.57 -22.77
CA HIS B 243 13.26 -23.85 -23.76
C HIS B 243 13.31 -24.48 -25.12
N LYS B 244 14.46 -25.00 -25.51
CA LYS B 244 14.61 -25.68 -26.80
C LYS B 244 13.73 -26.92 -26.90
N LEU B 245 13.79 -27.72 -25.86
CA LEU B 245 13.02 -28.92 -25.79
C LEU B 245 11.52 -28.64 -25.75
N CYS B 246 11.10 -27.59 -25.03
CA CYS B 246 9.67 -27.27 -25.00
C CYS B 246 9.20 -26.81 -26.36
N HIS B 247 10.05 -26.07 -27.08
CA HIS B 247 9.70 -25.63 -28.41
C HIS B 247 9.52 -26.86 -29.36
N THR B 248 10.36 -27.88 -29.18
CA THR B 248 10.28 -29.10 -29.95
C THR B 248 8.97 -29.84 -29.69
N LEU B 249 8.65 -30.04 -28.42
CA LEU B 249 7.46 -30.77 -28.03
C LEU B 249 6.19 -30.03 -28.43
N GLY B 250 6.15 -28.74 -28.14
CA GLY B 250 5.00 -27.93 -28.50
C GLY B 250 4.85 -27.81 -29.99
N GLY B 251 5.95 -27.54 -30.69
CA GLY B 251 5.89 -27.37 -32.12
C GLY B 251 5.62 -28.62 -32.93
N SER B 252 6.35 -29.67 -32.63
CA SER B 252 6.29 -30.90 -33.40
C SER B 252 5.26 -31.88 -32.95
N PHE B 253 4.81 -31.80 -31.70
CA PHE B 253 3.79 -32.73 -31.26
C PHE B 253 2.52 -32.03 -30.83
N ASN B 254 2.42 -30.73 -31.07
CA ASN B 254 1.25 -29.94 -30.70
CA ASN B 254 1.21 -29.97 -30.72
C ASN B 254 0.81 -30.09 -29.23
N LEU B 255 1.75 -30.11 -28.30
CA LEU B 255 1.39 -30.20 -26.89
C LEU B 255 0.98 -28.82 -26.32
N PRO B 256 0.03 -28.76 -25.37
CA PRO B 256 -0.31 -27.44 -24.78
C PRO B 256 0.94 -26.77 -24.18
N HIS B 257 1.09 -25.48 -24.44
CA HIS B 257 2.31 -24.72 -24.10
C HIS B 257 2.75 -24.65 -22.62
N ALA B 258 1.92 -24.04 -21.78
CA ALA B 258 2.23 -23.86 -20.38
C ALA B 258 2.40 -25.22 -19.65
N GLU B 259 1.56 -26.18 -20.01
CA GLU B 259 1.64 -27.52 -19.43
C GLU B 259 2.98 -28.22 -19.79
N THR B 260 3.45 -28.04 -21.03
CA THR B 260 4.68 -28.64 -21.45
C THR B 260 5.90 -28.07 -20.65
N HIS B 261 5.92 -26.77 -20.46
CA HIS B 261 6.97 -26.12 -19.67
C HIS B 261 6.97 -26.65 -18.25
N THR B 262 5.77 -26.75 -17.70
CA THR B 262 5.60 -27.23 -16.35
C THR B 262 6.12 -28.64 -16.18
N ILE B 263 5.80 -29.53 -17.13
CA ILE B 263 6.19 -30.94 -17.04
C ILE B 263 7.68 -31.09 -17.28
N VAL B 264 8.23 -30.32 -18.22
CA VAL B 264 9.63 -30.50 -18.61
C VAL B 264 10.66 -29.93 -17.65
N LEU B 265 10.37 -28.75 -17.09
CA LEU B 265 11.31 -28.05 -16.26
C LEU B 265 12.07 -28.87 -15.20
N PRO B 266 11.39 -29.67 -14.39
CA PRO B 266 12.17 -30.45 -13.41
C PRO B 266 13.22 -31.39 -14.04
N HIS B 267 12.90 -31.95 -15.21
CA HIS B 267 13.82 -32.88 -15.86
C HIS B 267 14.93 -32.19 -16.62
N ALA B 268 14.68 -31.01 -17.18
CA ALA B 268 15.74 -30.22 -17.85
C ALA B 268 16.70 -29.72 -16.74
N LEU B 269 16.14 -29.34 -15.59
CA LEU B 269 16.97 -28.94 -14.45
C LEU B 269 17.79 -30.12 -13.95
N ALA B 270 17.18 -31.28 -13.73
CA ALA B 270 17.95 -32.48 -13.33
C ALA B 270 19.09 -32.81 -14.33
N TYR B 271 18.86 -32.61 -15.62
CA TYR B 271 19.87 -32.88 -16.64
C TYR B 271 21.09 -31.99 -16.49
N ASN B 272 20.80 -30.73 -16.20
CA ASN B 272 21.82 -29.71 -16.08
C ASN B 272 22.45 -29.48 -14.71
N ALA B 273 21.81 -29.98 -13.68
CA ALA B 273 22.15 -29.68 -12.30
C ALA B 273 23.64 -29.79 -11.94
N ALA B 274 24.24 -30.87 -12.36
CA ALA B 274 25.64 -31.12 -11.99
C ALA B 274 26.60 -30.13 -12.66
N ALA B 275 26.22 -29.55 -13.78
CA ALA B 275 27.09 -28.60 -14.48
C ALA B 275 27.05 -27.20 -13.86
N VAL B 276 25.92 -26.84 -13.24
CA VAL B 276 25.71 -25.50 -12.76
C VAL B 276 25.18 -25.40 -11.32
N PRO B 277 25.97 -25.89 -10.34
CA PRO B 277 25.57 -25.94 -8.93
C PRO B 277 25.23 -24.62 -8.31
N GLU B 278 25.92 -23.56 -8.76
CA GLU B 278 25.65 -22.28 -8.23
C GLU B 278 24.28 -21.78 -8.64
N ALA B 279 23.92 -21.94 -9.91
CA ALA B 279 22.56 -21.56 -10.35
C ALA B 279 21.54 -22.44 -9.64
N ALA B 281 21.70 -23.63 -6.64
CA ALA B 281 21.62 -23.13 -5.27
C ALA B 281 20.74 -21.89 -5.19
N ARG B 282 20.81 -21.03 -6.20
CA ARG B 282 19.94 -19.87 -6.23
C ARG B 282 18.52 -20.30 -6.51
N ILE B 283 18.32 -21.30 -7.37
CA ILE B 283 16.96 -21.74 -7.60
C ILE B 283 16.37 -22.33 -6.34
N ARG B 284 17.15 -23.16 -5.64
CA ARG B 284 16.72 -23.78 -4.37
C ARG B 284 16.40 -22.72 -3.33
N ARG B 285 17.27 -21.72 -3.23
CA ARG B 285 17.00 -20.61 -2.29
C ARG B 285 15.69 -19.88 -2.64
N ALA B 286 15.49 -19.52 -3.89
CA ALA B 286 14.29 -18.80 -4.29
C ALA B 286 13.00 -19.63 -4.11
N THR B 287 13.09 -20.97 -4.14
CA THR B 287 11.91 -21.86 -4.06
C THR B 287 11.71 -22.49 -2.69
N GLY B 288 12.55 -22.14 -1.74
CA GLY B 288 12.48 -22.71 -0.42
C GLY B 288 12.79 -24.20 -0.44
N ALA B 289 13.74 -24.62 -1.27
CA ALA B 289 14.02 -26.05 -1.43
C ALA B 289 14.67 -26.69 -0.20
N GLY B 290 15.35 -25.91 0.63
CA GLY B 290 16.06 -26.51 1.74
C GLY B 290 17.13 -27.39 1.13
N GLU B 291 17.21 -28.63 1.61
CA GLU B 291 18.18 -29.61 1.11
C GLU B 291 17.69 -30.32 -0.15
N GLN B 292 16.47 -30.06 -0.57
CA GLN B 292 15.95 -30.72 -1.77
C GLN B 292 16.58 -30.14 -3.01
N SER B 293 16.62 -30.93 -4.08
CA SER B 293 17.12 -30.43 -5.35
C SER B 293 16.13 -29.44 -5.91
N ALA B 294 16.59 -28.56 -6.78
CA ALA B 294 15.70 -27.64 -7.51
C ALA B 294 14.67 -28.42 -8.31
N ALA B 295 15.12 -29.48 -8.98
CA ALA B 295 14.26 -30.34 -9.79
C ALA B 295 13.08 -30.91 -9.00
N ALA B 296 13.35 -31.54 -7.87
CA ALA B 296 12.30 -32.15 -7.02
C ALA B 296 11.35 -31.10 -6.48
N THR B 297 11.91 -29.98 -6.05
CA THR B 297 11.12 -28.91 -5.51
C THR B 297 10.16 -28.31 -6.56
N LEU B 298 10.60 -28.15 -7.79
CA LEU B 298 9.73 -27.61 -8.85
C LEU B 298 8.72 -28.67 -9.31
N PHE B 299 9.10 -29.94 -9.22
CA PHE B 299 8.15 -31.01 -9.52
C PHE B 299 7.02 -30.94 -8.48
N ASP B 300 7.39 -30.79 -7.23
CA ASP B 300 6.41 -30.70 -6.16
C ASP B 300 5.54 -29.47 -6.27
N LEU B 301 6.13 -28.35 -6.66
CA LEU B 301 5.35 -27.11 -6.78
C LEU B 301 4.25 -27.32 -7.84
N ALA B 302 4.54 -28.10 -8.89
CA ALA B 302 3.53 -28.36 -9.88
C ALA B 302 2.47 -29.33 -9.36
N GLN B 303 2.93 -30.47 -8.85
CA GLN B 303 2.07 -31.51 -8.45
C GLN B 303 1.09 -31.14 -7.33
N ARG B 304 1.63 -30.55 -6.27
CA ARG B 304 0.88 -30.11 -5.11
C ARG B 304 -0.24 -29.17 -5.53
N HIS B 305 -0.06 -28.44 -6.61
CA HIS B 305 -1.02 -27.46 -7.07
C HIS B 305 -1.84 -27.93 -8.25
N GLY B 306 -1.88 -29.24 -8.46
CA GLY B 306 -2.73 -29.85 -9.44
C GLY B 306 -2.39 -29.71 -10.91
N ALA B 307 -1.17 -29.35 -11.24
CA ALA B 307 -0.72 -29.26 -12.62
C ALA B 307 -0.27 -30.65 -13.04
N PRO B 308 -0.33 -30.93 -14.33
CA PRO B 308 0.16 -32.24 -14.80
C PRO B 308 1.68 -32.29 -14.68
N VAL B 309 2.23 -33.47 -14.41
CA VAL B 309 3.67 -33.64 -14.31
C VAL B 309 4.15 -34.73 -15.24
N ALA B 310 3.25 -35.25 -16.07
CA ALA B 310 3.59 -36.31 -17.04
C ALA B 310 3.12 -35.92 -18.46
N LEU B 311 3.99 -36.03 -19.47
CA LEU B 311 3.59 -35.67 -20.85
C LEU B 311 2.41 -36.55 -21.34
N ARG B 312 2.30 -37.77 -20.80
CA ARG B 312 1.20 -38.67 -21.15
CA ARG B 312 1.19 -38.62 -21.23
C ARG B 312 -0.16 -38.04 -20.81
N ASP B 313 -0.19 -37.20 -19.79
CA ASP B 313 -1.45 -36.58 -19.40
C ASP B 313 -1.85 -35.47 -20.34
N ILE B 314 -0.95 -35.00 -21.19
CA ILE B 314 -1.31 -33.91 -22.10
C ILE B 314 -1.26 -34.34 -23.54
N GLY B 315 -1.29 -35.65 -23.75
CA GLY B 315 -1.38 -36.20 -25.10
C GLY B 315 -0.16 -36.67 -25.84
N ARG B 317 2.45 -39.14 -27.21
CA ARG B 317 2.41 -40.58 -27.43
C ARG B 317 3.79 -41.11 -27.11
N GLU B 318 3.86 -42.19 -26.35
CA GLU B 318 5.12 -42.77 -25.95
C GLU B 318 5.99 -43.17 -27.17
N GLU B 319 5.35 -43.59 -28.25
CA GLU B 319 6.07 -43.98 -29.47
C GLU B 319 6.71 -42.79 -30.16
N ASP B 320 6.25 -41.58 -29.84
CA ASP B 320 6.86 -40.39 -30.40
C ASP B 320 8.09 -39.90 -29.63
N LEU B 321 8.37 -40.49 -28.47
CA LEU B 321 9.52 -40.04 -27.68
C LEU B 321 10.84 -40.16 -28.43
N ASP B 322 11.02 -41.21 -29.23
CA ASP B 322 12.28 -41.38 -29.99
C ASP B 322 12.45 -40.25 -31.01
N ARG B 323 11.37 -39.88 -31.68
CA ARG B 323 11.40 -38.79 -32.62
C ARG B 323 11.62 -37.47 -31.90
N ALA B 324 11.02 -37.29 -30.72
CA ALA B 324 11.27 -36.07 -29.97
C ALA B 324 12.75 -35.96 -29.65
N ALA B 325 13.39 -37.06 -29.21
CA ALA B 325 14.83 -37.11 -28.92
C ALA B 325 15.64 -36.78 -30.17
N ASP B 326 15.22 -37.31 -31.32
CA ASP B 326 15.93 -37.03 -32.56
C ASP B 326 15.93 -35.55 -32.85
N ILE B 327 14.75 -34.95 -32.79
CA ILE B 327 14.59 -33.52 -33.03
C ILE B 327 15.34 -32.70 -31.98
N ALA B 328 15.27 -33.11 -30.72
CA ALA B 328 16.01 -32.41 -29.65
C ALA B 328 17.51 -32.39 -29.95
N LEU B 329 18.01 -33.35 -30.72
CA LEU B 329 19.42 -33.42 -31.05
C LEU B 329 19.76 -32.94 -32.46
N ALA B 330 18.82 -32.27 -33.13
CA ALA B 330 18.98 -31.96 -34.54
C ALA B 330 20.09 -30.98 -34.84
N SER B 331 20.25 -29.96 -33.99
CA SER B 331 21.27 -28.94 -34.17
C SER B 331 21.95 -28.63 -32.84
N PRO B 332 23.25 -28.33 -32.88
CA PRO B 332 23.95 -28.16 -31.65
C PRO B 332 23.78 -26.75 -31.19
N TYR B 333 23.32 -26.57 -29.97
CA TYR B 333 23.19 -25.24 -29.38
C TYR B 333 23.95 -25.32 -28.09
N TRP B 334 24.24 -24.17 -27.49
CA TRP B 334 24.99 -24.18 -26.26
C TRP B 334 24.13 -24.59 -25.09
N ASN B 335 24.68 -25.41 -24.23
CA ASN B 335 23.97 -25.85 -23.00
C ASN B 335 25.04 -26.20 -22.00
N PRO B 336 24.82 -25.93 -20.72
CA PRO B 336 25.94 -26.17 -19.76
C PRO B 336 26.46 -27.61 -19.70
N ARG B 337 25.58 -28.56 -19.97
CA ARG B 337 25.99 -29.96 -20.08
C ARG B 337 25.71 -30.36 -21.51
N PRO B 338 26.67 -31.00 -22.18
CA PRO B 338 26.49 -31.43 -23.56
C PRO B 338 25.20 -32.24 -23.80
N ILE B 339 24.52 -31.90 -24.87
CA ILE B 339 23.29 -32.58 -25.26
C ILE B 339 23.67 -33.91 -25.87
N GLU B 340 23.27 -35.02 -25.27
CA GLU B 340 23.63 -36.36 -25.79
C GLU B 340 22.33 -37.16 -25.84
N ARG B 341 22.19 -38.01 -26.87
CA ARG B 341 20.93 -38.74 -27.08
C ARG B 341 20.47 -39.62 -25.93
N GLU B 342 21.37 -40.41 -25.37
CA GLU B 342 20.95 -41.33 -24.34
C GLU B 342 20.36 -40.62 -23.12
N PRO B 343 21.09 -39.66 -22.55
CA PRO B 343 20.48 -39.02 -21.40
C PRO B 343 19.27 -38.12 -21.78
N ILE B 344 19.22 -37.58 -23.02
CA ILE B 344 18.06 -36.78 -23.43
C ILE B 344 16.82 -37.67 -23.57
N ARG B 345 17.01 -38.85 -24.15
CA ARG B 345 15.92 -39.78 -24.31
C ARG B 345 15.41 -40.25 -22.95
N ALA B 346 16.30 -40.45 -21.98
CA ALA B 346 15.87 -40.83 -20.63
C ALA B 346 15.13 -39.68 -19.94
N LEU B 347 15.55 -38.43 -20.21
CA LEU B 347 14.87 -37.25 -19.67
C LEU B 347 13.42 -37.32 -20.18
N LEU B 348 13.28 -37.62 -21.46
CA LEU B 348 11.96 -37.65 -22.09
C LEU B 348 11.08 -38.77 -21.49
N GLN B 349 11.69 -39.92 -21.18
CA GLN B 349 10.97 -41.04 -20.60
C GLN B 349 10.47 -40.63 -19.22
N ALA B 350 11.33 -39.94 -18.44
CA ALA B 350 10.94 -39.49 -17.11
C ALA B 350 9.82 -38.42 -17.17
N ALA B 351 9.94 -37.51 -18.12
CA ALA B 351 8.91 -36.48 -18.31
C ALA B 351 7.65 -37.13 -18.80
N TYR B 352 7.79 -38.13 -19.66
CA TYR B 352 6.63 -38.79 -20.18
C TYR B 352 5.79 -39.46 -19.08
N GLU B 353 6.46 -40.16 -18.15
CA GLU B 353 5.79 -40.91 -17.09
C GLU B 353 5.52 -40.09 -15.84
N GLY B 354 6.18 -38.95 -15.69
CA GLY B 354 5.99 -38.12 -14.49
C GLY B 354 6.74 -38.65 -13.26
N VAL B 355 7.97 -39.08 -13.46
CA VAL B 355 8.79 -39.57 -12.38
C VAL B 355 9.42 -38.38 -11.68
N ARG B 356 9.14 -38.26 -10.40
CA ARG B 356 9.74 -37.20 -9.58
C ARG B 356 11.27 -37.33 -9.56
N PRO B 357 11.98 -36.28 -9.98
CA PRO B 357 13.44 -36.29 -9.89
C PRO B 357 13.94 -36.47 -8.45
N ASP B 358 15.09 -37.07 -8.30
CA ASP B 358 15.70 -37.16 -6.98
C ASP B 358 15.95 -35.76 -6.39
N SER C 5 -2.68 -2.64 3.68
CA SER C 5 -1.63 -2.29 4.72
C SER C 5 -1.02 -0.88 4.50
N GLN C 6 -1.76 -0.01 3.80
CA GLN C 6 -1.32 1.39 3.56
C GLN C 6 -1.72 2.26 4.78
N PRO C 7 -1.04 3.40 4.96
CA PRO C 7 -1.34 4.30 6.07
C PRO C 7 -2.66 5.02 5.91
N PHE C 8 -3.31 5.35 7.03
CA PHE C 8 -4.53 6.11 7.00
C PHE C 8 -4.71 6.97 8.23
N ILE C 9 -5.71 7.85 8.18
CA ILE C 9 -6.12 8.67 9.32
C ILE C 9 -7.59 8.40 9.49
N TYR C 10 -7.97 7.91 10.67
CA TYR C 10 -9.37 7.64 10.95
C TYR C 10 -9.86 8.64 11.97
N GLU C 11 -11.10 9.08 11.77
CA GLU C 11 -11.73 9.99 12.66
C GLU C 11 -13.17 9.58 12.90
N ALA C 12 -13.57 9.64 14.16
CA ALA C 12 -14.90 9.34 14.56
C ALA C 12 -15.47 10.53 15.28
N HIS C 13 -16.75 10.82 14.99
CA HIS C 13 -17.49 11.85 15.68
C HIS C 13 -18.15 11.22 16.91
N ALA C 14 -18.34 12.06 17.94
CA ALA C 14 -19.11 11.69 19.08
C ALA C 14 -20.48 11.26 18.54
N ALA C 15 -21.07 10.20 19.09
CA ALA C 15 -22.37 9.79 18.63
C ALA C 15 -23.12 9.04 19.73
N ARG C 16 -24.44 9.15 19.69
CA ARG C 16 -25.31 8.37 20.54
C ARG C 16 -26.49 7.93 19.68
N VAL C 17 -26.62 6.62 19.52
CA VAL C 17 -27.64 6.03 18.67
C VAL C 17 -28.47 5.05 19.46
N VAL C 18 -29.78 5.31 19.46
CA VAL C 18 -30.75 4.51 20.17
C VAL C 18 -31.54 3.83 19.08
N PHE C 19 -31.40 2.51 19.01
CA PHE C 19 -31.96 1.74 17.90
C PHE C 19 -32.97 0.69 18.30
N GLY C 20 -34.09 0.66 17.57
CA GLY C 20 -35.08 -0.39 17.74
C GLY C 20 -36.51 0.03 17.56
N ALA C 21 -37.33 -0.93 17.15
CA ALA C 21 -38.77 -0.75 17.06
C ALA C 21 -39.29 -0.19 18.38
N GLY C 22 -40.06 0.90 18.31
CA GLY C 22 -40.63 1.57 19.48
C GLY C 22 -39.68 2.50 20.20
N SER C 23 -38.48 2.67 19.66
CA SER C 23 -37.50 3.52 20.29
C SER C 23 -37.94 4.98 20.41
N SER C 24 -38.79 5.45 19.51
CA SER C 24 -39.25 6.82 19.57
C SER C 24 -40.04 7.08 20.87
N SER C 25 -40.60 6.03 21.51
CA SER C 25 -41.28 6.20 22.81
C SER C 25 -40.33 6.67 23.89
N GLN C 26 -39.02 6.62 23.67
CA GLN C 26 -38.04 7.11 24.65
C GLN C 26 -37.59 8.58 24.39
N VAL C 27 -38.24 9.31 23.48
CA VAL C 27 -37.81 10.67 23.12
C VAL C 27 -37.79 11.61 24.28
N ALA C 28 -38.80 11.55 25.14
CA ALA C 28 -38.85 12.45 26.31
C ALA C 28 -37.56 12.24 27.12
N ALA C 29 -37.21 10.99 27.36
CA ALA C 29 -35.99 10.71 28.18
C ALA C 29 -34.72 11.14 27.45
N GLU C 30 -34.65 10.98 26.14
CA GLU C 30 -33.44 11.39 25.45
C GLU C 30 -33.27 12.93 25.43
N VAL C 31 -34.36 13.66 25.24
CA VAL C 31 -34.35 15.12 25.29
C VAL C 31 -33.88 15.56 26.69
N GLU C 32 -34.39 14.91 27.72
CA GLU C 32 -34.00 15.24 29.09
C GLU C 32 -32.52 14.93 29.34
N ARG C 33 -32.06 13.81 28.83
CA ARG C 33 -30.67 13.37 28.98
C ARG C 33 -29.63 14.41 28.51
N LEU C 34 -30.00 15.21 27.53
CA LEU C 34 -29.16 16.28 27.02
C LEU C 34 -29.35 17.56 27.85
N GLY C 35 -30.24 17.53 28.83
CA GLY C 35 -30.54 18.71 29.65
C GLY C 35 -31.43 19.73 28.96
N ALA C 36 -32.19 19.35 27.94
CA ALA C 36 -33.08 20.29 27.27
C ALA C 36 -34.39 20.34 28.06
N LYS C 37 -35.14 21.44 27.95
CA LYS C 37 -36.43 21.55 28.65
C LYS C 37 -37.57 22.02 27.75
N ARG C 38 -37.26 22.46 26.52
CA ARG C 38 -38.28 22.94 25.56
C ARG C 38 -37.94 22.58 24.08
N ALA C 39 -38.32 21.36 23.69
CA ALA C 39 -38.01 20.85 22.36
C ALA C 39 -39.06 21.20 21.30
N LEU C 40 -38.63 21.85 20.21
CA LEU C 40 -39.52 22.13 19.09
C LEU C 40 -39.41 20.96 18.10
N VAL C 41 -40.54 20.34 17.82
CA VAL C 41 -40.56 19.25 16.87
C VAL C 41 -40.66 19.84 15.44
N LEU C 42 -39.82 19.35 14.54
CA LEU C 42 -39.80 19.84 13.18
C LEU C 42 -40.28 18.76 12.23
N CYS C 43 -41.00 19.17 11.19
CA CYS C 43 -41.42 18.20 10.16
C CYS C 43 -41.88 18.87 8.89
N THR C 44 -42.10 18.06 7.85
CA THR C 44 -42.70 18.53 6.62
C THR C 44 -44.20 18.46 6.85
N PRO C 45 -44.98 19.14 6.00
CA PRO C 45 -46.43 19.04 6.17
C PRO C 45 -46.95 17.61 5.99
N ASN C 46 -46.33 16.84 5.10
CA ASN C 46 -46.71 15.45 4.85
C ASN C 46 -46.62 14.54 6.09
N GLN C 47 -45.86 14.96 7.12
CA GLN C 47 -45.59 14.12 8.28
C GLN C 47 -45.98 14.74 9.64
N GLN C 48 -46.95 15.67 9.62
CA GLN C 48 -47.41 16.30 10.84
C GLN C 48 -48.05 15.34 11.84
N ALA C 49 -48.56 14.20 11.36
CA ALA C 49 -49.19 13.17 12.24
C ALA C 49 -48.14 12.56 13.18
N GLU C 50 -47.02 12.16 12.62
CA GLU C 50 -45.94 11.58 13.42
C GLU C 50 -45.37 12.65 14.32
N ALA C 51 -45.24 13.85 13.78
CA ALA C 51 -44.71 14.99 14.52
C ALA C 51 -45.52 15.25 15.78
N GLU C 52 -46.84 15.14 15.67
CA GLU C 52 -47.75 15.39 16.78
C GLU C 52 -47.56 14.35 17.87
N ARG C 53 -47.46 13.08 17.45
CA ARG C 53 -47.23 11.97 18.38
CA ARG C 53 -47.24 11.97 18.37
C ARG C 53 -45.97 12.23 19.17
N ILE C 54 -44.89 12.66 18.48
CA ILE C 54 -43.64 12.96 19.19
C ILE C 54 -43.89 14.09 20.20
N ALA C 55 -44.52 15.16 19.71
CA ALA C 55 -44.87 16.30 20.54
C ALA C 55 -45.65 15.81 21.78
N ASP C 56 -46.62 14.90 21.60
CA ASP C 56 -47.37 14.37 22.75
C ASP C 56 -46.50 13.56 23.71
N LEU C 57 -45.60 12.73 23.17
CA LEU C 57 -44.71 11.93 24.02
C LEU C 57 -43.83 12.84 24.85
N LEU C 58 -43.42 13.97 24.26
CA LEU C 58 -42.62 14.97 24.95
C LEU C 58 -43.33 15.59 26.15
N GLY C 59 -44.67 15.59 26.09
CA GLY C 59 -45.50 16.07 27.18
C GLY C 59 -45.11 17.49 27.57
N PRO C 60 -44.76 17.71 28.86
CA PRO C 60 -44.40 19.07 29.27
C PRO C 60 -43.09 19.59 28.60
N LEU C 61 -42.28 18.71 27.99
CA LEU C 61 -41.06 19.17 27.35
C LEU C 61 -41.31 19.73 25.94
N SER C 62 -42.54 19.65 25.44
CA SER C 62 -42.83 20.10 24.07
C SER C 62 -42.88 21.61 23.91
N ALA C 63 -42.25 22.11 22.85
CA ALA C 63 -42.29 23.52 22.51
C ALA C 63 -43.17 23.64 21.27
N GLY C 64 -43.86 22.55 20.91
CA GLY C 64 -44.75 22.52 19.75
C GLY C 64 -44.10 22.02 18.48
N VAL C 65 -44.87 22.03 17.40
CA VAL C 65 -44.44 21.52 16.09
C VAL C 65 -44.32 22.65 15.04
N TYR C 66 -43.28 22.61 14.23
CA TYR C 66 -43.14 23.54 13.10
C TYR C 66 -43.15 22.59 11.90
N ALA C 67 -44.22 22.65 11.09
CA ALA C 67 -44.40 21.74 9.94
C ALA C 67 -43.95 22.31 8.63
N GLY C 68 -42.94 23.17 8.66
CA GLY C 68 -42.39 23.79 7.47
C GLY C 68 -41.05 23.31 6.92
N ALA C 69 -40.72 22.03 7.05
CA ALA C 69 -39.50 21.53 6.44
C ALA C 69 -39.74 21.45 4.92
N VAL C 70 -38.76 21.88 4.12
CA VAL C 70 -38.86 21.82 2.65
C VAL C 70 -37.58 21.28 1.98
N HIS C 72 -34.33 20.59 0.30
CA HIS C 72 -33.11 21.44 0.25
C HIS C 72 -33.04 22.74 1.11
N VAL C 73 -33.79 22.74 2.21
CA VAL C 73 -33.81 23.82 3.21
C VAL C 73 -33.72 25.25 2.66
N PRO C 74 -34.83 25.77 2.13
CA PRO C 74 -34.89 27.16 1.68
C PRO C 74 -34.48 28.00 2.88
N ILE C 75 -33.59 28.97 2.67
CA ILE C 75 -33.08 29.75 3.80
C ILE C 75 -34.20 30.50 4.55
N GLU C 76 -35.31 30.74 3.85
CA GLU C 76 -36.49 31.37 4.45
C GLU C 76 -37.18 30.45 5.49
N SER C 77 -37.17 29.12 5.23
CA SER C 77 -37.71 28.13 6.21
C SER C 77 -36.77 28.08 7.40
N ALA C 78 -35.47 28.13 7.10
CA ALA C 78 -34.41 28.14 8.11
C ALA C 78 -34.69 29.25 9.14
N ARG C 79 -34.68 30.49 8.68
CA ARG C 79 -34.90 31.65 9.54
C ARG C 79 -36.27 31.63 10.21
N ASP C 80 -37.28 31.18 9.48
CA ASP C 80 -38.64 31.10 10.01
C ASP C 80 -38.68 30.12 11.18
N ALA C 81 -38.19 28.90 10.93
CA ALA C 81 -38.14 27.85 11.95
C ALA C 81 -37.27 28.30 13.14
N THR C 82 -36.16 28.98 12.85
CA THR C 82 -35.30 29.51 13.90
C THR C 82 -36.15 30.47 14.71
N ALA C 83 -36.78 31.42 14.03
CA ALA C 83 -37.69 32.39 14.65
C ALA C 83 -38.70 31.72 15.60
N ARG C 84 -39.36 30.65 15.14
CA ARG C 84 -40.33 29.89 15.97
C ARG C 84 -39.69 29.31 17.24
N ALA C 85 -38.49 28.76 17.07
CA ALA C 85 -37.71 28.20 18.15
C ALA C 85 -37.48 29.25 19.23
N ARG C 86 -36.85 30.34 18.80
CA ARG C 86 -36.45 31.43 19.66
C ARG C 86 -37.64 31.97 20.45
N GLU C 87 -38.76 32.24 19.76
CA GLU C 87 -39.97 32.78 20.42
C GLU C 87 -40.65 31.75 21.31
N ALA C 88 -40.59 30.49 20.90
CA ALA C 88 -41.11 29.40 21.70
C ALA C 88 -40.17 29.22 22.88
N GLY C 89 -38.99 29.86 22.81
CA GLY C 89 -37.98 29.77 23.83
C GLY C 89 -37.34 28.41 23.78
N ALA C 90 -37.30 27.83 22.59
CA ALA C 90 -36.79 26.45 22.42
C ALA C 90 -35.28 26.27 22.66
N ASP C 91 -34.89 25.23 23.41
CA ASP C 91 -33.46 24.94 23.71
C ASP C 91 -32.99 23.61 23.11
N CYS C 92 -33.79 23.08 22.19
CA CYS C 92 -33.54 21.79 21.54
C CYS C 92 -34.54 21.60 20.39
N ALA C 93 -34.09 20.97 19.30
CA ALA C 93 -34.96 20.69 18.14
C ALA C 93 -34.99 19.19 17.82
N VAL C 94 -36.17 18.60 17.76
CA VAL C 94 -36.32 17.21 17.45
C VAL C 94 -36.83 17.12 16.02
N ALA C 95 -36.00 16.57 15.14
CA ALA C 95 -36.33 16.49 13.73
C ALA C 95 -36.95 15.15 13.45
N VAL C 96 -38.19 15.16 12.98
CA VAL C 96 -38.86 13.93 12.67
C VAL C 96 -39.15 13.89 11.18
N GLY C 97 -38.33 13.14 10.44
CA GLY C 97 -38.52 13.04 9.00
C GLY C 97 -37.27 12.52 8.29
N GLY C 98 -37.19 12.83 7.00
CA GLY C 98 -36.07 12.45 6.14
C GLY C 98 -35.05 13.56 6.13
N GLY C 99 -34.10 13.45 5.21
CA GLY C 99 -33.01 14.42 5.04
C GLY C 99 -33.42 15.89 5.08
N SER C 100 -34.59 16.20 4.54
CA SER C 100 -35.07 17.58 4.57
C SER C 100 -35.34 18.09 6.01
N THR C 101 -35.98 17.27 6.85
CA THR C 101 -36.28 17.73 8.21
C THR C 101 -35.01 17.84 9.11
N THR C 102 -34.13 16.85 9.02
CA THR C 102 -32.82 16.89 9.69
C THR C 102 -32.14 18.16 9.21
N GLY C 103 -32.24 18.37 7.89
CA GLY C 103 -31.67 19.54 7.24
C GLY C 103 -32.12 20.80 7.92
N LEU C 104 -33.43 20.91 8.16
CA LEU C 104 -33.95 22.07 8.84
C LEU C 104 -33.40 22.12 10.26
N GLY C 105 -33.34 20.96 10.92
CA GLY C 105 -32.76 20.86 12.26
C GLY C 105 -31.33 21.40 12.27
N LYS C 106 -30.56 21.00 11.24
CA LYS C 106 -29.18 21.47 11.12
C LYS C 106 -29.09 22.98 10.89
N ALA C 107 -29.99 23.54 10.08
CA ALA C 107 -30.00 25.01 9.85
C ALA C 107 -30.20 25.73 11.19
N ILE C 108 -31.20 25.31 11.96
CA ILE C 108 -31.43 25.86 13.30
C ILE C 108 -30.16 25.66 14.18
N ALA C 109 -29.54 24.48 14.12
CA ALA C 109 -28.31 24.21 14.90
C ALA C 109 -27.18 25.19 14.55
N LEU C 110 -27.00 25.42 13.25
CA LEU C 110 -25.93 26.32 12.79
C LEU C 110 -26.15 27.73 13.35
N GLU C 111 -27.35 28.29 13.17
CA GLU C 111 -27.68 29.65 13.70
C GLU C 111 -27.67 29.77 15.23
N THR C 112 -28.21 28.76 15.94
CA THR C 112 -28.41 28.83 17.40
C THR C 112 -27.53 27.96 18.31
N GLY C 113 -26.94 26.90 17.77
CA GLY C 113 -26.10 26.02 18.56
C GLY C 113 -26.84 25.02 19.46
N PRO C 115 -28.84 21.64 20.83
CA PRO C 115 -28.76 20.23 20.43
C PRO C 115 -29.93 19.82 19.52
N ILE C 116 -29.66 18.87 18.66
CA ILE C 116 -30.68 18.31 17.81
C ILE C 116 -30.74 16.83 18.17
N VAL C 117 -31.97 16.32 18.29
CA VAL C 117 -32.26 14.93 18.44
C VAL C 117 -32.91 14.58 17.10
N ALA C 118 -32.30 13.66 16.40
CA ALA C 118 -32.80 13.27 15.10
C ALA C 118 -33.60 12.01 15.23
N ILE C 119 -34.75 11.98 14.56
CA ILE C 119 -35.60 10.82 14.47
C ILE C 119 -35.80 10.59 12.98
N PRO C 120 -34.83 9.92 12.36
CA PRO C 120 -34.88 9.74 10.93
C PRO C 120 -35.97 8.77 10.42
N THR C 121 -36.60 9.11 9.29
CA THR C 121 -37.66 8.27 8.71
C THR C 121 -37.43 7.90 7.23
N THR C 122 -36.23 8.17 6.71
CA THR C 122 -35.81 7.72 5.36
C THR C 122 -34.39 7.11 5.51
N TYR C 123 -33.72 6.80 4.40
CA TYR C 123 -32.40 6.23 4.49
C TYR C 123 -31.27 7.18 4.09
N ALA C 124 -31.58 8.47 4.07
CA ALA C 124 -30.63 9.52 3.59
C ALA C 124 -29.29 9.58 4.32
N GLY C 125 -29.34 9.42 5.64
CA GLY C 125 -28.15 9.40 6.52
C GLY C 125 -27.60 10.75 7.00
N SER C 126 -28.31 11.83 6.72
CA SER C 126 -27.86 13.17 7.09
C SER C 126 -27.63 13.35 8.60
N GLU C 127 -28.39 12.59 9.38
CA GLU C 127 -28.36 12.64 10.85
C GLU C 127 -26.98 12.35 11.48
N VAL C 128 -26.08 11.76 10.72
CA VAL C 128 -24.73 11.49 11.21
C VAL C 128 -23.62 12.17 10.38
N THR C 129 -23.93 13.23 9.64
CA THR C 129 -22.90 14.00 8.95
C THR C 129 -22.82 15.39 9.56
N PRO C 130 -21.63 16.00 9.55
CA PRO C 130 -21.46 17.37 10.00
C PRO C 130 -21.63 18.38 8.83
N VAL C 131 -22.23 17.94 7.73
CA VAL C 131 -22.51 18.77 6.56
C VAL C 131 -23.97 19.27 6.51
N TYR C 132 -24.13 20.57 6.24
CA TYR C 132 -25.46 21.17 6.10
C TYR C 132 -25.62 21.77 4.70
N GLY C 133 -26.86 22.08 4.35
CA GLY C 133 -27.19 22.66 3.06
C GLY C 133 -28.29 23.71 3.17
N LEU C 134 -28.10 24.85 2.52
CA LEU C 134 -29.07 25.96 2.52
C LEU C 134 -29.27 26.47 1.11
N THR C 135 -30.52 26.74 0.74
CA THR C 135 -30.78 27.27 -0.59
C THR C 135 -31.16 28.74 -0.49
N GLU C 136 -30.41 29.58 -1.23
CA GLU C 136 -30.70 31.02 -1.29
C GLU C 136 -30.61 31.49 -2.75
N ALA C 137 -31.47 32.45 -3.10
CA ALA C 137 -31.53 33.01 -4.46
C ALA C 137 -31.41 31.93 -5.54
N GLY C 138 -32.24 30.89 -5.41
CA GLY C 138 -32.31 29.79 -6.37
C GLY C 138 -31.12 28.86 -6.60
N THR C 139 -30.41 28.50 -5.52
CA THR C 139 -29.29 27.53 -5.60
C THR C 139 -28.81 27.11 -4.20
N LYS C 140 -28.69 25.80 -4.02
CA LYS C 140 -28.29 25.20 -2.74
C LYS C 140 -26.79 25.36 -2.49
N ARG C 141 -26.42 25.83 -1.30
CA ARG C 141 -25.03 25.96 -0.88
C ARG C 141 -24.82 24.98 0.30
N THR C 142 -23.73 24.22 0.31
CA THR C 142 -23.45 23.33 1.44
C THR C 142 -22.17 23.72 2.19
N GLY C 143 -22.05 23.24 3.42
CA GLY C 143 -20.88 23.50 4.26
C GLY C 143 -20.69 22.41 5.31
N ARG C 144 -19.67 22.54 6.15
CA ARG C 144 -19.38 21.58 7.20
C ARG C 144 -19.08 22.27 8.52
N ASP C 145 -19.73 21.81 9.59
CA ASP C 145 -19.57 22.37 10.92
C ASP C 145 -20.02 21.32 11.97
N PRO C 146 -19.09 20.88 12.83
CA PRO C 146 -19.42 19.82 13.79
C PRO C 146 -20.57 20.08 14.76
N ARG C 147 -21.08 21.31 14.80
CA ARG C 147 -22.20 21.57 15.67
C ARG C 147 -23.56 21.42 14.97
N VAL C 148 -23.58 21.12 13.69
CA VAL C 148 -24.85 20.78 13.07
C VAL C 148 -25.10 19.27 13.26
N LEU C 149 -24.19 18.59 13.96
CA LEU C 149 -24.24 17.14 14.16
C LEU C 149 -25.21 16.84 15.32
N PRO C 150 -26.30 16.14 15.03
CA PRO C 150 -27.24 15.81 16.12
C PRO C 150 -26.51 15.07 17.26
N ARG C 151 -26.85 15.38 18.50
CA ARG C 151 -26.20 14.75 19.65
C ARG C 151 -26.69 13.33 19.87
N THR C 152 -27.92 13.08 19.42
CA THR C 152 -28.57 11.79 19.60
C THR C 152 -29.43 11.49 18.39
N VAL C 153 -29.33 10.27 17.93
CA VAL C 153 -30.15 9.78 16.85
C VAL C 153 -30.98 8.63 17.41
N ILE C 154 -32.30 8.72 17.22
CA ILE C 154 -33.24 7.70 17.64
C ILE C 154 -33.77 7.07 16.37
N TYR C 155 -33.47 5.79 16.17
CA TYR C 155 -33.90 5.05 15.00
C TYR C 155 -35.02 4.11 15.38
N ASP C 156 -36.20 4.41 14.87
CA ASP C 156 -37.37 3.61 15.12
C ASP C 156 -37.96 3.14 13.80
N PRO C 157 -37.68 1.89 13.44
CA PRO C 157 -38.23 1.39 12.16
C PRO C 157 -39.75 1.45 12.07
N ALA C 158 -40.47 1.54 13.20
CA ALA C 158 -41.93 1.67 13.12
C ALA C 158 -42.31 2.93 12.36
N LEU C 159 -41.47 3.97 12.45
CA LEU C 159 -41.76 5.23 11.78
C LEU C 159 -41.43 5.17 10.29
N THR C 160 -40.85 4.07 9.83
CA THR C 160 -40.58 3.94 8.41
C THR C 160 -41.57 3.00 7.74
N VAL C 161 -42.51 2.40 8.46
CA VAL C 161 -43.45 1.49 7.81
C VAL C 161 -44.18 2.22 6.67
N GLY C 162 -44.59 3.46 6.94
CA GLY C 162 -45.31 4.27 5.98
C GLY C 162 -44.44 4.94 4.91
N LEU C 163 -43.13 4.69 4.86
CA LEU C 163 -42.32 5.26 3.79
C LEU C 163 -42.79 4.57 2.49
N PRO C 164 -43.30 5.35 1.52
CA PRO C 164 -43.83 4.75 0.27
C PRO C 164 -42.88 3.84 -0.44
N ARG C 165 -43.47 2.93 -1.21
CA ARG C 165 -42.75 1.90 -1.93
C ARG C 165 -41.54 2.38 -2.74
N GLY C 166 -41.77 3.44 -3.51
CA GLY C 166 -40.77 3.99 -4.41
C GLY C 166 -39.60 4.64 -3.70
N LEU C 167 -39.94 5.56 -2.79
CA LEU C 167 -38.93 6.28 -2.00
C LEU C 167 -38.20 5.33 -1.08
N SER C 168 -38.87 4.26 -0.67
CA SER C 168 -38.21 3.23 0.12
C SER C 168 -37.06 2.61 -0.71
N VAL C 169 -37.25 2.48 -2.02
CA VAL C 169 -36.22 1.94 -2.89
C VAL C 169 -35.18 3.00 -3.17
N THR C 170 -35.60 4.17 -3.65
CA THR C 170 -34.63 5.18 -4.10
C THR C 170 -33.78 5.77 -2.97
N SER C 171 -34.36 5.88 -1.77
CA SER C 171 -33.66 6.39 -0.59
C SER C 171 -32.62 5.35 -0.14
N ALA C 172 -32.99 4.07 -0.20
CA ALA C 172 -32.06 3.02 0.12
C ALA C 172 -30.87 3.06 -0.84
N LEU C 173 -31.13 3.37 -2.11
CA LEU C 173 -30.04 3.45 -3.07
C LEU C 173 -29.18 4.69 -2.84
N ASN C 174 -29.81 5.76 -2.39
CA ASN C 174 -29.09 6.96 -2.01
C ASN C 174 -28.08 6.56 -0.94
N ALA C 175 -28.52 5.73 0.01
CA ALA C 175 -27.67 5.31 1.12
C ALA C 175 -26.51 4.47 0.62
N ILE C 176 -26.81 3.47 -0.21
CA ILE C 176 -25.78 2.60 -0.76
C ILE C 176 -24.68 3.35 -1.51
N ALA C 177 -25.06 4.43 -2.16
CA ALA C 177 -24.15 5.28 -2.91
C ALA C 177 -23.10 5.80 -1.98
N HIS C 178 -23.49 6.19 -0.76
CA HIS C 178 -22.53 6.72 0.22
C HIS C 178 -21.49 5.67 0.55
N ALA C 179 -21.93 4.43 0.82
CA ALA C 179 -20.98 3.38 1.18
C ALA C 179 -20.15 2.99 -0.05
N ALA C 180 -20.77 2.97 -1.22
CA ALA C 180 -20.06 2.59 -2.45
C ALA C 180 -18.86 3.52 -2.72
N GLU C 181 -19.09 4.84 -2.71
CA GLU C 181 -17.97 5.78 -2.89
C GLU C 181 -17.01 5.80 -1.69
N GLY C 182 -17.53 5.58 -0.48
CA GLY C 182 -16.64 5.51 0.68
C GLY C 182 -15.60 4.43 0.51
N LEU C 183 -15.97 3.34 -0.15
CA LEU C 183 -15.04 2.23 -0.36
C LEU C 183 -13.84 2.58 -1.23
N TYR C 184 -13.98 3.58 -2.07
CA TYR C 184 -12.88 4.00 -2.91
C TYR C 184 -12.43 5.43 -2.68
N ALA C 185 -12.84 6.00 -1.55
CA ALA C 185 -12.45 7.35 -1.19
C ALA C 185 -10.93 7.47 -1.12
N ARG C 186 -10.46 8.64 -1.47
CA ARG C 186 -9.04 8.93 -1.37
C ARG C 186 -8.55 8.74 0.08
N ASP C 187 -9.41 9.01 1.06
CA ASP C 187 -9.10 8.85 2.49
C ASP C 187 -9.84 7.67 3.11
N ALA C 188 -10.01 6.60 2.34
CA ALA C 188 -10.66 5.41 2.83
C ALA C 188 -9.81 4.89 3.96
N ASN C 189 -10.44 4.22 4.91
CA ASN C 189 -9.72 3.59 6.01
C ASN C 189 -10.49 2.30 6.28
N PRO C 190 -9.85 1.32 6.92
CA PRO C 190 -10.51 0.01 7.04
C PRO C 190 -11.75 -0.09 7.89
N VAL C 191 -11.90 0.82 8.86
CA VAL C 191 -13.06 0.79 9.72
C VAL C 191 -14.23 1.36 8.93
N SER C 193 -14.49 1.28 5.74
CA SER C 193 -14.79 0.29 4.69
C SER C 193 -15.61 -0.87 5.22
N LEU C 194 -15.32 -1.27 6.45
CA LEU C 194 -16.03 -2.38 7.08
C LEU C 194 -17.50 -2.00 7.28
N ALA C 196 -19.10 0.32 5.59
CA ALA C 196 -19.66 0.53 4.28
C ALA C 196 -20.14 -0.77 3.69
N GLU C 197 -19.34 -1.82 3.83
CA GLU C 197 -19.73 -3.09 3.26
C GLU C 197 -20.92 -3.70 4.04
N GLU C 198 -20.88 -3.57 5.37
CA GLU C 198 -21.94 -4.06 6.22
C GLU C 198 -23.24 -3.32 5.92
N GLY C 199 -23.15 -2.02 5.71
CA GLY C 199 -24.33 -1.22 5.37
C GLY C 199 -24.94 -1.56 4.01
N ILE C 200 -24.10 -1.77 3.00
CA ILE C 200 -24.63 -2.14 1.68
C ILE C 200 -25.28 -3.52 1.79
N ARG C 201 -24.65 -4.39 2.54
CA ARG C 201 -25.15 -5.74 2.74
C ARG C 201 -26.57 -5.67 3.32
N ALA C 202 -26.76 -4.77 4.30
CA ALA C 202 -28.03 -4.63 4.98
C ALA C 202 -29.08 -4.11 4.02
N LEU C 203 -28.74 -3.05 3.28
CA LEU C 203 -29.70 -2.43 2.36
C LEU C 203 -30.03 -3.30 1.14
N ALA C 204 -29.05 -4.08 0.71
CA ALA C 204 -29.22 -4.96 -0.42
C ALA C 204 -30.25 -6.06 -0.10
N ALA C 205 -30.26 -6.53 1.14
CA ALA C 205 -31.20 -7.55 1.56
C ALA C 205 -32.55 -6.92 1.93
N GLY C 206 -32.47 -5.74 2.54
CA GLY C 206 -33.66 -5.05 3.01
C GLY C 206 -34.58 -4.56 1.93
N ILE C 207 -34.01 -4.01 0.87
CA ILE C 207 -34.77 -3.45 -0.22
C ILE C 207 -35.89 -4.39 -0.72
N PRO C 208 -35.53 -5.61 -1.13
CA PRO C 208 -36.58 -6.51 -1.57
C PRO C 208 -37.51 -6.92 -0.44
N ALA C 209 -36.96 -7.06 0.77
CA ALA C 209 -37.77 -7.45 1.91
C ALA C 209 -38.83 -6.38 2.15
N VAL C 210 -38.43 -5.11 2.08
CA VAL C 210 -39.36 -4.01 2.30
C VAL C 210 -40.38 -3.94 1.16
N PHE C 211 -39.89 -4.15 -0.06
CA PHE C 211 -40.76 -4.16 -1.22
C PHE C 211 -41.87 -5.21 -1.08
N ASN C 212 -41.49 -6.39 -0.58
CA ASN C 212 -42.42 -7.50 -0.38
C ASN C 212 -43.43 -7.20 0.73
N ASP C 213 -43.01 -6.50 1.78
CA ASP C 213 -43.88 -6.14 2.90
C ASP C 213 -43.36 -4.93 3.67
N PRO C 214 -43.88 -3.74 3.35
CA PRO C 214 -43.42 -2.56 4.04
C PRO C 214 -43.65 -2.56 5.57
N ALA C 215 -44.60 -3.37 6.05
CA ALA C 215 -44.89 -3.45 7.49
C ALA C 215 -43.94 -4.40 8.21
N ASP C 216 -43.09 -5.12 7.48
CA ASP C 216 -42.15 -6.02 8.10
C ASP C 216 -41.16 -5.19 8.91
N LEU C 217 -41.25 -5.25 10.23
CA LEU C 217 -40.38 -4.43 11.06
C LEU C 217 -38.92 -4.90 10.98
N ASP C 218 -38.69 -6.18 10.68
CA ASP C 218 -37.30 -6.67 10.55
C ASP C 218 -36.64 -6.11 9.32
N ALA C 219 -37.38 -6.09 8.21
CA ALA C 219 -36.90 -5.53 6.96
C ALA C 219 -36.64 -4.06 7.18
N ARG C 220 -37.61 -3.37 7.80
CA ARG C 220 -37.43 -1.94 8.03
C ARG C 220 -36.23 -1.68 8.93
N SER C 221 -35.99 -2.56 9.89
CA SER C 221 -34.84 -2.41 10.78
C SER C 221 -33.56 -2.55 10.07
N GLN C 222 -33.52 -3.55 9.22
CA GLN C 222 -32.38 -3.84 8.39
C GLN C 222 -32.01 -2.63 7.51
N CYS C 223 -33.00 -1.98 6.89
CA CYS C 223 -32.70 -0.79 6.06
C CYS C 223 -32.24 0.40 6.88
N LEU C 224 -32.82 0.58 8.07
CA LEU C 224 -32.45 1.74 8.86
C LEU C 224 -31.04 1.55 9.40
N TYR C 225 -30.72 0.35 9.83
CA TYR C 225 -29.38 0.02 10.27
C TYR C 225 -28.34 0.26 9.16
N GLY C 226 -28.68 -0.12 7.94
CA GLY C 226 -27.79 0.09 6.81
C GLY C 226 -27.65 1.57 6.50
N ALA C 227 -28.73 2.31 6.60
CA ALA C 227 -28.71 3.74 6.30
C ALA C 227 -27.83 4.45 7.31
N TRP C 228 -27.83 3.94 8.54
CA TRP C 228 -26.99 4.52 9.58
C TRP C 228 -25.49 4.35 9.30
N LEU C 229 -25.12 3.14 8.92
CA LEU C 229 -23.74 2.80 8.60
C LEU C 229 -23.29 3.58 7.38
N CYS C 230 -24.13 3.61 6.34
CA CYS C 230 -23.86 4.37 5.12
C CYS C 230 -23.75 5.85 5.44
N GLY C 231 -24.60 6.36 6.34
CA GLY C 231 -24.49 7.78 6.75
C GLY C 231 -23.17 8.08 7.45
N THR C 232 -22.72 7.15 8.28
CA THR C 232 -21.45 7.29 9.02
C THR C 232 -20.25 7.41 8.05
N VAL C 233 -20.30 6.60 6.99
CA VAL C 233 -19.33 6.60 5.93
C VAL C 233 -19.36 7.97 5.19
N LEU C 234 -20.56 8.43 4.86
CA LEU C 234 -20.75 9.74 4.24
C LEU C 234 -20.09 10.81 5.13
N GLY C 235 -20.24 10.64 6.45
CA GLY C 235 -19.73 11.61 7.41
C GLY C 235 -18.26 11.46 7.74
N GLY C 236 -17.59 10.45 7.20
CA GLY C 236 -16.21 10.16 7.61
C GLY C 236 -15.13 10.11 6.55
N VAL C 237 -15.52 9.87 5.31
CA VAL C 237 -14.57 9.86 4.24
C VAL C 237 -15.12 10.68 3.08
N GLY C 238 -14.25 11.07 2.15
CA GLY C 238 -14.68 11.88 1.00
C GLY C 238 -15.37 11.12 -0.13
N ALA C 240 -17.10 11.21 -4.21
CA ALA C 240 -16.44 11.56 -5.48
C ALA C 240 -17.46 11.75 -6.62
N LEU C 241 -17.16 11.19 -7.79
CA LEU C 241 -17.97 11.42 -8.98
C LEU C 241 -19.49 11.38 -8.76
N HIS C 242 -19.97 10.30 -8.14
CA HIS C 242 -21.40 10.12 -7.98
C HIS C 242 -22.10 11.25 -7.23
N HIS C 243 -21.53 11.61 -6.10
CA HIS C 243 -22.12 12.66 -5.27
C HIS C 243 -21.97 14.01 -5.93
N LYS C 244 -20.85 14.26 -6.60
CA LYS C 244 -20.68 15.53 -7.32
C LYS C 244 -21.68 15.66 -8.47
N LEU C 245 -21.88 14.58 -9.23
CA LEU C 245 -22.76 14.59 -10.37
C LEU C 245 -24.20 14.81 -9.91
N CYS C 246 -24.57 14.10 -8.84
CA CYS C 246 -25.90 14.23 -8.28
C CYS C 246 -26.18 15.67 -7.80
N HIS C 247 -25.18 16.34 -7.23
CA HIS C 247 -25.29 17.73 -6.81
C HIS C 247 -25.51 18.63 -8.06
N THR C 248 -24.81 18.36 -9.15
CA THR C 248 -25.00 19.15 -10.37
C THR C 248 -26.40 18.97 -10.94
N LEU C 249 -26.84 17.72 -11.03
CA LEU C 249 -28.14 17.40 -11.60
C LEU C 249 -29.29 17.91 -10.74
N GLY C 250 -29.16 17.72 -9.43
CA GLY C 250 -30.18 18.18 -8.50
C GLY C 250 -30.19 19.70 -8.39
N GLY C 251 -29.01 20.32 -8.43
CA GLY C 251 -28.88 21.76 -8.25
C GLY C 251 -29.19 22.63 -9.47
N SER C 252 -28.47 22.38 -10.55
CA SER C 252 -28.64 23.18 -11.77
C SER C 252 -29.84 22.75 -12.61
N PHE C 253 -30.40 21.57 -12.34
CA PHE C 253 -31.50 21.08 -13.16
C PHE C 253 -32.70 20.69 -12.35
N ASN C 254 -32.65 20.95 -11.03
CA ASN C 254 -33.75 20.69 -10.12
CA ASN C 254 -33.77 20.71 -10.16
C ASN C 254 -34.34 19.28 -10.26
N LEU C 255 -33.48 18.29 -10.48
CA LEU C 255 -33.98 16.93 -10.54
C LEU C 255 -34.21 16.42 -9.11
N PRO C 256 -35.15 15.50 -8.93
CA PRO C 256 -35.44 15.02 -7.56
C PRO C 256 -34.30 14.18 -6.98
N HIS C 257 -33.95 14.45 -5.73
CA HIS C 257 -32.79 13.86 -5.04
C HIS C 257 -32.62 12.33 -5.01
N ALA C 258 -33.49 11.60 -4.31
CA ALA C 258 -33.30 10.15 -4.20
C ALA C 258 -33.34 9.45 -5.56
N GLU C 259 -34.21 9.95 -6.44
CA GLU C 259 -34.38 9.39 -7.77
C GLU C 259 -33.11 9.60 -8.62
N THR C 260 -32.52 10.79 -8.52
CA THR C 260 -31.29 11.09 -9.23
C THR C 260 -30.18 10.12 -8.80
N HIS C 261 -29.90 10.08 -7.50
CA HIS C 261 -28.93 9.13 -6.94
C HIS C 261 -29.16 7.71 -7.49
N THR C 262 -30.41 7.27 -7.50
CA THR C 262 -30.74 5.93 -7.98
C THR C 262 -30.33 5.73 -9.44
N ILE C 263 -30.62 6.70 -10.27
CA ILE C 263 -30.39 6.61 -11.68
C ILE C 263 -28.91 6.70 -12.01
N VAL C 264 -28.21 7.58 -11.29
CA VAL C 264 -26.81 7.85 -11.58
C VAL C 264 -25.86 6.80 -11.01
N LEU C 265 -26.17 6.25 -9.83
CA LEU C 265 -25.23 5.33 -9.21
C LEU C 265 -24.61 4.31 -10.14
N PRO C 266 -25.42 3.53 -10.85
CA PRO C 266 -24.80 2.51 -11.66
C PRO C 266 -23.81 3.08 -12.73
N HIS C 267 -24.12 4.23 -13.29
CA HIS C 267 -23.23 4.79 -14.32
C HIS C 267 -21.99 5.41 -13.75
N ALA C 268 -22.07 5.99 -12.55
CA ALA C 268 -20.89 6.56 -11.90
C ALA C 268 -19.96 5.40 -11.48
N LEU C 269 -20.56 4.29 -11.04
CA LEU C 269 -19.79 3.12 -10.68
C LEU C 269 -19.12 2.57 -11.91
N ALA C 270 -19.86 2.46 -13.02
CA ALA C 270 -19.30 1.94 -14.27
C ALA C 270 -18.11 2.79 -14.72
N TYR C 271 -18.24 4.12 -14.61
CA TYR C 271 -17.16 5.07 -14.97
C TYR C 271 -15.88 4.75 -14.16
N ASN C 272 -16.02 4.52 -12.86
CA ASN C 272 -14.88 4.26 -11.98
C ASN C 272 -14.43 2.79 -11.80
N ALA C 273 -15.26 1.84 -12.21
CA ALA C 273 -15.03 0.42 -11.94
C ALA C 273 -13.63 -0.11 -12.27
N ALA C 274 -13.15 0.16 -13.47
CA ALA C 274 -11.83 -0.35 -13.88
C ALA C 274 -10.67 0.13 -12.99
N ALA C 275 -10.82 1.33 -12.43
CA ALA C 275 -9.77 1.95 -11.62
C ALA C 275 -9.68 1.42 -10.19
N VAL C 276 -10.81 1.01 -9.63
CA VAL C 276 -10.90 0.52 -8.25
C VAL C 276 -11.51 -0.88 -8.10
N PRO C 277 -10.80 -1.89 -8.64
CA PRO C 277 -11.37 -3.22 -8.64
C PRO C 277 -11.57 -3.84 -7.26
N GLU C 278 -10.73 -3.46 -6.32
CA GLU C 278 -10.91 -3.98 -4.98
C GLU C 278 -12.18 -3.45 -4.35
N ALA C 279 -12.51 -2.17 -4.56
CA ALA C 279 -13.77 -1.58 -4.06
C ALA C 279 -14.96 -2.25 -4.72
N ALA C 281 -15.20 -5.21 -5.97
CA ALA C 281 -15.38 -6.58 -5.47
C ALA C 281 -16.12 -6.60 -4.14
N ARG C 282 -15.86 -5.61 -3.29
CA ARG C 282 -16.56 -5.57 -2.01
C ARG C 282 -18.04 -5.17 -2.22
N ILE C 283 -18.31 -4.33 -3.20
CA ILE C 283 -19.68 -3.88 -3.49
C ILE C 283 -20.43 -5.08 -4.06
N ARG C 284 -19.73 -5.81 -4.92
CA ARG C 284 -20.28 -7.03 -5.53
C ARG C 284 -20.61 -8.08 -4.49
N ARG C 285 -19.74 -8.24 -3.51
CA ARG C 285 -19.95 -9.24 -2.48
C ARG C 285 -21.13 -8.87 -1.62
N ALA C 286 -21.17 -7.62 -1.19
CA ALA C 286 -22.23 -7.13 -0.34
C ALA C 286 -23.59 -7.13 -1.05
N THR C 287 -23.65 -7.00 -2.36
CA THR C 287 -24.94 -6.94 -3.05
C THR C 287 -25.33 -8.28 -3.68
N GLY C 288 -24.51 -9.31 -3.50
CA GLY C 288 -24.78 -10.62 -4.07
C GLY C 288 -24.74 -10.60 -5.57
N ALA C 289 -23.84 -9.80 -6.15
CA ALA C 289 -23.70 -9.65 -7.59
C ALA C 289 -23.27 -10.91 -8.31
N GLY C 290 -22.49 -11.75 -7.64
CA GLY C 290 -21.95 -12.94 -8.26
C GLY C 290 -20.99 -12.51 -9.33
N GLU C 291 -21.16 -13.01 -10.54
CA GLU C 291 -20.27 -12.66 -11.63
C GLU C 291 -20.65 -11.34 -12.29
N GLN C 292 -21.84 -10.83 -12.02
CA GLN C 292 -22.26 -9.53 -12.56
C GLN C 292 -21.41 -8.39 -11.99
N SER C 293 -21.32 -7.30 -12.73
CA SER C 293 -20.68 -6.09 -12.25
C SER C 293 -21.51 -5.46 -11.15
N ALA C 294 -20.88 -4.56 -10.42
CA ALA C 294 -21.56 -3.82 -9.38
C ALA C 294 -22.59 -2.89 -10.04
N ALA C 295 -22.18 -2.23 -11.11
CA ALA C 295 -23.08 -1.31 -11.80
C ALA C 295 -24.35 -2.00 -12.26
N ALA C 296 -24.23 -3.18 -12.87
CA ALA C 296 -25.41 -3.86 -13.40
C ALA C 296 -26.28 -4.35 -12.25
N THR C 297 -25.65 -4.79 -11.17
CA THR C 297 -26.39 -5.33 -10.05
C THR C 297 -27.21 -4.20 -9.37
N LEU C 298 -26.61 -3.02 -9.27
CA LEU C 298 -27.28 -1.88 -8.65
C LEU C 298 -28.35 -1.30 -9.55
N PHE C 299 -28.16 -1.39 -10.88
CA PHE C 299 -29.19 -0.98 -11.81
C PHE C 299 -30.42 -1.88 -11.64
N ASP C 300 -30.20 -3.17 -11.50
CA ASP C 300 -31.28 -4.13 -11.35
C ASP C 300 -32.01 -3.94 -10.03
N LEU C 301 -31.26 -3.70 -8.96
CA LEU C 301 -31.84 -3.49 -7.66
C LEU C 301 -32.91 -2.40 -7.74
N ALA C 302 -32.63 -1.35 -8.51
CA ALA C 302 -33.60 -0.27 -8.72
C ALA C 302 -34.71 -0.72 -9.66
N GLN C 303 -34.33 -1.11 -10.88
CA GLN C 303 -35.33 -1.49 -11.87
C GLN C 303 -36.28 -2.57 -11.37
N ARG C 304 -35.74 -3.63 -10.78
CA ARG C 304 -36.53 -4.74 -10.27
C ARG C 304 -37.57 -4.28 -9.27
N HIS C 305 -37.29 -3.21 -8.55
CA HIS C 305 -38.24 -2.77 -7.56
C HIS C 305 -39.01 -1.52 -7.95
N GLY C 306 -39.17 -1.34 -9.24
CA GLY C 306 -39.97 -0.23 -9.75
C GLY C 306 -39.40 1.16 -9.64
N ALA C 307 -38.15 1.32 -9.24
CA ALA C 307 -37.55 2.67 -9.15
C ALA C 307 -37.28 3.12 -10.59
N PRO C 308 -37.21 4.46 -10.84
CA PRO C 308 -36.91 4.87 -12.20
C PRO C 308 -35.42 4.66 -12.45
N VAL C 309 -35.04 4.43 -13.71
CA VAL C 309 -33.69 4.17 -14.10
C VAL C 309 -33.15 5.08 -15.19
N ALA C 310 -33.98 6.03 -15.66
CA ALA C 310 -33.61 6.96 -16.76
C ALA C 310 -33.83 8.39 -16.33
N LEU C 311 -32.85 9.27 -16.53
CA LEU C 311 -33.01 10.67 -16.10
C LEU C 311 -34.16 11.36 -16.83
N ARG C 312 -34.47 10.89 -18.03
CA ARG C 312 -35.55 11.46 -18.81
C ARG C 312 -36.92 11.24 -18.18
N ASP C 313 -37.02 10.26 -17.27
CA ASP C 313 -38.31 9.94 -16.62
C ASP C 313 -38.56 10.70 -15.33
N ILE C 314 -37.58 11.45 -14.87
CA ILE C 314 -37.73 12.25 -13.66
C ILE C 314 -37.45 13.69 -14.05
N GLY C 315 -37.74 14.01 -15.31
CA GLY C 315 -37.71 15.39 -15.79
C GLY C 315 -36.45 16.06 -16.32
N ARG C 317 -34.03 17.08 -19.45
CA ARG C 317 -34.18 17.29 -20.90
C ARG C 317 -32.88 16.92 -21.59
N GLU C 318 -32.96 16.09 -22.63
CA GLU C 318 -31.77 15.67 -23.38
C GLU C 318 -31.01 16.89 -23.88
N GLU C 319 -31.76 17.92 -24.23
CA GLU C 319 -31.21 19.18 -24.73
C GLU C 319 -30.18 19.74 -23.73
N ASP C 320 -30.37 19.43 -22.45
CA ASP C 320 -29.52 19.98 -21.39
C ASP C 320 -28.35 19.13 -20.91
N LEU C 321 -28.18 17.94 -21.47
CA LEU C 321 -27.09 17.06 -21.06
C LEU C 321 -25.74 17.72 -21.27
N ASP C 322 -25.59 18.37 -22.42
CA ASP C 322 -24.37 19.09 -22.74
C ASP C 322 -24.00 20.09 -21.66
N ARG C 323 -24.97 20.87 -21.17
CA ARG C 323 -24.66 21.86 -20.14
C ARG C 323 -24.28 21.19 -18.84
N ALA C 324 -24.99 20.10 -18.53
CA ALA C 324 -24.74 19.34 -17.31
C ALA C 324 -23.31 18.90 -17.36
N ALA C 325 -22.91 18.28 -18.48
CA ALA C 325 -21.53 17.79 -18.65
C ALA C 325 -20.53 18.92 -18.44
N ASP C 326 -20.84 20.09 -18.97
CA ASP C 326 -20.00 21.26 -18.78
C ASP C 326 -19.80 21.61 -17.31
N ILE C 327 -20.89 21.66 -16.55
CA ILE C 327 -20.80 22.01 -15.13
C ILE C 327 -20.09 20.89 -14.36
N ALA C 328 -20.25 19.65 -14.81
CA ALA C 328 -19.59 18.50 -14.16
C ALA C 328 -18.09 18.62 -14.27
N LEU C 329 -17.61 19.26 -15.33
CA LEU C 329 -16.18 19.48 -15.55
CA LEU C 329 -16.17 19.45 -15.54
C LEU C 329 -15.69 20.81 -15.01
N ALA C 330 -16.64 21.68 -14.65
CA ALA C 330 -16.39 23.04 -14.13
C ALA C 330 -15.33 23.15 -13.03
N SER C 331 -15.51 22.41 -11.96
CA SER C 331 -14.54 22.49 -10.87
C SER C 331 -13.88 21.15 -10.53
N PRO C 332 -12.57 21.20 -10.33
CA PRO C 332 -11.78 20.02 -10.03
C PRO C 332 -12.02 19.40 -8.67
N TYR C 333 -12.02 18.08 -8.61
CA TYR C 333 -12.15 17.35 -7.36
C TYR C 333 -11.53 15.98 -7.61
N TRP C 334 -11.07 15.34 -6.55
CA TRP C 334 -10.42 14.05 -6.75
C TRP C 334 -11.42 12.93 -7.10
N ASN C 335 -11.04 12.09 -8.06
CA ASN C 335 -11.83 10.89 -8.41
C ASN C 335 -10.87 9.79 -8.89
N PRO C 336 -11.16 8.51 -8.60
CA PRO C 336 -10.23 7.44 -8.98
C PRO C 336 -9.86 7.41 -10.45
N ARG C 337 -10.75 7.84 -11.31
CA ARG C 337 -10.44 7.93 -12.72
C ARG C 337 -10.65 9.38 -13.08
N PRO C 338 -9.67 9.99 -13.74
CA PRO C 338 -9.80 11.38 -14.15
C PRO C 338 -11.13 11.71 -14.82
N ILE C 339 -11.67 12.87 -14.44
CA ILE C 339 -12.94 13.34 -14.97
C ILE C 339 -12.60 14.00 -16.30
N GLU C 340 -13.26 13.57 -17.36
CA GLU C 340 -13.04 14.10 -18.69
C GLU C 340 -14.43 14.31 -19.30
N ARG C 341 -14.58 15.37 -20.08
CA ARG C 341 -15.88 15.71 -20.68
C ARG C 341 -16.51 14.61 -21.54
N GLU C 342 -15.77 14.07 -22.49
CA GLU C 342 -16.33 13.05 -23.38
C GLU C 342 -16.96 11.85 -22.63
N PRO C 343 -16.19 11.14 -21.77
CA PRO C 343 -16.81 10.00 -21.07
C PRO C 343 -17.87 10.41 -20.04
N ILE C 344 -17.73 11.60 -19.45
CA ILE C 344 -18.72 12.11 -18.49
C ILE C 344 -20.01 12.41 -19.26
N ARG C 345 -19.88 12.94 -20.47
CA ARG C 345 -21.05 13.26 -21.34
C ARG C 345 -21.75 11.98 -21.78
N ALA C 346 -20.94 10.96 -22.05
CA ALA C 346 -21.42 9.62 -22.39
C ALA C 346 -22.08 8.94 -21.18
N LEU C 347 -21.60 9.26 -19.98
CA LEU C 347 -22.20 8.74 -18.75
C LEU C 347 -23.61 9.33 -18.63
N LEU C 348 -23.69 10.64 -18.80
CA LEU C 348 -24.95 11.37 -18.70
C LEU C 348 -25.97 10.87 -19.71
N GLN C 349 -25.50 10.55 -20.91
CA GLN C 349 -26.36 10.04 -21.96
C GLN C 349 -26.90 8.66 -21.60
N ALA C 350 -26.07 7.80 -21.02
CA ALA C 350 -26.53 6.48 -20.64
C ALA C 350 -27.53 6.62 -19.47
N ALA C 351 -27.24 7.54 -18.56
CA ALA C 351 -28.10 7.78 -17.41
C ALA C 351 -29.44 8.34 -17.89
N TYR C 352 -29.39 9.24 -18.88
CA TYR C 352 -30.61 9.85 -19.43
C TYR C 352 -31.55 8.84 -20.03
N GLU C 353 -30.98 7.85 -20.71
CA GLU C 353 -31.79 6.86 -21.42
C GLU C 353 -32.13 5.62 -20.63
N GLY C 354 -31.43 5.35 -19.54
CA GLY C 354 -31.70 4.14 -18.75
C GLY C 354 -31.09 2.89 -19.35
N VAL C 355 -29.94 3.05 -20.01
CA VAL C 355 -29.20 1.91 -20.58
C VAL C 355 -28.62 1.09 -19.40
N ARG C 356 -28.96 -0.19 -19.32
CA ARG C 356 -28.44 -1.03 -18.27
C ARG C 356 -26.97 -1.24 -18.49
N PRO C 357 -26.15 -0.94 -17.49
CA PRO C 357 -24.72 -1.14 -17.69
C PRO C 357 -24.38 -2.61 -17.89
N ASP C 358 -23.27 -2.86 -18.59
CA ASP C 358 -22.78 -4.20 -18.79
C ASP C 358 -22.41 -4.77 -17.42
N SER D 5 -31.95 -9.05 15.36
CA SER D 5 -32.68 -7.75 15.16
C SER D 5 -33.24 -7.13 16.47
N GLN D 6 -32.47 -7.24 17.55
CA GLN D 6 -32.88 -6.73 18.87
C GLN D 6 -32.54 -5.24 18.99
N PRO D 7 -33.09 -4.56 20.02
CA PRO D 7 -32.78 -3.13 20.16
C PRO D 7 -31.40 -2.92 20.75
N PHE D 8 -30.81 -1.75 20.57
CA PHE D 8 -29.53 -1.46 21.21
C PHE D 8 -29.28 0.01 21.35
N ILE D 9 -28.22 0.34 22.12
CA ILE D 9 -27.70 1.68 22.24
C ILE D 9 -26.23 1.62 21.87
N TYR D 10 -25.83 2.50 20.96
CA TYR D 10 -24.43 2.60 20.53
C TYR D 10 -23.92 3.99 20.84
N GLU D 11 -22.71 4.07 21.37
CA GLU D 11 -22.03 5.35 21.56
C GLU D 11 -20.60 5.28 21.00
N ALA D 12 -20.20 6.37 20.39
CA ALA D 12 -18.87 6.51 19.88
C ALA D 12 -18.22 7.72 20.58
N HIS D 13 -16.96 7.57 20.97
CA HIS D 13 -16.18 8.67 21.48
C HIS D 13 -15.57 9.35 20.25
N ALA D 14 -15.28 10.63 20.38
CA ALA D 14 -14.50 11.31 19.37
C ALA D 14 -13.12 10.64 19.39
N ALA D 15 -12.51 10.53 18.22
CA ALA D 15 -11.21 9.91 18.10
C ALA D 15 -10.48 10.44 16.88
N ARG D 16 -9.16 10.43 16.94
CA ARG D 16 -8.33 10.74 15.76
C ARG D 16 -7.21 9.74 15.83
N VAL D 17 -7.11 8.89 14.81
CA VAL D 17 -6.15 7.81 14.78
C VAL D 17 -5.28 7.89 13.52
N VAL D 18 -3.99 8.10 13.75
CA VAL D 18 -3.05 8.21 12.69
C VAL D 18 -2.35 6.88 12.69
N PHE D 19 -2.52 6.13 11.60
CA PHE D 19 -2.00 4.75 11.51
C PHE D 19 -1.05 4.44 10.36
N GLY D 20 0.09 3.83 10.70
CA GLY D 20 1.01 3.31 9.71
C GLY D 20 2.46 3.37 10.10
N ALA D 21 3.25 2.48 9.53
CA ALA D 21 4.71 2.46 9.69
C ALA D 21 5.23 3.87 9.46
N GLY D 22 5.94 4.39 10.45
CA GLY D 22 6.55 5.72 10.33
C GLY D 22 5.68 6.86 10.79
N SER D 23 4.48 6.54 11.31
CA SER D 23 3.53 7.57 11.74
C SER D 23 4.04 8.40 12.89
N SER D 24 4.90 7.83 13.75
CA SER D 24 5.44 8.60 14.87
C SER D 24 6.23 9.81 14.43
N SER D 25 6.75 9.78 13.22
CA SER D 25 7.43 10.96 12.68
C SER D 25 6.47 12.12 12.50
N GLN D 26 5.16 11.91 12.57
CA GLN D 26 4.26 13.06 12.42
C GLN D 26 3.87 13.63 13.79
N VAL D 27 4.57 13.23 14.86
CA VAL D 27 4.17 13.63 16.20
C VAL D 27 4.18 15.14 16.38
N ALA D 28 5.17 15.83 15.80
CA ALA D 28 5.20 17.30 15.91
C ALA D 28 3.93 17.91 15.31
N ALA D 29 3.62 17.57 14.07
CA ALA D 29 2.42 18.10 13.46
C ALA D 29 1.17 17.81 14.33
N GLU D 30 1.06 16.61 14.88
CA GLU D 30 -0.13 16.25 15.67
C GLU D 30 -0.25 17.00 17.02
N VAL D 31 0.88 17.30 17.65
CA VAL D 31 0.87 18.06 18.90
C VAL D 31 0.43 19.47 18.56
N GLU D 32 1.01 20.01 17.51
CA GLU D 32 0.66 21.33 17.01
C GLU D 32 -0.81 21.45 16.66
N ARG D 33 -1.33 20.47 15.95
CA ARG D 33 -2.71 20.47 15.50
C ARG D 33 -3.69 20.68 16.64
N LEU D 34 -3.34 20.23 17.83
CA LEU D 34 -4.14 20.41 18.99
C LEU D 34 -3.86 21.79 19.61
N GLY D 35 -2.87 22.50 19.09
CA GLY D 35 -2.47 23.79 19.62
C GLY D 35 -1.63 23.72 20.89
N ALA D 36 -0.87 22.65 21.08
CA ALA D 36 -0.01 22.55 22.26
C ALA D 36 1.38 23.06 21.88
N LYS D 37 2.03 23.78 22.79
CA LYS D 37 3.35 24.29 22.52
C LYS D 37 4.41 23.65 23.42
N ARG D 38 4.01 22.89 24.45
CA ARG D 38 4.97 22.27 25.39
C ARG D 38 4.57 20.86 25.79
N ALA D 39 5.05 19.87 25.05
CA ALA D 39 4.68 18.49 25.28
C ALA D 39 5.67 17.70 26.16
N LEU D 40 5.22 17.18 27.31
CA LEU D 40 6.08 16.31 28.13
C LEU D 40 5.97 14.88 27.59
N VAL D 41 7.10 14.26 27.28
CA VAL D 41 7.08 12.87 26.82
C VAL D 41 7.21 11.91 28.03
N LEU D 42 6.37 10.88 28.04
CA LEU D 42 6.32 9.93 29.16
C LEU D 42 6.75 8.53 28.74
N CYS D 43 7.46 7.86 29.64
CA CYS D 43 7.86 6.48 29.39
C CYS D 43 8.33 5.81 30.65
N THR D 44 8.47 4.50 30.56
CA THR D 44 9.06 3.71 31.61
C THR D 44 10.59 3.86 31.44
N PRO D 45 11.37 3.41 32.43
CA PRO D 45 12.80 3.47 32.25
C PRO D 45 13.29 2.60 31.10
N ASN D 46 12.63 1.48 30.82
CA ASN D 46 13.03 0.59 29.70
C ASN D 46 12.87 1.23 28.29
N GLN D 47 12.06 2.26 28.17
CA GLN D 47 11.79 2.85 26.85
C GLN D 47 12.27 4.30 26.73
N GLN D 48 13.37 4.65 27.39
CA GLN D 48 13.89 6.00 27.26
C GLN D 48 14.44 6.32 25.88
N ALA D 49 15.04 5.34 25.19
CA ALA D 49 15.59 5.61 23.85
C ALA D 49 14.47 6.10 22.96
N GLU D 50 13.37 5.36 22.98
CA GLU D 50 12.22 5.66 22.15
C GLU D 50 11.62 7.00 22.53
N ALA D 51 11.63 7.31 23.83
CA ALA D 51 11.06 8.54 24.33
C ALA D 51 11.88 9.72 23.85
N GLU D 52 13.20 9.56 23.93
CA GLU D 52 14.14 10.59 23.49
C GLU D 52 14.01 10.85 22.00
N ARG D 53 13.82 9.80 21.20
CA ARG D 53 13.59 10.04 19.77
C ARG D 53 12.30 10.86 19.57
N ILE D 54 11.24 10.54 20.30
CA ILE D 54 10.03 11.35 20.15
C ILE D 54 10.29 12.79 20.63
N ALA D 55 11.09 12.92 21.69
CA ALA D 55 11.41 14.21 22.22
C ALA D 55 12.10 15.04 21.12
N ASP D 56 13.01 14.41 20.37
CA ASP D 56 13.70 15.07 19.25
C ASP D 56 12.78 15.44 18.11
N LEU D 57 11.95 14.50 17.69
CA LEU D 57 10.99 14.76 16.63
C LEU D 57 10.11 15.98 17.00
N LEU D 58 9.75 16.12 18.28
CA LEU D 58 8.97 17.27 18.75
C LEU D 58 9.78 18.56 18.70
N GLY D 59 11.10 18.44 18.93
CA GLY D 59 12.06 19.56 18.84
C GLY D 59 11.68 20.77 19.68
N PRO D 60 11.25 21.87 19.02
CA PRO D 60 10.89 23.04 19.81
C PRO D 60 9.62 22.85 20.65
N LEU D 61 8.74 21.92 20.25
CA LEU D 61 7.52 21.65 21.01
C LEU D 61 7.77 20.78 22.26
N SER D 62 8.99 20.26 22.41
CA SER D 62 9.30 19.37 23.51
C SER D 62 9.50 20.03 24.84
N ALA D 63 8.94 19.41 25.88
CA ALA D 63 9.10 19.90 27.25
C ALA D 63 9.99 18.91 28.00
N GLY D 64 10.70 18.06 27.26
CA GLY D 64 11.57 17.05 27.87
C GLY D 64 10.90 15.68 28.01
N VAL D 65 11.52 14.81 28.81
CA VAL D 65 11.06 13.46 29.03
C VAL D 65 10.99 13.07 30.52
N TYR D 66 9.86 12.53 30.93
CA TYR D 66 9.72 12.01 32.26
C TYR D 66 9.80 10.50 32.11
N ALA D 67 10.86 9.89 32.63
CA ALA D 67 11.08 8.45 32.45
C ALA D 67 10.68 7.59 33.65
N GLY D 68 9.59 7.95 34.31
CA GLY D 68 9.09 7.18 35.48
C GLY D 68 7.76 6.43 35.43
N ALA D 69 7.32 5.93 34.28
CA ALA D 69 6.07 5.17 34.26
C ALA D 69 6.31 3.82 34.95
N VAL D 70 5.40 3.44 35.85
CA VAL D 70 5.47 2.18 36.56
C VAL D 70 4.14 1.41 36.48
N HIS D 72 0.79 -0.48 36.87
CA HIS D 72 -0.39 -0.14 37.69
C HIS D 72 -0.45 1.29 38.33
N VAL D 73 0.17 2.26 37.64
CA VAL D 73 0.19 3.69 38.00
C VAL D 73 0.12 4.06 39.47
N PRO D 74 1.20 3.77 40.22
CA PRO D 74 1.33 4.16 41.62
C PRO D 74 1.00 5.64 41.77
N ILE D 75 0.19 5.98 42.76
CA ILE D 75 -0.23 7.37 42.95
C ILE D 75 1.03 8.25 43.14
N GLU D 76 2.07 7.67 43.76
CA GLU D 76 3.36 8.35 43.95
C GLU D 76 4.01 8.75 42.59
N SER D 77 3.94 7.86 41.58
CA SER D 77 4.47 8.19 40.24
C SER D 77 3.62 9.28 39.59
N ALA D 78 2.30 9.10 39.71
CA ALA D 78 1.32 10.02 39.16
C ALA D 78 1.60 11.44 39.64
N ARG D 79 1.77 11.59 40.94
CA ARG D 79 2.03 12.92 41.54
C ARG D 79 3.35 13.50 41.06
N ASP D 80 4.38 12.66 41.04
CA ASP D 80 5.68 13.11 40.60
C ASP D 80 5.64 13.61 39.14
N ALA D 81 5.02 12.85 38.21
CA ALA D 81 4.98 13.25 36.79
C ALA D 81 4.17 14.54 36.57
N THR D 82 3.10 14.70 37.34
CA THR D 82 2.27 15.90 37.27
C THR D 82 3.01 17.11 37.79
N ALA D 83 3.93 16.90 38.74
CA ALA D 83 4.77 17.98 39.26
C ALA D 83 5.78 18.35 38.17
N ARG D 84 6.40 17.32 37.59
CA ARG D 84 7.33 17.52 36.46
C ARG D 84 6.63 18.28 35.34
N ALA D 85 5.41 17.83 35.02
CA ALA D 85 4.57 18.47 34.02
C ALA D 85 4.48 19.97 34.35
N ARG D 86 3.94 20.24 35.54
CA ARG D 86 3.75 21.59 36.00
C ARG D 86 5.02 22.42 36.01
N GLU D 87 6.09 21.92 36.62
CA GLU D 87 7.34 22.67 36.66
C GLU D 87 7.88 22.90 35.24
N ALA D 88 7.46 22.06 34.28
CA ALA D 88 7.85 22.20 32.88
C ALA D 88 6.93 23.17 32.09
N GLY D 89 5.77 23.52 32.67
CA GLY D 89 4.78 24.34 31.97
C GLY D 89 4.15 23.51 30.86
N ALA D 90 4.06 22.20 31.09
CA ALA D 90 3.54 21.27 30.08
C ALA D 90 2.06 21.49 29.86
N ASP D 91 1.65 21.67 28.61
CA ASP D 91 0.22 21.85 28.26
C ASP D 91 -0.31 20.68 27.39
N CYS D 92 0.50 19.63 27.33
CA CYS D 92 0.23 18.44 26.54
C CYS D 92 1.19 17.35 26.97
N ALA D 93 0.70 16.12 27.06
CA ALA D 93 1.53 14.94 27.39
C ALA D 93 1.51 13.95 26.23
N VAL D 94 2.69 13.42 25.88
CA VAL D 94 2.84 12.45 24.81
C VAL D 94 3.30 11.17 25.51
N ALA D 95 2.44 10.16 25.53
CA ALA D 95 2.75 8.88 26.19
C ALA D 95 3.32 7.93 25.16
N VAL D 96 4.57 7.49 25.32
CA VAL D 96 5.15 6.56 24.40
C VAL D 96 5.44 5.27 25.18
N GLY D 97 4.68 4.22 24.89
CA GLY D 97 4.82 2.96 25.60
C GLY D 97 3.53 2.15 25.60
N GLY D 98 3.44 1.23 26.56
CA GLY D 98 2.29 0.36 26.70
C GLY D 98 1.33 0.93 27.72
N GLY D 99 0.32 0.13 28.08
CA GLY D 99 -0.71 0.51 29.04
C GLY D 99 -0.21 1.29 30.25
N SER D 100 0.87 0.85 30.85
CA SER D 100 1.43 1.54 32.01
C SER D 100 1.76 3.03 31.71
N THR D 101 2.31 3.31 30.53
CA THR D 101 2.68 4.70 30.19
C THR D 101 1.45 5.54 29.81
N THR D 102 0.54 4.93 29.06
CA THR D 102 -0.76 5.56 28.77
C THR D 102 -1.41 5.88 30.13
N GLY D 103 -1.37 4.91 31.05
CA GLY D 103 -1.93 5.10 32.40
C GLY D 103 -1.39 6.34 33.08
N LEU D 104 -0.07 6.56 32.98
CA LEU D 104 0.55 7.72 33.62
C LEU D 104 0.02 9.01 32.98
N GLY D 105 -0.14 8.96 31.65
CA GLY D 105 -0.67 10.10 30.89
C GLY D 105 -2.07 10.39 31.34
N LYS D 106 -2.88 9.35 31.51
CA LYS D 106 -4.26 9.52 31.95
C LYS D 106 -4.29 10.16 33.33
N ALA D 107 -3.43 9.66 34.23
CA ALA D 107 -3.31 10.22 35.59
C ALA D 107 -3.12 11.75 35.51
N ILE D 108 -2.12 12.19 34.73
CA ILE D 108 -1.85 13.63 34.54
C ILE D 108 -3.05 14.39 33.97
N ALA D 109 -3.66 13.85 32.92
CA ALA D 109 -4.81 14.48 32.27
C ALA D 109 -5.96 14.63 33.25
N LEU D 110 -6.11 13.63 34.11
CA LEU D 110 -7.15 13.65 35.12
C LEU D 110 -6.96 14.84 36.08
N GLU D 111 -5.71 15.16 36.43
CA GLU D 111 -5.46 16.24 37.37
C GLU D 111 -5.37 17.62 36.72
N THR D 112 -4.93 17.66 35.46
CA THR D 112 -4.69 18.92 34.74
C THR D 112 -5.67 19.23 33.60
N GLY D 113 -6.26 18.19 33.00
CA GLY D 113 -7.12 18.36 31.82
C GLY D 113 -6.31 18.67 30.56
N PRO D 115 -4.46 17.80 27.06
CA PRO D 115 -4.62 16.70 26.07
C PRO D 115 -3.49 15.69 26.13
N ILE D 116 -3.78 14.45 25.75
CA ILE D 116 -2.81 13.39 25.68
C ILE D 116 -2.72 12.91 24.24
N VAL D 117 -1.49 12.78 23.71
CA VAL D 117 -1.28 12.13 22.42
C VAL D 117 -0.69 10.78 22.84
N ALA D 118 -1.34 9.69 22.45
CA ALA D 118 -0.90 8.34 22.77
C ALA D 118 -0.15 7.74 21.58
N ILE D 119 1.04 7.21 21.86
CA ILE D 119 1.87 6.51 20.93
C ILE D 119 2.07 5.12 21.54
N PRO D 120 1.09 4.22 21.37
CA PRO D 120 1.16 2.92 22.02
C PRO D 120 2.15 1.95 21.40
N THR D 121 2.82 1.17 22.27
CA THR D 121 3.85 0.21 21.86
C THR D 121 3.59 -1.24 22.29
N THR D 122 2.36 -1.50 22.77
CA THR D 122 1.85 -2.86 23.06
C THR D 122 0.41 -2.96 22.56
N TYR D 123 -0.27 -4.08 22.85
CA TYR D 123 -1.63 -4.26 22.34
C TYR D 123 -2.74 -4.09 23.37
N ALA D 124 -2.36 -3.46 24.50
CA ALA D 124 -3.22 -3.31 25.68
C ALA D 124 -4.53 -2.62 25.38
N GLY D 125 -4.47 -1.62 24.50
CA GLY D 125 -5.65 -0.83 24.09
C GLY D 125 -6.10 0.34 24.94
N SER D 126 -5.33 0.67 25.97
CA SER D 126 -5.76 1.69 26.90
C SER D 126 -6.01 3.03 26.25
N GLU D 127 -5.28 3.26 25.17
CA GLU D 127 -5.28 4.52 24.44
C GLU D 127 -6.64 4.96 23.93
N VAL D 128 -7.61 4.04 23.85
CA VAL D 128 -8.94 4.40 23.38
C VAL D 128 -10.03 4.08 24.43
N THR D 129 -9.65 4.05 25.71
CA THR D 129 -10.63 3.91 26.75
C THR D 129 -10.61 5.14 27.64
N PRO D 130 -11.78 5.54 28.14
CA PRO D 130 -11.87 6.64 29.12
C PRO D 130 -11.67 6.14 30.57
N VAL D 131 -11.10 4.96 30.77
CA VAL D 131 -10.88 4.39 32.10
C VAL D 131 -9.46 4.62 32.58
N TYR D 132 -9.31 4.98 33.85
CA TYR D 132 -7.98 5.18 34.41
C TYR D 132 -7.78 4.34 35.65
N GLY D 133 -6.51 4.08 35.96
CA GLY D 133 -6.13 3.32 37.15
C GLY D 133 -5.10 4.07 37.98
N LEU D 134 -5.21 3.95 39.31
CA LEU D 134 -4.24 4.53 40.25
C LEU D 134 -4.06 3.54 41.38
N THR D 135 -2.81 3.16 41.67
CA THR D 135 -2.53 2.24 42.78
C THR D 135 -2.05 3.04 43.98
N GLU D 136 -2.68 2.78 45.12
CA GLU D 136 -2.31 3.44 46.38
C GLU D 136 -2.46 2.48 47.58
N ALA D 137 -1.41 2.40 48.40
CA ALA D 137 -1.39 1.56 49.59
C ALA D 137 -1.65 0.08 49.27
N GLY D 138 -1.08 -0.39 48.17
CA GLY D 138 -1.18 -1.79 47.76
C GLY D 138 -2.39 -2.18 46.93
N THR D 139 -3.28 -1.23 46.62
CA THR D 139 -4.50 -1.56 45.86
C THR D 139 -4.85 -0.57 44.72
N LYS D 140 -5.35 -1.12 43.60
CA LYS D 140 -5.72 -0.33 42.41
C LYS D 140 -7.19 0.07 42.37
N ARG D 141 -7.44 1.38 42.33
CA ARG D 141 -8.77 1.95 42.15
C ARG D 141 -8.88 2.34 40.67
N THR D 142 -10.06 2.20 40.06
CA THR D 142 -10.27 2.61 38.66
C THR D 142 -11.45 3.59 38.53
N GLY D 143 -11.59 4.25 37.39
CA GLY D 143 -12.69 5.19 37.18
C GLY D 143 -12.82 5.56 35.72
N ARG D 144 -13.98 6.05 35.32
CA ARG D 144 -14.21 6.53 33.96
C ARG D 144 -14.24 8.02 34.03
N ASP D 145 -13.79 8.68 32.97
CA ASP D 145 -13.83 10.13 32.89
C ASP D 145 -13.36 10.49 31.48
N PRO D 146 -14.26 11.03 30.64
CA PRO D 146 -13.93 11.37 29.25
C PRO D 146 -12.78 12.34 29.06
N ARG D 147 -12.24 12.90 30.13
CA ARG D 147 -11.10 13.75 29.94
C ARG D 147 -9.75 12.99 29.96
N VAL D 148 -9.70 11.73 30.39
CA VAL D 148 -8.44 10.95 30.34
C VAL D 148 -8.26 10.26 28.95
N LEU D 149 -9.27 10.38 28.09
CA LEU D 149 -9.23 9.79 26.78
C LEU D 149 -8.25 10.57 25.91
N PRO D 150 -7.27 9.89 25.30
CA PRO D 150 -6.34 10.63 24.43
C PRO D 150 -7.06 11.36 23.28
N ARG D 151 -6.59 12.54 22.90
CA ARG D 151 -7.24 13.27 21.79
C ARG D 151 -6.82 12.69 20.46
N THR D 152 -5.60 12.16 20.41
CA THR D 152 -5.05 11.61 19.19
C THR D 152 -4.23 10.40 19.53
N VAL D 153 -4.39 9.35 18.72
CA VAL D 153 -3.57 8.16 18.85
C VAL D 153 -2.76 8.00 17.60
N ILE D 154 -1.46 7.77 17.77
CA ILE D 154 -0.52 7.55 16.70
C ILE D 154 -0.02 6.11 16.81
N TYR D 155 -0.42 5.29 15.83
CA TYR D 155 -0.05 3.88 15.80
C TYR D 155 1.04 3.69 14.77
N ASP D 156 2.23 3.33 15.25
CA ASP D 156 3.37 3.08 14.38
C ASP D 156 3.95 1.70 14.65
N PRO D 157 3.69 0.72 13.77
CA PRO D 157 4.17 -0.65 13.94
C PRO D 157 5.64 -0.81 14.07
N ALA D 158 6.43 0.09 13.51
CA ALA D 158 7.89 0.02 13.66
C ALA D 158 8.29 0.14 15.13
N LEU D 159 7.51 0.85 15.93
CA LEU D 159 7.79 0.97 17.37
C LEU D 159 7.45 -0.30 18.15
N THR D 160 6.87 -1.29 17.51
CA THR D 160 6.55 -2.55 18.18
C THR D 160 7.46 -3.71 17.71
N VAL D 161 8.37 -3.43 16.81
CA VAL D 161 9.26 -4.47 16.29
C VAL D 161 10.09 -5.09 17.42
N GLY D 162 10.51 -4.27 18.38
CA GLY D 162 11.29 -4.70 19.53
C GLY D 162 10.50 -5.21 20.73
N LEU D 163 9.19 -5.28 20.62
CA LEU D 163 8.37 -5.82 21.72
C LEU D 163 8.82 -7.27 21.75
N PRO D 164 9.27 -7.76 22.91
CA PRO D 164 9.80 -9.11 22.98
C PRO D 164 8.81 -10.21 22.56
N ARG D 165 9.36 -11.38 22.28
CA ARG D 165 8.59 -12.53 21.79
C ARG D 165 7.43 -12.93 22.71
N GLY D 166 7.72 -12.97 24.00
CA GLY D 166 6.76 -13.33 25.00
C GLY D 166 5.61 -12.34 25.09
N LEU D 167 5.93 -11.08 25.33
CA LEU D 167 4.92 -10.06 25.50
C LEU D 167 4.12 -9.80 24.21
N SER D 168 4.75 -9.99 23.04
CA SER D 168 4.03 -9.82 21.79
C SER D 168 2.85 -10.79 21.70
N VAL D 169 3.03 -11.97 22.26
CA VAL D 169 1.99 -12.99 22.25
C VAL D 169 0.99 -12.70 23.36
N THR D 170 1.48 -12.44 24.57
CA THR D 170 0.58 -12.27 25.72
C THR D 170 -0.21 -11.00 25.65
N SER D 171 0.42 -9.92 25.18
CA SER D 171 -0.28 -8.64 25.02
C SER D 171 -1.36 -8.80 23.95
N ALA D 172 -1.04 -9.52 22.88
CA ALA D 172 -2.01 -9.78 21.83
C ALA D 172 -3.25 -10.48 22.38
N LEU D 173 -3.05 -11.45 23.26
CA LEU D 173 -4.17 -12.17 23.87
C LEU D 173 -5.00 -11.28 24.82
N ASN D 174 -4.33 -10.35 25.50
CA ASN D 174 -4.98 -9.38 26.34
C ASN D 174 -5.97 -8.59 25.48
N ALA D 175 -5.57 -8.26 24.25
CA ALA D 175 -6.43 -7.52 23.33
C ALA D 175 -7.62 -8.36 22.91
N ILE D 176 -7.33 -9.59 22.48
CA ILE D 176 -8.37 -10.53 22.11
C ILE D 176 -9.37 -10.68 23.26
N ALA D 177 -8.88 -10.71 24.50
CA ALA D 177 -9.80 -10.84 25.65
C ALA D 177 -10.86 -9.73 25.62
N HIS D 178 -10.49 -8.48 25.32
CA HIS D 178 -11.46 -7.38 25.30
C HIS D 178 -12.51 -7.63 24.27
N ALA D 179 -12.11 -7.98 23.05
CA ALA D 179 -13.07 -8.24 22.01
C ALA D 179 -13.98 -9.45 22.33
N ALA D 180 -13.35 -10.50 22.86
CA ALA D 180 -14.07 -11.72 23.22
C ALA D 180 -15.23 -11.40 24.16
N GLU D 181 -14.96 -10.69 25.25
CA GLU D 181 -16.05 -10.39 26.19
C GLU D 181 -17.02 -9.34 25.63
N GLY D 182 -16.50 -8.46 24.78
CA GLY D 182 -17.33 -7.45 24.17
C GLY D 182 -18.41 -8.08 23.34
N LEU D 183 -18.09 -9.20 22.68
CA LEU D 183 -19.07 -9.89 21.86
C LEU D 183 -20.26 -10.43 22.70
N TYR D 184 -20.09 -10.66 24.00
CA TYR D 184 -21.21 -11.10 24.82
C TYR D 184 -21.59 -10.10 25.90
N ALA D 185 -21.12 -8.85 25.74
CA ALA D 185 -21.43 -7.80 26.70
C ALA D 185 -22.95 -7.58 26.77
N ARG D 186 -23.40 -7.27 27.97
CA ARG D 186 -24.80 -6.96 28.22
C ARG D 186 -25.23 -5.81 27.29
N ASP D 187 -24.33 -4.87 27.07
CA ASP D 187 -24.65 -3.73 26.22
C ASP D 187 -24.03 -3.87 24.83
N ALA D 188 -23.89 -5.11 24.33
CA ALA D 188 -23.34 -5.35 23.00
C ALA D 188 -24.17 -4.64 21.93
N ASN D 189 -23.55 -4.34 20.80
CA ASN D 189 -24.28 -3.75 19.69
C ASN D 189 -23.55 -4.21 18.42
N PRO D 190 -24.23 -4.15 17.27
CA PRO D 190 -23.72 -4.67 15.99
C PRO D 190 -22.42 -4.09 15.51
N VAL D 191 -22.20 -2.81 15.81
CA VAL D 191 -20.99 -2.15 15.32
C VAL D 191 -19.80 -2.57 16.21
N SER D 193 -19.59 -5.26 17.92
CA SER D 193 -19.37 -6.69 17.62
C SER D 193 -18.60 -6.89 16.32
N LEU D 194 -18.96 -6.10 15.33
CA LEU D 194 -18.31 -6.14 14.02
C LEU D 194 -16.81 -5.83 14.20
N ALA D 196 -15.18 -6.04 17.10
CA ALA D 196 -14.62 -7.07 17.97
C ALA D 196 -14.11 -8.24 17.14
N GLU D 197 -14.96 -8.74 16.25
CA GLU D 197 -14.59 -9.89 15.46
C GLU D 197 -13.41 -9.59 14.52
N GLU D 198 -13.39 -8.42 13.91
CA GLU D 198 -12.29 -8.02 13.01
C GLU D 198 -11.02 -7.93 13.80
N GLY D 199 -11.09 -7.32 14.98
CA GLY D 199 -9.95 -7.20 15.87
C GLY D 199 -9.32 -8.54 16.20
N ILE D 200 -10.13 -9.53 16.55
CA ILE D 200 -9.67 -10.87 16.88
C ILE D 200 -9.03 -11.54 15.67
N ARG D 201 -9.69 -11.40 14.53
CA ARG D 201 -9.21 -11.96 13.28
C ARG D 201 -7.81 -11.45 12.93
N ALA D 202 -7.60 -10.15 13.11
CA ALA D 202 -6.31 -9.51 12.83
C ALA D 202 -5.24 -10.04 13.76
N LEU D 203 -5.52 -10.07 15.06
CA LEU D 203 -4.55 -10.56 16.03
C LEU D 203 -4.27 -12.05 15.87
N ALA D 204 -5.31 -12.83 15.65
CA ALA D 204 -5.20 -14.28 15.49
C ALA D 204 -4.27 -14.64 14.35
N ALA D 205 -4.31 -13.86 13.28
CA ALA D 205 -3.41 -14.09 12.17
C ALA D 205 -2.04 -13.43 12.40
N GLY D 206 -2.06 -12.29 13.09
CA GLY D 206 -0.80 -11.60 13.32
C GLY D 206 0.13 -12.24 14.31
N ILE D 207 -0.43 -12.94 15.30
CA ILE D 207 0.35 -13.57 16.32
C ILE D 207 1.39 -14.51 15.74
N PRO D 208 0.94 -15.48 14.89
CA PRO D 208 1.88 -16.41 14.31
C PRO D 208 2.91 -15.77 13.38
N ALA D 209 2.48 -14.70 12.68
CA ALA D 209 3.33 -14.00 11.73
C ALA D 209 4.42 -13.20 12.44
N VAL D 210 4.06 -12.54 13.54
CA VAL D 210 5.02 -11.81 14.38
C VAL D 210 5.96 -12.81 15.04
N PHE D 211 5.44 -13.95 15.46
CA PHE D 211 6.29 -14.98 16.05
C PHE D 211 7.34 -15.47 15.03
N ASN D 212 6.95 -15.59 13.78
CA ASN D 212 7.86 -16.02 12.74
C ASN D 212 8.90 -14.95 12.41
N ASP D 213 8.50 -13.68 12.41
CA ASP D 213 9.42 -12.58 12.09
C ASP D 213 8.99 -11.33 12.83
N PRO D 214 9.59 -11.05 13.98
CA PRO D 214 9.17 -9.87 14.70
C PRO D 214 9.41 -8.54 13.98
N ALA D 215 10.25 -8.54 12.96
CA ALA D 215 10.54 -7.33 12.21
C ALA D 215 9.60 -7.17 11.04
N ASP D 216 8.66 -8.09 10.88
CA ASP D 216 7.73 -8.04 9.76
C ASP D 216 6.69 -6.93 10.02
N LEU D 217 6.84 -5.80 9.32
CA LEU D 217 5.97 -4.64 9.56
C LEU D 217 4.53 -4.83 9.20
N ASP D 218 4.26 -5.65 8.21
CA ASP D 218 2.87 -6.01 7.89
C ASP D 218 2.22 -6.82 9.00
N ALA D 219 2.96 -7.75 9.58
CA ALA D 219 2.45 -8.53 10.68
C ALA D 219 2.27 -7.65 11.94
N ARG D 220 3.26 -6.82 12.25
CA ARG D 220 3.13 -5.88 13.34
C ARG D 220 1.98 -4.92 13.09
N SER D 221 1.75 -4.53 11.84
CA SER D 221 0.63 -3.61 11.53
C SER D 221 -0.69 -4.29 11.83
N GLN D 222 -0.77 -5.56 11.41
CA GLN D 222 -1.99 -6.35 11.60
C GLN D 222 -2.37 -6.43 13.10
N CYS D 223 -1.36 -6.68 13.93
CA CYS D 223 -1.58 -6.77 15.35
C CYS D 223 -1.98 -5.46 15.95
N LEU D 224 -1.32 -4.40 15.52
CA LEU D 224 -1.57 -3.12 16.13
C LEU D 224 -2.98 -2.64 15.73
N TYR D 225 -3.38 -2.91 14.49
CA TYR D 225 -4.74 -2.62 14.03
C TYR D 225 -5.76 -3.38 14.87
N GLY D 226 -5.49 -4.66 15.08
CA GLY D 226 -6.34 -5.50 15.89
C GLY D 226 -6.44 -4.94 17.29
N ALA D 227 -5.31 -4.49 17.84
CA ALA D 227 -5.29 -3.97 19.22
C ALA D 227 -6.15 -2.73 19.32
N TRP D 228 -6.09 -1.91 18.29
CA TRP D 228 -6.89 -0.70 18.21
C TRP D 228 -8.39 -1.00 18.29
N LEU D 229 -8.83 -1.91 17.45
CA LEU D 229 -10.20 -2.34 17.37
C LEU D 229 -10.68 -2.98 18.69
N CYS D 230 -9.87 -3.87 19.26
CA CYS D 230 -10.17 -4.49 20.55
C CYS D 230 -10.24 -3.42 21.65
N GLY D 231 -9.36 -2.42 21.56
CA GLY D 231 -9.40 -1.36 22.54
C GLY D 231 -10.66 -0.52 22.44
N THR D 232 -11.14 -0.35 21.21
CA THR D 232 -12.34 0.43 20.97
C THR D 232 -13.56 -0.28 21.58
N VAL D 233 -13.52 -1.62 21.55
CA VAL D 233 -14.57 -2.44 22.14
C VAL D 233 -14.52 -2.30 23.68
N LEU D 234 -13.32 -2.41 24.25
CA LEU D 234 -13.10 -2.23 25.69
C LEU D 234 -13.65 -0.87 26.13
N GLY D 235 -13.45 0.14 25.30
CA GLY D 235 -13.92 1.49 25.60
C GLY D 235 -15.42 1.75 25.43
N GLY D 236 -16.11 0.87 24.72
CA GLY D 236 -17.50 1.08 24.39
C GLY D 236 -18.52 0.14 25.01
N VAL D 237 -18.14 -1.07 25.44
CA VAL D 237 -19.10 -1.99 26.05
C VAL D 237 -18.48 -2.60 27.32
N GLY D 238 -19.34 -3.18 28.14
CA GLY D 238 -18.94 -3.69 29.41
C GLY D 238 -18.27 -5.04 29.33
N ALA D 240 -16.62 -8.56 31.50
CA ALA D 240 -17.27 -9.42 32.50
C ALA D 240 -16.27 -10.33 33.27
N LEU D 241 -16.60 -11.61 33.40
CA LEU D 241 -15.82 -12.53 34.25
C LEU D 241 -14.33 -12.51 33.99
N HIS D 242 -13.93 -12.64 32.74
CA HIS D 242 -12.52 -12.64 32.41
C HIS D 242 -11.77 -11.44 32.97
N HIS D 243 -12.30 -10.26 32.74
CA HIS D 243 -11.64 -9.05 33.21
C HIS D 243 -11.68 -8.90 34.72
N LYS D 244 -12.75 -9.35 35.35
CA LYS D 244 -12.79 -9.30 36.81
C LYS D 244 -11.75 -10.29 37.37
N LEU D 245 -11.67 -11.52 36.85
CA LEU D 245 -10.68 -12.47 37.37
C LEU D 245 -9.28 -11.93 37.22
N CYS D 246 -9.02 -11.32 36.08
CA CYS D 246 -7.67 -10.81 35.84
C CYS D 246 -7.33 -9.65 36.78
N HIS D 247 -8.31 -8.81 37.07
CA HIS D 247 -8.09 -7.71 38.01
C HIS D 247 -7.80 -8.26 39.40
N THR D 248 -8.54 -9.29 39.81
CA THR D 248 -8.31 -9.92 41.10
C THR D 248 -6.90 -10.53 41.18
N LEU D 249 -6.54 -11.29 40.15
CA LEU D 249 -5.27 -11.98 40.17
C LEU D 249 -4.07 -11.02 40.14
N GLY D 250 -4.16 -9.99 39.30
CA GLY D 250 -3.15 -8.96 39.19
C GLY D 250 -3.10 -8.12 40.45
N GLY D 251 -4.27 -7.70 40.93
CA GLY D 251 -4.36 -6.83 42.07
C GLY D 251 -4.08 -7.50 43.41
N SER D 252 -4.76 -8.59 43.69
CA SER D 252 -4.58 -9.26 44.98
C SER D 252 -3.36 -10.15 45.08
N PHE D 253 -2.86 -10.71 43.99
CA PHE D 253 -1.72 -11.62 44.10
C PHE D 253 -0.49 -11.21 43.29
N ASN D 254 -0.49 -9.97 42.80
CA ASN D 254 0.64 -9.41 42.06
CA ASN D 254 0.64 -9.40 42.05
C ASN D 254 1.13 -10.29 40.90
N LEU D 255 0.19 -10.79 40.11
CA LEU D 255 0.54 -11.60 38.97
C LEU D 255 0.75 -10.66 37.79
N PRO D 256 1.68 -10.99 36.90
CA PRO D 256 1.91 -10.12 35.77
C PRO D 256 0.70 -10.03 34.85
N HIS D 257 0.43 -8.81 34.40
CA HIS D 257 -0.79 -8.48 33.67
C HIS D 257 -1.07 -9.24 32.36
N ALA D 258 -0.26 -9.01 31.34
CA ALA D 258 -0.52 -9.62 30.04
C ALA D 258 -0.57 -11.13 30.14
N GLU D 259 0.33 -11.72 30.94
CA GLU D 259 0.40 -13.18 31.10
C GLU D 259 -0.83 -13.76 31.79
N THR D 260 -1.34 -13.03 32.78
CA THR D 260 -2.54 -13.45 33.49
C THR D 260 -3.69 -13.55 32.52
N HIS D 261 -3.86 -12.54 31.69
CA HIS D 261 -4.88 -12.52 30.73
C HIS D 261 -4.80 -13.71 29.79
N THR D 262 -3.60 -14.06 29.37
CA THR D 262 -3.37 -15.15 28.43
C THR D 262 -3.77 -16.49 28.99
N ILE D 263 -3.39 -16.67 30.23
CA ILE D 263 -3.63 -17.90 30.94
C ILE D 263 -5.11 -18.09 31.27
N VAL D 264 -5.77 -17.03 31.73
CA VAL D 264 -7.15 -17.09 32.21
C VAL D 264 -8.21 -17.11 31.11
N LEU D 265 -7.95 -16.42 30.02
CA LEU D 265 -8.93 -16.29 28.94
C LEU D 265 -9.59 -17.57 28.49
N PRO D 266 -8.82 -18.61 28.14
CA PRO D 266 -9.54 -19.82 27.68
C PRO D 266 -10.51 -20.40 28.74
N HIS D 267 -10.13 -20.31 30.01
CA HIS D 267 -10.99 -20.87 31.06
C HIS D 267 -12.21 -20.01 31.39
N ALA D 268 -12.06 -18.69 31.28
CA ALA D 268 -13.16 -17.79 31.50
C ALA D 268 -14.13 -18.00 30.36
N LEU D 269 -13.63 -18.10 29.13
CA LEU D 269 -14.52 -18.34 27.99
C LEU D 269 -15.22 -19.69 28.15
N ALA D 270 -14.51 -20.70 28.62
CA ALA D 270 -15.11 -22.02 28.81
C ALA D 270 -16.30 -21.94 29.77
N TYR D 271 -16.18 -21.08 30.78
CA TYR D 271 -17.18 -20.92 31.81
C TYR D 271 -18.47 -20.33 31.20
N ASN D 272 -18.31 -19.36 30.32
CA ASN D 272 -19.45 -18.70 29.71
C ASN D 272 -19.93 -19.30 28.42
N ALA D 273 -19.16 -20.20 27.82
CA ALA D 273 -19.43 -20.63 26.42
C ALA D 273 -20.85 -21.09 26.14
N ALA D 274 -21.34 -21.98 26.97
CA ALA D 274 -22.68 -22.54 26.75
C ALA D 274 -23.78 -21.47 26.73
N ALA D 275 -23.56 -20.40 27.49
CA ALA D 275 -24.53 -19.35 27.61
C ALA D 275 -24.55 -18.39 26.43
N VAL D 276 -23.46 -18.29 25.68
CA VAL D 276 -23.34 -17.28 24.60
C VAL D 276 -22.76 -17.84 23.29
N PRO D 277 -23.49 -18.76 22.68
CA PRO D 277 -23.08 -19.46 21.47
C PRO D 277 -22.85 -18.55 20.26
N GLU D 278 -23.66 -17.53 20.10
CA GLU D 278 -23.43 -16.63 18.99
C GLU D 278 -22.06 -15.97 19.10
N ALA D 279 -21.76 -15.42 20.28
CA ALA D 279 -20.47 -14.79 20.54
C ALA D 279 -19.34 -15.81 20.32
N ALA D 281 -19.36 -18.51 18.47
CA ALA D 281 -19.26 -18.77 17.01
C ALA D 281 -18.45 -17.68 16.31
N ARG D 282 -18.62 -16.44 16.75
CA ARG D 282 -17.87 -15.36 16.13
C ARG D 282 -16.40 -15.43 16.48
N ILE D 283 -16.08 -15.81 17.73
CA ILE D 283 -14.71 -15.94 18.18
C ILE D 283 -14.07 -17.08 17.40
N ARG D 284 -14.81 -18.18 17.23
CA ARG D 284 -14.29 -19.33 16.48
C ARG D 284 -13.95 -18.97 15.05
N ARG D 285 -14.90 -18.31 14.40
CA ARG D 285 -14.70 -17.85 13.05
C ARG D 285 -13.46 -16.95 12.91
N ALA D 286 -13.28 -16.00 13.81
CA ALA D 286 -12.17 -15.10 13.74
C ALA D 286 -10.85 -15.81 14.04
N THR D 287 -10.87 -16.82 14.92
CA THR D 287 -9.63 -17.51 15.29
C THR D 287 -9.34 -18.73 14.40
N GLY D 288 -10.18 -19.00 13.40
CA GLY D 288 -9.99 -20.19 12.56
C GLY D 288 -10.11 -21.45 13.41
N ALA D 289 -10.99 -21.48 14.39
CA ALA D 289 -11.13 -22.65 15.27
C ALA D 289 -11.63 -23.94 14.57
N GLY D 290 -12.39 -23.81 13.49
CA GLY D 290 -12.94 -24.98 12.84
C GLY D 290 -13.96 -25.61 13.79
N GLU D 291 -13.80 -26.89 14.06
CA GLU D 291 -14.66 -27.63 14.97
C GLU D 291 -14.15 -27.51 16.41
N GLN D 292 -12.99 -26.89 16.65
CA GLN D 292 -12.51 -26.72 18.02
C GLN D 292 -13.29 -25.63 18.74
N SER D 293 -13.37 -25.74 20.05
CA SER D 293 -13.96 -24.70 20.87
C SER D 293 -13.10 -23.42 20.78
N ALA D 294 -13.73 -22.28 21.05
CA ALA D 294 -13.00 -21.03 21.14
C ALA D 294 -11.93 -21.13 22.24
N ALA D 295 -12.29 -21.71 23.36
CA ALA D 295 -11.40 -21.87 24.50
C ALA D 295 -10.13 -22.66 24.18
N ALA D 296 -10.29 -23.84 23.60
CA ALA D 296 -9.18 -24.70 23.27
C ALA D 296 -8.30 -24.04 22.20
N THR D 297 -8.91 -23.28 21.29
CA THR D 297 -8.20 -22.61 20.20
C THR D 297 -7.33 -21.48 20.73
N LEU D 298 -7.87 -20.68 21.65
CA LEU D 298 -7.11 -19.60 22.28
C LEU D 298 -5.98 -20.11 23.15
N PHE D 299 -6.21 -21.23 23.83
CA PHE D 299 -5.18 -21.89 24.64
C PHE D 299 -4.01 -22.28 23.76
N ASP D 300 -4.31 -23.01 22.69
CA ASP D 300 -3.31 -23.38 21.68
C ASP D 300 -2.57 -22.17 21.11
N LEU D 301 -3.28 -21.08 20.83
CA LEU D 301 -2.65 -19.86 20.29
C LEU D 301 -1.55 -19.35 21.23
N ALA D 302 -1.81 -19.40 22.53
CA ALA D 302 -0.81 -19.05 23.54
C ALA D 302 0.30 -20.11 23.58
N GLN D 303 -0.09 -21.34 23.83
CA GLN D 303 0.89 -22.39 24.01
C GLN D 303 1.85 -22.56 22.83
N ARG D 304 1.31 -22.56 21.64
CA ARG D 304 2.09 -22.75 20.43
C ARG D 304 3.18 -21.70 20.26
N HIS D 305 2.96 -20.52 20.84
CA HIS D 305 3.90 -19.42 20.67
C HIS D 305 4.69 -19.12 21.92
N GLY D 306 4.77 -20.12 22.79
CA GLY D 306 5.63 -20.04 23.95
C GLY D 306 5.15 -19.25 25.13
N ALA D 307 3.93 -18.75 25.08
CA ALA D 307 3.37 -18.01 26.20
C ALA D 307 3.03 -19.01 27.32
N PRO D 308 3.15 -18.60 28.59
CA PRO D 308 2.77 -19.48 29.69
C PRO D 308 1.27 -19.76 29.66
N VAL D 309 0.88 -20.94 30.12
CA VAL D 309 -0.53 -21.31 30.14
C VAL D 309 -1.01 -21.77 31.50
N ALA D 310 -0.16 -21.65 32.53
CA ALA D 310 -0.48 -22.08 33.90
C ALA D 310 -0.13 -20.98 34.91
N LEU D 311 -1.07 -20.58 35.73
CA LEU D 311 -0.79 -19.55 36.70
C LEU D 311 0.40 -19.92 37.59
N ARG D 312 0.63 -21.21 37.81
CA ARG D 312 1.75 -21.58 38.67
C ARG D 312 3.11 -21.26 38.05
N ASP D 313 3.17 -21.02 36.74
CA ASP D 313 4.43 -20.62 36.13
C ASP D 313 4.64 -19.12 36.15
N ILE D 314 3.70 -18.35 36.71
CA ILE D 314 3.89 -16.91 36.80
C ILE D 314 3.75 -16.34 38.22
N GLY D 315 3.88 -17.20 39.22
CA GLY D 315 3.92 -16.76 40.60
C GLY D 315 2.78 -17.09 41.50
N ARG D 317 0.46 -19.17 43.90
CA ARG D 317 0.59 -20.30 44.83
C ARG D 317 -0.76 -21.01 44.90
N GLU D 318 -0.76 -22.33 44.79
CA GLU D 318 -2.00 -23.13 44.83
C GLU D 318 -2.81 -22.79 46.08
N GLU D 319 -2.11 -22.52 47.18
CA GLU D 319 -2.75 -22.23 48.47
C GLU D 319 -3.64 -21.02 48.45
N ASP D 320 -3.33 -20.06 47.58
CA ASP D 320 -4.08 -18.81 47.44
C ASP D 320 -5.30 -18.88 46.52
N LEU D 321 -5.52 -20.00 45.86
CA LEU D 321 -6.62 -20.09 44.91
C LEU D 321 -7.97 -19.93 45.59
N ASP D 322 -8.11 -20.42 46.81
CA ASP D 322 -9.38 -20.26 47.55
C ASP D 322 -9.66 -18.79 47.82
N ARG D 323 -8.66 -18.03 48.27
CA ARG D 323 -8.88 -16.61 48.53
C ARG D 323 -9.17 -15.87 47.20
N ALA D 324 -8.52 -16.30 46.11
CA ALA D 324 -8.73 -15.69 44.80
C ALA D 324 -10.19 -15.86 44.35
N ALA D 325 -10.76 -17.06 44.51
CA ALA D 325 -12.17 -17.33 44.22
C ALA D 325 -13.07 -16.45 45.09
N ASP D 326 -12.71 -16.31 46.36
CA ASP D 326 -13.48 -15.47 47.29
C ASP D 326 -13.51 -14.04 46.84
N ILE D 327 -12.34 -13.49 46.59
CA ILE D 327 -12.22 -12.09 46.13
C ILE D 327 -12.99 -11.87 44.81
N ALA D 328 -12.89 -12.81 43.89
CA ALA D 328 -13.53 -12.72 42.60
C ALA D 328 -15.07 -12.57 42.73
N LEU D 329 -15.65 -13.24 43.71
CA LEU D 329 -17.10 -13.20 43.91
C LEU D 329 -17.58 -12.12 44.90
N ALA D 330 -16.68 -11.28 45.36
CA ALA D 330 -17.02 -10.34 46.43
C ALA D 330 -17.90 -9.21 46.01
N SER D 331 -17.84 -8.88 44.74
CA SER D 331 -18.57 -7.79 44.17
C SER D 331 -19.36 -8.23 42.94
N PRO D 332 -20.61 -7.76 42.80
CA PRO D 332 -21.46 -8.22 41.72
C PRO D 332 -21.33 -7.40 40.44
N TYR D 333 -21.54 -8.06 39.31
CA TYR D 333 -21.56 -7.44 38.00
C TYR D 333 -22.22 -8.46 37.06
N TRP D 334 -22.75 -7.99 35.95
CA TRP D 334 -23.38 -8.87 35.01
C TRP D 334 -22.41 -9.76 34.26
N ASN D 335 -22.75 -11.03 34.23
CA ASN D 335 -21.98 -12.04 33.50
C ASN D 335 -23.00 -13.00 32.87
N PRO D 336 -22.75 -13.46 31.64
CA PRO D 336 -23.79 -14.30 30.98
C PRO D 336 -24.22 -15.50 31.79
N ARG D 337 -23.29 -16.28 32.29
CA ARG D 337 -23.63 -17.40 33.16
C ARG D 337 -23.46 -16.91 34.58
N PRO D 338 -24.47 -17.11 35.43
CA PRO D 338 -24.33 -16.68 36.83
C PRO D 338 -23.04 -17.21 37.48
N ILE D 339 -22.44 -16.37 38.30
CA ILE D 339 -21.17 -16.65 38.94
C ILE D 339 -21.39 -17.44 40.23
N GLU D 340 -20.77 -18.62 40.29
CA GLU D 340 -20.91 -19.53 41.42
C GLU D 340 -19.52 -19.98 41.88
N ARG D 341 -19.32 -20.04 43.19
CA ARG D 341 -17.99 -20.35 43.71
C ARG D 341 -17.39 -21.67 43.26
N GLU D 342 -18.15 -22.74 43.38
CA GLU D 342 -17.57 -24.03 43.02
C GLU D 342 -16.96 -24.09 41.61
N PRO D 343 -17.73 -23.75 40.58
CA PRO D 343 -17.13 -23.84 39.26
C PRO D 343 -16.06 -22.76 38.99
N ILE D 344 -16.16 -21.60 39.65
CA ILE D 344 -15.11 -20.57 39.52
C ILE D 344 -13.80 -21.09 40.14
N ARG D 345 -13.89 -21.77 41.28
CA ARG D 345 -12.72 -22.36 41.92
C ARG D 345 -12.14 -23.49 41.05
N ALA D 346 -12.99 -24.25 40.37
CA ALA D 346 -12.55 -25.27 39.38
C ALA D 346 -11.89 -24.57 38.16
N LEU D 347 -12.47 -23.46 37.70
CA LEU D 347 -11.85 -22.64 36.64
C LEU D 347 -10.41 -22.27 37.06
N LEU D 348 -10.28 -21.71 38.26
CA LEU D 348 -8.97 -21.31 38.81
C LEU D 348 -7.99 -22.46 38.93
N GLN D 349 -8.45 -23.64 39.31
CA GLN D 349 -7.58 -24.81 39.36
C GLN D 349 -7.08 -25.19 37.95
N ALA D 350 -7.97 -25.13 36.96
CA ALA D 350 -7.58 -25.48 35.58
C ALA D 350 -6.60 -24.45 35.05
N ALA D 351 -6.82 -23.17 35.37
CA ALA D 351 -5.89 -22.09 34.99
C ALA D 351 -4.55 -22.20 35.74
N TYR D 352 -4.60 -22.64 36.98
CA TYR D 352 -3.37 -22.79 37.78
C TYR D 352 -2.45 -23.90 37.20
N GLU D 353 -3.07 -25.01 36.80
CA GLU D 353 -2.37 -26.16 36.26
C GLU D 353 -2.06 -26.12 34.78
N GLY D 354 -2.74 -25.23 34.05
CA GLY D 354 -2.56 -25.17 32.59
C GLY D 354 -3.24 -26.32 31.85
N VAL D 355 -4.43 -26.74 32.31
CA VAL D 355 -5.19 -27.79 31.68
C VAL D 355 -5.84 -27.21 30.43
N ARG D 356 -5.54 -27.77 29.27
CA ARG D 356 -6.11 -27.34 28.02
C ARG D 356 -7.63 -27.60 28.04
N PRO D 357 -8.44 -26.57 27.79
CA PRO D 357 -9.89 -26.82 27.74
C PRO D 357 -10.30 -27.79 26.63
N ASP D 358 -11.42 -28.47 26.83
CA ASP D 358 -11.98 -29.31 25.78
C ASP D 358 -12.30 -28.42 24.55
#